data_4RF8
#
_entry.id   4RF8
#
_cell.length_a   79.481
_cell.length_b   59.274
_cell.length_c   163.706
_cell.angle_alpha   90.00
_cell.angle_beta   90.75
_cell.angle_gamma   90.00
#
_symmetry.space_group_name_H-M   'P 1 21 1'
#
loop_
_entity.id
_entity.type
_entity.pdbx_description
1 polymer 'Arginine kinase'
2 non-polymer "ADENOSINE-5'-DIPHOSPHATE"
3 non-polymer 'NITRATE ION'
4 non-polymer '4-(2-HYDROXYETHYL)-1-PIPERAZINE ETHANESULFONIC ACID'
5 water water
#
_entity_poly.entity_id   1
_entity_poly.type   'polypeptide(L)'
_entity_poly.pdbx_seq_one_letter_code
;GPHMADPETAAKFKSKNAFPDPLNDPKCNPKSLVKKYLTPKVFESLKNKKTKLGITLWDCINSGVVNLDSGVGVYAGDEE
SYTLFGPLFDAIIEDYHSPYKLATGHNSDMNPAHVKAPDLDPANRYIRSTRIRVARSLKGYGLAPGVTKAHRLEIEKKVV
GVLTSLTGDLAGKYYPLSGMDEKTRQQLVDDHFLFKKGDRFLEAAGINKEWPEGRGIYHNNDKTFLVWLNEEDHLRIISM
EKGSDIGSVFSRLCRAVNEIDKKLGFQHTKKHGYLTSCPSNLGTGMRASVHVKIPHAKEHPDFENILTKYHIQARGIHGE
HSESTGEDAGVYDISNRRRLGLSEVQCVQDMYDGVKALMELEKEAIAKKRSVFPEVLKNPEVKSLLRKYLTPELFDSLKD
KKTAKGISLYDCINSGVENLDSSCGVYAGDEECYTLFAPLFDKIVEDYHSPYKLANKHTSDMNPEKVDAPNLDPEGTYIR
STRIRVARNVKGYALTPGLTRNERLDIERKVVGVLSSLTGDLAGQYYPLTGMDEATRQKLVNDHFLFKKGDRFLEAAGVN
KLWPEGRGIFHNNDKTFLVWINEEDQLRIISMEKGSDIGSVFGRLCRAVNEIDKQLGFQHTDAHGYLSGCPTNLGTGMRA
SVHVKIPKASAHPDFQKICDEFHIQARGIHGEHSVSTGEDAGVFDISNRRRLGLSEVQCVQDMYNGVKKLLEIEKSTK
;
_entity_poly.pdbx_strand_id   A,B
#
# COMPACT_ATOMS: atom_id res chain seq x y z
N ASP A 6 54.85 56.43 -25.85
CA ASP A 6 55.28 57.70 -26.41
C ASP A 6 54.89 57.85 -27.87
N PRO A 7 53.60 58.08 -28.14
CA PRO A 7 53.08 58.22 -29.50
C PRO A 7 53.60 59.49 -30.16
N GLU A 8 53.70 60.56 -29.37
CA GLU A 8 54.12 61.86 -29.89
C GLU A 8 55.58 61.86 -30.36
N THR A 9 56.45 61.15 -29.65
CA THR A 9 57.85 61.02 -30.01
C THR A 9 58.01 60.27 -31.34
N ALA A 10 57.40 59.09 -31.42
CA ALA A 10 57.50 58.25 -32.60
C ALA A 10 57.01 58.94 -33.87
N ALA A 11 55.99 59.79 -33.72
CA ALA A 11 55.45 60.55 -34.84
C ALA A 11 56.47 61.50 -35.46
N LYS A 12 57.31 62.09 -34.60
CA LYS A 12 58.35 63.00 -35.06
C LYS A 12 59.35 62.28 -35.97
N PHE A 13 59.73 61.06 -35.59
CA PHE A 13 60.62 60.24 -36.41
C PHE A 13 59.91 59.75 -37.67
N LYS A 14 58.64 59.39 -37.51
CA LYS A 14 57.83 58.89 -38.62
C LYS A 14 57.58 60.00 -39.66
N SER A 15 57.46 61.23 -39.19
CA SER A 15 57.20 62.37 -40.06
C SER A 15 58.45 62.72 -40.88
N LYS A 16 59.62 62.36 -40.36
CA LYS A 16 60.87 62.57 -41.08
C LYS A 16 61.24 61.35 -41.90
N ASN A 17 60.47 60.27 -41.72
CA ASN A 17 60.84 58.95 -42.23
C ASN A 17 62.27 58.62 -41.81
N ALA A 18 62.56 58.84 -40.53
CA ALA A 18 63.90 58.64 -39.99
C ALA A 18 63.95 57.40 -39.11
N PHE A 19 65.15 56.89 -38.86
CA PHE A 19 65.33 55.70 -38.02
C PHE A 19 64.77 55.95 -36.63
N PRO A 20 63.94 55.02 -36.15
CA PRO A 20 63.32 55.15 -34.83
C PRO A 20 64.33 54.98 -33.70
N ASP A 21 65.00 56.08 -33.34
CA ASP A 21 65.90 56.10 -32.19
C ASP A 21 65.35 55.55 -30.85
N PRO A 22 64.04 55.76 -30.55
CA PRO A 22 63.53 55.22 -29.28
C PRO A 22 63.69 53.71 -29.09
N LEU A 23 64.04 52.98 -30.14
CA LEU A 23 64.34 51.54 -30.01
C LEU A 23 65.62 51.33 -29.22
N ASN A 24 66.58 52.24 -29.40
CA ASN A 24 67.84 52.21 -28.66
C ASN A 24 67.61 52.36 -27.16
N ASP A 25 67.23 51.25 -26.54
CA ASP A 25 66.73 51.12 -25.17
C ASP A 25 66.89 52.29 -24.19
N PRO A 26 65.90 53.20 -24.20
CA PRO A 26 65.74 54.08 -23.05
C PRO A 26 65.17 53.20 -21.95
N LYS A 27 64.16 52.42 -22.35
CA LYS A 27 63.46 51.49 -21.48
C LYS A 27 62.84 50.40 -22.35
N CYS A 28 63.39 50.24 -23.55
CA CYS A 28 62.87 49.29 -24.52
C CYS A 28 63.09 47.85 -24.09
N ASN A 29 62.16 46.97 -24.45
CA ASN A 29 62.25 45.55 -24.13
C ASN A 29 63.46 44.91 -24.80
N PRO A 30 64.32 44.25 -24.02
CA PRO A 30 65.48 43.54 -24.56
C PRO A 30 65.07 42.48 -25.59
N LYS A 31 63.95 41.79 -25.33
CA LYS A 31 63.49 40.71 -26.19
C LYS A 31 62.75 41.21 -27.42
N SER A 32 62.46 42.51 -27.46
CA SER A 32 61.74 43.13 -28.58
C SER A 32 62.34 42.76 -29.93
N LEU A 33 61.57 42.02 -30.73
CA LEU A 33 62.05 41.49 -31.99
C LEU A 33 62.25 42.56 -33.06
N VAL A 34 61.48 43.63 -32.99
CA VAL A 34 61.67 44.74 -33.92
C VAL A 34 62.95 45.50 -33.58
N LYS A 35 63.29 45.58 -32.30
CA LYS A 35 64.54 46.20 -31.89
C LYS A 35 65.71 45.33 -32.36
N LYS A 36 65.53 44.02 -32.25
CA LYS A 36 66.57 43.07 -32.62
C LYS A 36 66.89 43.06 -34.11
N TYR A 37 65.86 43.21 -34.94
CA TYR A 37 66.02 43.03 -36.39
C TYR A 37 65.86 44.30 -37.25
N LEU A 38 65.33 45.37 -36.67
CA LEU A 38 65.31 46.64 -37.42
C LEU A 38 66.59 47.43 -37.15
N THR A 39 67.58 47.22 -38.01
CA THR A 39 68.86 47.91 -37.91
C THR A 39 68.89 49.07 -38.92
N PRO A 40 69.78 50.05 -38.69
CA PRO A 40 69.97 51.19 -39.60
C PRO A 40 69.98 50.80 -41.07
N LYS A 41 70.69 49.75 -41.42
CA LYS A 41 70.79 49.30 -42.81
C LYS A 41 69.49 48.68 -43.34
N VAL A 42 68.77 47.95 -42.48
CA VAL A 42 67.45 47.44 -42.83
C VAL A 42 66.49 48.61 -43.10
N PHE A 43 66.52 49.60 -42.22
CA PHE A 43 65.67 50.78 -42.36
C PHE A 43 66.00 51.51 -43.65
N GLU A 44 67.28 51.82 -43.84
CA GLU A 44 67.74 52.50 -45.06
C GLU A 44 67.32 51.75 -46.34
N SER A 45 67.37 50.43 -46.29
CA SER A 45 67.09 49.60 -47.45
C SER A 45 65.60 49.53 -47.84
N LEU A 46 64.71 49.82 -46.89
CA LEU A 46 63.29 49.58 -47.09
C LEU A 46 62.39 50.81 -46.85
N LYS A 47 62.97 51.89 -46.34
CA LYS A 47 62.18 53.03 -45.88
C LYS A 47 61.42 53.80 -46.97
N ASN A 48 61.77 53.56 -48.23
CA ASN A 48 61.12 54.25 -49.35
C ASN A 48 60.19 53.33 -50.13
N LYS A 49 60.13 52.07 -49.72
CA LYS A 49 59.26 51.10 -50.38
C LYS A 49 57.83 51.20 -49.85
N LYS A 50 56.86 51.00 -50.74
CA LYS A 50 55.46 51.11 -50.39
C LYS A 50 54.68 50.01 -51.13
N THR A 51 53.69 49.42 -50.45
CA THR A 51 52.84 48.41 -51.09
C THR A 51 51.81 49.09 -51.97
N LYS A 52 51.10 48.29 -52.77
CA LYS A 52 50.01 48.80 -53.61
C LYS A 52 48.96 49.55 -52.78
N LEU A 53 48.79 49.13 -51.53
CA LEU A 53 47.86 49.78 -50.62
C LEU A 53 48.51 50.97 -49.91
N GLY A 54 49.78 51.22 -50.21
CA GLY A 54 50.49 52.35 -49.63
C GLY A 54 51.06 52.11 -48.25
N ILE A 55 51.20 50.84 -47.87
CA ILE A 55 51.80 50.49 -46.60
C ILE A 55 53.30 50.69 -46.65
N THR A 56 53.84 51.40 -45.65
CA THR A 56 55.28 51.64 -45.56
C THR A 56 55.89 50.84 -44.41
N LEU A 57 57.21 50.88 -44.32
CA LEU A 57 57.93 50.21 -43.24
C LEU A 57 57.54 50.84 -41.90
N TRP A 58 57.47 52.17 -41.88
CA TRP A 58 57.09 52.89 -40.67
C TRP A 58 55.67 52.56 -40.22
N ASP A 59 54.79 52.28 -41.18
CA ASP A 59 53.44 51.82 -40.86
C ASP A 59 53.50 50.50 -40.09
N CYS A 60 54.37 49.60 -40.55
CA CYS A 60 54.46 48.26 -39.97
C CYS A 60 55.14 48.23 -38.59
N ILE A 61 56.12 49.10 -38.38
CA ILE A 61 56.91 49.09 -37.15
C ILE A 61 56.39 50.02 -36.07
N ASN A 62 55.42 50.87 -36.41
CA ASN A 62 55.00 51.96 -35.53
C ASN A 62 54.60 51.54 -34.11
N SER A 63 53.83 50.46 -34.00
CA SER A 63 53.38 49.98 -32.70
C SER A 63 54.57 49.59 -31.80
N GLY A 64 55.60 49.04 -32.43
CA GLY A 64 56.80 48.62 -31.69
C GLY A 64 57.68 49.78 -31.26
N VAL A 65 57.56 50.90 -31.97
CA VAL A 65 58.29 52.10 -31.61
C VAL A 65 57.49 52.91 -30.58
N VAL A 66 56.18 53.00 -30.79
CA VAL A 66 55.28 53.66 -29.86
C VAL A 66 55.25 52.91 -28.52
N ASN A 67 55.00 51.61 -28.58
CA ASN A 67 55.00 50.77 -27.39
C ASN A 67 56.31 50.01 -27.22
N LEU A 68 57.24 50.58 -26.47
CA LEU A 68 58.59 50.03 -26.35
C LEU A 68 58.67 48.77 -25.48
N ASP A 69 57.56 48.43 -24.85
CA ASP A 69 57.48 47.19 -24.07
C ASP A 69 57.02 46.02 -24.95
N SER A 70 56.89 46.29 -26.25
CA SER A 70 56.43 45.29 -27.21
C SER A 70 57.33 44.06 -27.26
N GLY A 71 56.71 42.89 -27.32
CA GLY A 71 57.44 41.65 -27.49
C GLY A 71 57.82 41.43 -28.94
N VAL A 72 56.87 41.71 -29.83
CA VAL A 72 57.10 41.57 -31.27
C VAL A 72 57.30 42.94 -31.94
N GLY A 73 56.28 43.79 -31.88
CA GLY A 73 56.43 45.16 -32.30
C GLY A 73 56.22 45.50 -33.77
N VAL A 74 55.73 44.54 -34.55
CA VAL A 74 55.39 44.81 -35.95
C VAL A 74 54.01 44.28 -36.31
N TYR A 75 53.37 44.95 -37.27
CA TYR A 75 52.12 44.49 -37.83
C TYR A 75 52.19 44.63 -39.35
N ALA A 76 51.71 43.62 -40.07
CA ALA A 76 51.70 43.69 -41.53
C ALA A 76 50.44 44.39 -42.01
N GLY A 77 50.59 45.28 -42.99
CA GLY A 77 49.46 46.03 -43.52
C GLY A 77 48.69 45.24 -44.57
N ASP A 78 49.39 44.34 -45.23
CA ASP A 78 48.80 43.48 -46.26
C ASP A 78 49.72 42.30 -46.54
N GLU A 79 49.35 41.43 -47.47
CA GLU A 79 50.20 40.30 -47.83
C GLU A 79 51.54 40.76 -48.39
N GLU A 80 51.50 41.82 -49.18
CA GLU A 80 52.71 42.33 -49.81
C GLU A 80 53.74 42.79 -48.79
N SER A 81 53.25 43.27 -47.64
CA SER A 81 54.12 43.67 -46.54
C SER A 81 55.06 42.53 -46.12
N TYR A 82 54.55 41.31 -46.12
CA TYR A 82 55.33 40.15 -45.71
C TYR A 82 56.46 39.79 -46.69
N THR A 83 56.35 40.26 -47.92
CA THR A 83 57.36 40.01 -48.94
C THR A 83 58.23 41.24 -49.18
N LEU A 84 57.58 42.40 -49.31
CA LEU A 84 58.27 43.66 -49.59
C LEU A 84 59.19 44.05 -48.44
N PHE A 85 58.74 43.83 -47.20
CA PHE A 85 59.56 44.09 -46.03
C PHE A 85 60.04 42.77 -45.46
N GLY A 86 60.25 41.82 -46.35
CA GLY A 86 60.72 40.48 -46.03
C GLY A 86 61.90 40.35 -45.09
N PRO A 87 63.02 41.02 -45.40
CA PRO A 87 64.22 40.99 -44.54
C PRO A 87 63.91 41.23 -43.07
N LEU A 88 62.93 42.09 -42.77
CA LEU A 88 62.51 42.32 -41.40
C LEU A 88 61.56 41.22 -40.89
N PHE A 89 60.50 40.97 -41.64
CA PHE A 89 59.48 40.00 -41.22
C PHE A 89 59.98 38.56 -41.17
N ASP A 90 60.81 38.17 -42.14
CA ASP A 90 61.35 36.80 -42.19
C ASP A 90 62.18 36.49 -40.94
N ALA A 91 62.95 37.46 -40.50
CA ALA A 91 63.78 37.30 -39.30
C ALA A 91 62.91 37.23 -38.03
N ILE A 92 61.92 38.11 -37.95
CA ILE A 92 60.99 38.13 -36.82
C ILE A 92 60.18 36.83 -36.71
N ILE A 93 59.70 36.35 -37.84
CA ILE A 93 58.92 35.11 -37.89
C ILE A 93 59.74 33.90 -37.47
N GLU A 94 60.92 33.74 -38.06
CA GLU A 94 61.76 32.58 -37.78
C GLU A 94 62.41 32.63 -36.39
N ASP A 95 62.36 33.79 -35.76
CA ASP A 95 62.84 33.92 -34.38
C ASP A 95 61.71 33.58 -33.40
N TYR A 96 60.54 34.19 -33.63
CA TYR A 96 59.39 33.97 -32.76
C TYR A 96 58.89 32.52 -32.85
N HIS A 97 58.87 31.98 -34.06
CA HIS A 97 58.35 30.64 -34.28
C HIS A 97 59.45 29.60 -34.41
N SER A 98 60.62 29.89 -33.87
CA SER A 98 61.73 28.96 -33.88
C SER A 98 61.29 27.62 -33.29
N PRO A 99 61.73 26.50 -33.88
CA PRO A 99 62.70 26.41 -34.97
C PRO A 99 62.06 26.37 -36.36
N TYR A 100 60.86 26.91 -36.55
CA TYR A 100 60.22 26.87 -37.88
C TYR A 100 61.02 27.60 -38.94
N LYS A 101 61.14 26.95 -40.11
CA LYS A 101 61.76 27.57 -41.27
C LYS A 101 60.77 27.79 -42.39
N LEU A 102 60.74 29.01 -42.92
CA LEU A 102 59.82 29.39 -43.98
C LEU A 102 60.05 28.55 -45.25
N ALA A 103 61.30 28.19 -45.48
CA ALA A 103 61.65 27.33 -46.60
C ALA A 103 61.04 25.94 -46.47
N THR A 104 60.83 25.50 -45.23
CA THR A 104 60.22 24.19 -44.96
C THR A 104 58.77 24.15 -45.45
N GLY A 105 58.04 25.23 -45.20
CA GLY A 105 56.65 25.32 -45.62
C GLY A 105 55.68 24.94 -44.53
N HIS A 106 54.41 25.27 -44.76
CA HIS A 106 53.36 25.01 -43.78
C HIS A 106 52.20 24.27 -44.44
N ASN A 107 51.66 23.27 -43.74
CA ASN A 107 50.51 22.54 -44.25
C ASN A 107 49.28 22.72 -43.36
N SER A 108 48.22 23.26 -43.94
CA SER A 108 46.97 23.45 -43.21
C SER A 108 46.11 22.19 -43.34
N ASP A 109 45.27 21.96 -42.34
CA ASP A 109 44.35 20.83 -42.35
C ASP A 109 43.18 21.14 -41.43
N MET A 110 42.03 21.42 -42.04
CA MET A 110 40.82 21.75 -41.29
C MET A 110 39.75 20.68 -41.49
N ASN A 111 40.19 19.42 -41.53
CA ASN A 111 39.26 18.28 -41.55
C ASN A 111 39.20 17.65 -40.17
N PRO A 112 38.07 17.83 -39.47
CA PRO A 112 37.90 17.32 -38.11
C PRO A 112 37.90 15.80 -38.03
N ALA A 113 37.65 15.13 -39.15
CA ALA A 113 37.66 13.67 -39.19
C ALA A 113 39.05 13.11 -38.96
N HIS A 114 40.07 13.93 -39.21
CA HIS A 114 41.46 13.54 -38.99
C HIS A 114 41.85 13.64 -37.52
N VAL A 115 40.94 14.15 -36.70
CA VAL A 115 41.15 14.25 -35.27
C VAL A 115 40.55 13.05 -34.56
N LYS A 116 41.35 12.43 -33.67
CA LYS A 116 40.87 11.31 -32.89
C LYS A 116 40.74 11.74 -31.44
N ALA A 117 39.54 12.16 -31.05
CA ALA A 117 39.31 12.72 -29.73
C ALA A 117 38.05 12.20 -29.05
N PRO A 118 38.12 10.99 -28.51
CA PRO A 118 37.03 10.48 -27.66
C PRO A 118 36.90 11.41 -26.46
N ASP A 119 35.68 11.74 -26.03
CA ASP A 119 35.48 12.68 -24.92
C ASP A 119 36.22 12.26 -23.66
N LEU A 120 37.13 13.11 -23.21
CA LEU A 120 38.02 12.81 -22.09
C LEU A 120 37.31 12.76 -20.74
N ASP A 121 36.38 13.68 -20.52
CA ASP A 121 35.84 13.91 -19.18
C ASP A 121 34.35 14.28 -19.20
N PRO A 122 33.48 13.33 -19.57
CA PRO A 122 32.04 13.58 -19.66
C PRO A 122 31.45 13.94 -18.30
N ALA A 123 31.95 13.31 -17.24
CA ALA A 123 31.45 13.56 -15.88
C ALA A 123 31.96 14.87 -15.31
N ASN A 124 32.89 15.51 -16.03
CA ASN A 124 33.45 16.79 -15.62
C ASN A 124 34.12 16.73 -14.25
N ARG A 125 34.92 15.69 -14.03
CA ARG A 125 35.67 15.56 -12.79
C ARG A 125 36.88 16.48 -12.79
N TYR A 126 37.36 16.84 -13.98
CA TYR A 126 38.59 17.61 -14.12
C TYR A 126 38.47 18.83 -15.03
N ILE A 127 37.96 18.62 -16.24
CA ILE A 127 37.89 19.69 -17.24
C ILE A 127 36.61 20.52 -17.12
N ARG A 128 36.76 21.84 -17.10
CA ARG A 128 35.63 22.74 -16.90
C ARG A 128 35.08 23.34 -18.19
N SER A 129 35.98 23.67 -19.10
CA SER A 129 35.55 24.29 -20.36
C SER A 129 36.57 24.03 -21.47
N THR A 130 36.10 24.17 -22.71
CA THR A 130 36.93 23.95 -23.89
C THR A 130 36.67 25.10 -24.87
N ARG A 131 37.73 25.57 -25.53
CA ARG A 131 37.62 26.71 -26.42
C ARG A 131 38.65 26.63 -27.53
N ILE A 132 38.23 26.87 -28.77
CA ILE A 132 39.17 26.94 -29.89
C ILE A 132 38.93 28.20 -30.72
N ARG A 133 39.98 29.00 -30.89
CA ARG A 133 39.91 30.24 -31.65
C ARG A 133 40.82 30.16 -32.87
N VAL A 134 40.36 30.69 -34.00
CA VAL A 134 41.22 30.90 -35.16
C VAL A 134 41.10 32.34 -35.68
N ALA A 135 42.19 32.85 -36.22
CA ALA A 135 42.20 34.16 -36.87
C ALA A 135 42.29 33.97 -38.38
N ARG A 136 41.41 34.63 -39.12
CA ARG A 136 41.39 34.52 -40.57
C ARG A 136 41.20 35.88 -41.24
N SER A 137 41.77 36.05 -42.42
CA SER A 137 41.58 37.25 -43.22
C SER A 137 41.04 36.91 -44.61
N LEU A 138 40.20 37.78 -45.16
CA LEU A 138 39.56 37.52 -46.46
C LEU A 138 40.45 37.82 -47.66
N LYS A 139 40.31 37.03 -48.72
CA LYS A 139 41.01 37.27 -49.98
C LYS A 139 40.62 38.61 -50.60
N GLY A 140 41.55 39.21 -51.33
CA GLY A 140 41.26 40.40 -52.11
C GLY A 140 41.35 41.70 -51.33
N TYR A 141 41.65 41.61 -50.05
CA TYR A 141 41.76 42.79 -49.20
C TYR A 141 43.11 42.86 -48.51
N GLY A 142 43.42 44.02 -47.96
CA GLY A 142 44.61 44.14 -47.13
C GLY A 142 44.35 43.49 -45.78
N LEU A 143 45.31 43.58 -44.89
CA LEU A 143 45.11 43.10 -43.53
C LEU A 143 44.57 44.28 -42.72
N ALA A 144 44.24 44.04 -41.45
CA ALA A 144 43.62 45.06 -40.60
C ALA A 144 44.23 46.46 -40.64
N PRO A 145 45.58 46.57 -40.58
CA PRO A 145 46.13 47.93 -40.62
C PRO A 145 45.98 48.61 -41.98
N GLY A 146 45.86 47.84 -43.05
CA GLY A 146 45.81 48.39 -44.38
C GLY A 146 44.45 48.34 -45.06
N VAL A 147 43.42 48.01 -44.28
CA VAL A 147 42.06 47.97 -44.82
C VAL A 147 41.51 49.39 -44.95
N THR A 148 40.97 49.71 -46.12
CA THR A 148 40.35 51.02 -46.33
C THR A 148 38.98 51.04 -45.69
N LYS A 149 38.38 52.22 -45.65
CA LYS A 149 37.06 52.39 -45.06
C LYS A 149 36.02 51.58 -45.82
N ALA A 150 36.08 51.62 -47.15
CA ALA A 150 35.15 50.88 -47.99
C ALA A 150 35.36 49.37 -47.89
N HIS A 151 36.61 48.94 -47.94
CA HIS A 151 36.95 47.53 -47.82
C HIS A 151 36.42 46.90 -46.52
N ARG A 152 36.52 47.65 -45.43
CA ARG A 152 36.05 47.17 -44.13
C ARG A 152 34.55 46.95 -44.15
N LEU A 153 33.83 47.89 -44.76
CA LEU A 153 32.38 47.78 -44.92
C LEU A 153 32.02 46.61 -45.83
N GLU A 154 32.82 46.41 -46.87
CA GLU A 154 32.63 45.29 -47.80
C GLU A 154 32.82 43.96 -47.06
N ILE A 155 33.85 43.90 -46.22
CA ILE A 155 34.14 42.71 -45.42
C ILE A 155 33.00 42.39 -44.46
N GLU A 156 32.52 43.40 -43.74
CA GLU A 156 31.37 43.24 -42.86
C GLU A 156 30.18 42.69 -43.65
N LYS A 157 29.93 43.28 -44.81
CA LYS A 157 28.78 42.92 -45.63
C LYS A 157 28.85 41.47 -46.12
N LYS A 158 30.03 41.06 -46.59
CA LYS A 158 30.22 39.70 -47.11
C LYS A 158 30.16 38.62 -46.03
N VAL A 159 30.80 38.90 -44.90
CA VAL A 159 30.83 37.96 -43.77
C VAL A 159 29.44 37.77 -43.15
N VAL A 160 28.75 38.88 -42.89
CA VAL A 160 27.40 38.83 -42.32
C VAL A 160 26.46 38.02 -43.21
N GLY A 161 26.54 38.22 -44.51
CA GLY A 161 25.75 37.46 -45.47
C GLY A 161 25.95 35.96 -45.33
N VAL A 162 27.19 35.55 -45.11
CA VAL A 162 27.52 34.15 -44.88
C VAL A 162 27.01 33.68 -43.51
N LEU A 163 27.31 34.47 -42.48
CA LEU A 163 26.94 34.12 -41.10
C LEU A 163 25.43 34.05 -40.87
N THR A 164 24.68 34.95 -41.49
CA THR A 164 23.23 34.99 -41.31
C THR A 164 22.49 33.92 -42.10
N SER A 165 23.25 33.14 -42.89
CA SER A 165 22.66 32.04 -43.65
C SER A 165 23.11 30.69 -43.08
N LEU A 166 23.77 30.73 -41.93
CA LEU A 166 24.21 29.53 -41.23
C LEU A 166 23.00 28.82 -40.60
N THR A 167 22.99 27.49 -40.67
CA THR A 167 21.86 26.70 -40.16
C THR A 167 22.29 25.77 -39.04
N GLY A 168 21.34 25.00 -38.51
CA GLY A 168 21.63 24.06 -37.44
C GLY A 168 22.02 24.75 -36.15
N ASP A 169 23.03 24.22 -35.46
CA ASP A 169 23.48 24.80 -34.21
C ASP A 169 24.29 26.07 -34.44
N LEU A 170 24.54 26.39 -35.70
CA LEU A 170 25.33 27.57 -36.06
C LEU A 170 24.47 28.81 -36.33
N ALA A 171 23.15 28.62 -36.40
CA ALA A 171 22.22 29.73 -36.61
C ALA A 171 22.26 30.70 -35.43
N GLY A 172 22.20 31.99 -35.73
CA GLY A 172 22.31 33.01 -34.69
C GLY A 172 22.03 34.43 -35.17
N LYS A 173 22.50 35.41 -34.41
CA LYS A 173 22.23 36.82 -34.67
C LYS A 173 23.50 37.64 -34.81
N TYR A 174 23.45 38.67 -35.66
CA TYR A 174 24.59 39.59 -35.79
C TYR A 174 24.32 40.91 -35.07
N TYR A 175 25.29 41.36 -34.27
CA TYR A 175 25.18 42.63 -33.58
C TYR A 175 26.32 43.57 -33.97
N PRO A 176 26.04 44.54 -34.86
CA PRO A 176 27.06 45.54 -35.18
C PRO A 176 27.32 46.48 -34.00
N LEU A 177 28.52 47.04 -33.92
CA LEU A 177 28.87 47.95 -32.84
C LEU A 177 28.31 49.35 -33.09
N SER A 178 28.26 49.76 -34.35
CA SER A 178 27.69 51.05 -34.72
C SER A 178 26.20 51.08 -34.43
N GLY A 179 25.84 51.73 -33.33
CA GLY A 179 24.50 51.68 -32.82
C GLY A 179 24.49 50.91 -31.52
N MET A 180 23.93 49.70 -31.55
CA MET A 180 23.85 48.82 -30.37
C MET A 180 23.26 49.50 -29.15
N ASP A 181 21.96 49.27 -28.93
CA ASP A 181 21.28 49.74 -27.73
C ASP A 181 22.06 49.35 -26.48
N GLU A 182 22.11 50.25 -25.50
CA GLU A 182 22.82 50.02 -24.24
C GLU A 182 22.35 48.72 -23.58
N LYS A 183 21.08 48.40 -23.77
CA LYS A 183 20.55 47.10 -23.35
C LYS A 183 21.39 45.97 -23.95
N THR A 184 21.42 45.92 -25.28
CA THR A 184 22.20 44.92 -26.01
C THR A 184 23.65 44.87 -25.57
N ARG A 185 24.29 46.03 -25.46
CA ARG A 185 25.68 46.12 -25.03
C ARG A 185 25.88 45.48 -23.66
N GLN A 186 25.05 45.86 -22.71
CA GLN A 186 25.12 45.32 -21.34
C GLN A 186 25.03 43.79 -21.33
N GLN A 187 24.14 43.24 -22.14
CA GLN A 187 23.95 41.79 -22.22
C GLN A 187 25.20 41.10 -22.75
N LEU A 188 25.84 41.69 -23.75
CA LEU A 188 27.01 41.11 -24.37
C LEU A 188 28.24 41.15 -23.45
N VAL A 189 28.34 42.20 -22.64
CA VAL A 189 29.39 42.29 -21.63
C VAL A 189 29.20 41.17 -20.60
N ASP A 190 27.94 40.93 -20.23
CA ASP A 190 27.60 39.84 -19.30
C ASP A 190 28.07 38.48 -19.81
N ASP A 191 27.82 38.20 -21.09
CA ASP A 191 28.24 36.93 -21.69
C ASP A 191 29.73 36.89 -22.01
N HIS A 192 30.41 38.04 -21.86
CA HIS A 192 31.81 38.20 -22.27
C HIS A 192 31.96 38.00 -23.78
N PHE A 193 30.98 38.49 -24.53
CA PHE A 193 30.97 38.36 -25.99
C PHE A 193 31.40 39.65 -26.67
N LEU A 194 31.50 40.72 -25.90
CA LEU A 194 31.81 42.03 -26.46
C LEU A 194 33.30 42.34 -26.43
N PHE A 195 33.81 42.91 -27.52
CA PHE A 195 35.16 43.46 -27.51
C PHE A 195 35.08 44.98 -27.53
N LYS A 196 36.09 45.62 -26.94
CA LYS A 196 36.13 47.08 -26.87
C LYS A 196 37.14 47.63 -27.86
N LYS A 197 37.34 48.94 -27.82
CA LYS A 197 38.35 49.58 -28.65
C LYS A 197 39.70 48.97 -28.34
N GLY A 198 40.51 48.73 -29.37
CA GLY A 198 41.81 48.12 -29.18
C GLY A 198 42.69 48.89 -28.22
N ASP A 199 43.55 48.18 -27.49
CA ASP A 199 44.46 48.86 -26.57
C ASP A 199 45.54 49.66 -27.28
N ARG A 200 46.53 50.13 -26.53
CA ARG A 200 47.59 50.98 -27.09
C ARG A 200 48.40 50.30 -28.19
N PHE A 201 48.51 48.97 -28.14
CA PHE A 201 49.24 48.25 -29.17
C PHE A 201 48.48 48.29 -30.50
N LEU A 202 47.17 48.05 -30.43
CA LEU A 202 46.32 48.06 -31.62
C LEU A 202 46.09 49.48 -32.16
N GLU A 203 46.05 50.45 -31.26
CA GLU A 203 45.88 51.85 -31.65
C GLU A 203 47.05 52.33 -32.50
N ALA A 204 48.26 51.98 -32.08
CA ALA A 204 49.47 52.40 -32.76
C ALA A 204 49.72 51.60 -34.05
N ALA A 205 48.95 50.53 -34.23
CA ALA A 205 49.06 49.70 -35.43
C ALA A 205 48.09 50.18 -36.51
N GLY A 206 47.26 51.17 -36.15
CA GLY A 206 46.25 51.67 -37.07
C GLY A 206 45.04 50.76 -37.17
N ILE A 207 44.89 49.87 -36.19
CA ILE A 207 43.82 48.87 -36.20
C ILE A 207 42.46 49.46 -35.74
N ASN A 208 42.51 50.54 -34.96
CA ASN A 208 41.28 51.20 -34.50
C ASN A 208 40.73 52.25 -35.45
N LYS A 209 41.20 52.24 -36.70
CA LYS A 209 40.74 53.22 -37.69
C LYS A 209 39.22 53.14 -37.92
N GLU A 210 38.59 54.31 -37.90
CA GLU A 210 37.14 54.43 -38.11
C GLU A 210 36.28 53.70 -37.07
N TRP A 211 36.81 53.53 -35.87
CA TRP A 211 36.06 52.86 -34.79
C TRP A 211 34.76 53.61 -34.51
N PRO A 212 33.65 52.86 -34.34
CA PRO A 212 33.55 51.40 -34.39
C PRO A 212 32.93 50.89 -35.69
N GLU A 213 33.05 51.66 -36.76
CA GLU A 213 32.42 51.32 -38.04
C GLU A 213 32.91 49.98 -38.60
N GLY A 214 31.97 49.15 -39.04
CA GLY A 214 32.31 47.88 -39.66
C GLY A 214 32.63 46.76 -38.69
N ARG A 215 32.67 47.09 -37.39
CA ARG A 215 32.91 46.10 -36.35
C ARG A 215 31.59 45.47 -35.92
N GLY A 216 31.63 44.20 -35.52
CA GLY A 216 30.42 43.51 -35.13
C GLY A 216 30.67 42.19 -34.43
N ILE A 217 29.59 41.58 -33.95
CA ILE A 217 29.63 40.33 -33.22
C ILE A 217 28.53 39.40 -33.69
N TYR A 218 28.88 38.15 -33.96
CA TYR A 218 27.90 37.12 -34.27
C TYR A 218 28.05 36.00 -33.25
N HIS A 219 26.93 35.50 -32.74
CA HIS A 219 26.95 34.29 -31.93
C HIS A 219 25.76 33.42 -32.29
N ASN A 220 25.90 32.11 -32.15
CA ASN A 220 24.78 31.22 -32.35
C ASN A 220 23.86 31.25 -31.14
N ASN A 221 22.67 30.69 -31.26
CA ASN A 221 21.70 30.73 -30.17
C ASN A 221 22.16 29.94 -28.94
N ASP A 222 22.84 28.83 -29.17
CA ASP A 222 23.38 28.02 -28.08
C ASP A 222 24.50 28.74 -27.32
N LYS A 223 25.03 29.80 -27.93
CA LYS A 223 26.16 30.54 -27.38
C LYS A 223 27.39 29.63 -27.23
N THR A 224 27.61 28.81 -28.25
CA THR A 224 28.76 27.91 -28.30
C THR A 224 29.64 28.26 -29.48
N PHE A 225 29.21 29.27 -30.24
CA PHE A 225 29.94 29.74 -31.41
C PHE A 225 29.89 31.26 -31.47
N LEU A 226 31.05 31.88 -31.66
CA LEU A 226 31.17 33.33 -31.58
C LEU A 226 32.15 33.85 -32.62
N VAL A 227 31.77 34.93 -33.32
CA VAL A 227 32.64 35.55 -34.31
C VAL A 227 32.85 37.04 -34.02
N TRP A 228 34.11 37.46 -33.98
CA TRP A 228 34.43 38.89 -33.92
C TRP A 228 34.80 39.40 -35.30
N LEU A 229 34.08 40.41 -35.75
CA LEU A 229 34.26 40.95 -37.10
C LEU A 229 35.06 42.23 -37.09
N ASN A 230 36.17 42.24 -37.83
CA ASN A 230 37.02 43.43 -37.99
C ASN A 230 37.62 43.97 -36.68
N GLU A 231 38.09 43.05 -35.84
CA GLU A 231 38.86 43.43 -34.66
C GLU A 231 40.35 43.47 -35.04
N GLU A 232 41.18 42.66 -34.41
CA GLU A 232 42.61 42.64 -34.75
C GLU A 232 42.84 42.07 -36.15
N ASP A 233 42.01 41.12 -36.54
CA ASP A 233 41.99 40.61 -37.91
C ASP A 233 40.57 40.73 -38.42
N HIS A 234 40.35 40.40 -39.69
CA HIS A 234 39.01 40.47 -40.28
C HIS A 234 38.04 39.62 -39.49
N LEU A 235 38.48 38.43 -39.11
CA LEU A 235 37.64 37.47 -38.40
C LEU A 235 38.37 36.84 -37.23
N ARG A 236 37.73 36.85 -36.06
CA ARG A 236 38.15 36.02 -34.96
C ARG A 236 37.01 35.04 -34.72
N ILE A 237 37.25 33.77 -35.00
CA ILE A 237 36.20 32.76 -34.96
C ILE A 237 36.42 31.81 -33.78
N ILE A 238 35.43 31.75 -32.89
CA ILE A 238 35.57 31.02 -31.63
C ILE A 238 34.48 29.96 -31.45
N SER A 239 34.91 28.73 -31.19
CA SER A 239 33.99 27.66 -30.80
C SER A 239 34.33 27.29 -29.36
N MET A 240 33.32 27.18 -28.50
CA MET A 240 33.57 26.91 -27.10
C MET A 240 32.33 26.34 -26.42
N GLU A 241 32.55 25.67 -25.29
CA GLU A 241 31.46 25.19 -24.45
C GLU A 241 32.03 24.69 -23.14
N LYS A 242 31.18 24.55 -22.12
CA LYS A 242 31.60 23.96 -20.87
C LYS A 242 31.85 22.47 -21.07
N GLY A 243 32.62 21.86 -20.18
CA GLY A 243 32.96 20.47 -20.34
C GLY A 243 34.20 20.26 -21.21
N SER A 244 34.38 19.04 -21.69
CA SER A 244 35.66 18.62 -22.26
C SER A 244 35.61 18.16 -23.71
N ASP A 245 34.44 18.22 -24.34
CA ASP A 245 34.28 17.65 -25.67
C ASP A 245 34.96 18.48 -26.77
N ILE A 246 36.29 18.43 -26.81
CA ILE A 246 37.08 19.22 -27.75
C ILE A 246 36.85 18.78 -29.21
N GLY A 247 36.55 17.50 -29.41
CA GLY A 247 36.26 16.99 -30.73
C GLY A 247 35.00 17.61 -31.31
N SER A 248 33.99 17.74 -30.45
CA SER A 248 32.74 18.40 -30.83
C SER A 248 33.00 19.88 -31.10
N VAL A 249 33.81 20.49 -30.24
CA VAL A 249 34.15 21.91 -30.37
C VAL A 249 34.90 22.19 -31.68
N PHE A 250 35.85 21.32 -32.02
CA PHE A 250 36.62 21.48 -33.24
C PHE A 250 35.76 21.27 -34.49
N SER A 251 34.87 20.29 -34.41
CA SER A 251 33.98 19.98 -35.52
C SER A 251 33.08 21.16 -35.89
N ARG A 252 32.50 21.79 -34.87
CA ARG A 252 31.63 22.95 -35.08
C ARG A 252 32.41 24.12 -35.68
N LEU A 253 33.62 24.33 -35.18
CA LEU A 253 34.51 25.37 -35.69
C LEU A 253 34.82 25.16 -37.17
N CYS A 254 35.18 23.93 -37.54
CA CYS A 254 35.54 23.60 -38.91
C CYS A 254 34.38 23.80 -39.88
N ARG A 255 33.18 23.42 -39.46
CA ARG A 255 31.99 23.56 -40.30
C ARG A 255 31.75 25.02 -40.69
N ALA A 256 31.89 25.91 -39.71
CA ALA A 256 31.69 27.34 -39.96
C ALA A 256 32.84 27.95 -40.76
N VAL A 257 34.07 27.66 -40.35
CA VAL A 257 35.26 28.19 -41.02
C VAL A 257 35.36 27.76 -42.49
N ASN A 258 35.16 26.47 -42.74
CA ASN A 258 35.24 25.94 -44.10
C ASN A 258 34.14 26.48 -45.02
N GLU A 259 32.98 26.78 -44.43
CA GLU A 259 31.88 27.36 -45.19
C GLU A 259 32.20 28.79 -45.61
N ILE A 260 32.73 29.57 -44.67
CA ILE A 260 33.17 30.93 -44.94
C ILE A 260 34.27 30.93 -45.99
N ASP A 261 35.19 29.97 -45.89
CA ASP A 261 36.29 29.81 -46.83
C ASP A 261 35.78 29.49 -48.23
N LYS A 262 34.79 28.62 -48.32
CA LYS A 262 34.23 28.21 -49.62
C LYS A 262 33.57 29.39 -50.33
N LYS A 263 32.94 30.27 -49.57
CA LYS A 263 32.19 31.38 -50.15
C LYS A 263 33.05 32.63 -50.39
N LEU A 264 34.03 32.85 -49.52
CA LEU A 264 34.80 34.07 -49.55
C LEU A 264 36.28 33.83 -49.87
N GLY A 265 36.85 32.81 -49.24
CA GLY A 265 38.28 32.53 -49.39
C GLY A 265 39.14 33.29 -48.40
N PHE A 266 40.22 32.67 -47.97
CA PHE A 266 41.11 33.28 -46.97
C PHE A 266 42.47 33.63 -47.56
N GLN A 267 43.16 34.59 -46.95
CA GLN A 267 44.53 34.89 -47.32
C GLN A 267 45.44 33.79 -46.77
N HIS A 268 46.21 33.17 -47.66
CA HIS A 268 46.96 31.97 -47.32
C HIS A 268 48.15 31.79 -48.24
N THR A 269 49.31 31.51 -47.66
CA THR A 269 50.50 31.16 -48.43
C THR A 269 51.06 29.84 -47.93
N LYS A 270 51.88 29.18 -48.76
CA LYS A 270 52.49 27.92 -48.39
C LYS A 270 53.51 28.08 -47.26
N LYS A 271 54.14 29.25 -47.21
CA LYS A 271 55.23 29.50 -46.27
C LYS A 271 54.78 30.18 -44.96
N HIS A 272 53.69 30.93 -45.02
CA HIS A 272 53.19 31.61 -43.81
C HIS A 272 51.91 30.97 -43.26
N GLY A 273 51.29 30.09 -44.04
CA GLY A 273 49.99 29.58 -43.67
C GLY A 273 48.96 30.70 -43.80
N TYR A 274 48.01 30.77 -42.88
CA TYR A 274 47.02 31.84 -42.92
C TYR A 274 47.61 33.17 -42.47
N LEU A 275 47.39 34.21 -43.27
CA LEU A 275 47.97 35.51 -43.01
C LEU A 275 47.20 36.27 -41.92
N THR A 276 47.93 36.85 -40.99
CA THR A 276 47.38 37.63 -39.90
C THR A 276 48.15 38.93 -39.77
N SER A 277 47.56 39.92 -39.10
CA SER A 277 48.21 41.20 -38.93
C SER A 277 49.50 41.08 -38.11
N CYS A 278 49.40 40.43 -36.95
CA CYS A 278 50.57 40.17 -36.12
C CYS A 278 51.19 38.84 -36.52
N PRO A 279 52.52 38.84 -36.78
CA PRO A 279 53.28 37.66 -37.22
C PRO A 279 53.21 36.50 -36.23
N SER A 280 52.85 36.79 -34.98
CA SER A 280 52.74 35.76 -33.96
C SER A 280 51.58 34.82 -34.23
N ASN A 281 50.59 35.30 -34.98
CA ASN A 281 49.37 34.54 -35.24
C ASN A 281 49.37 33.81 -36.59
N LEU A 282 50.52 33.71 -37.23
CA LEU A 282 50.60 33.05 -38.53
C LEU A 282 50.42 31.53 -38.44
N GLY A 283 50.36 30.87 -39.59
CA GLY A 283 50.21 29.42 -39.64
C GLY A 283 48.77 28.98 -39.47
N THR A 284 48.46 28.41 -38.32
CA THR A 284 47.12 27.95 -38.00
C THR A 284 46.26 29.11 -37.55
N GLY A 285 46.90 30.14 -37.02
CA GLY A 285 46.19 31.25 -36.40
C GLY A 285 45.32 30.79 -35.26
N MET A 286 45.68 29.65 -34.67
CA MET A 286 44.81 28.93 -33.76
C MET A 286 45.30 28.88 -32.32
N ARG A 287 44.38 29.13 -31.39
CA ARG A 287 44.61 28.85 -29.98
C ARG A 287 43.53 27.90 -29.48
N ALA A 288 43.91 26.65 -29.26
CA ALA A 288 43.01 25.67 -28.65
C ALA A 288 43.29 25.67 -27.16
N SER A 289 42.23 25.66 -26.35
CA SER A 289 42.38 25.85 -24.91
C SER A 289 41.40 25.02 -24.07
N VAL A 290 41.85 24.65 -22.88
CA VAL A 290 41.05 23.89 -21.94
C VAL A 290 41.31 24.39 -20.52
N HIS A 291 40.24 24.60 -19.75
CA HIS A 291 40.39 24.89 -18.33
C HIS A 291 40.25 23.58 -17.55
N VAL A 292 41.28 23.23 -16.79
CA VAL A 292 41.33 21.94 -16.12
C VAL A 292 41.95 22.04 -14.73
N LYS A 293 41.36 21.31 -13.78
CA LYS A 293 41.83 21.31 -12.40
C LYS A 293 42.89 20.23 -12.22
N ILE A 294 44.15 20.65 -12.12
CA ILE A 294 45.27 19.72 -11.99
C ILE A 294 46.23 20.05 -10.85
N PRO A 295 45.72 20.23 -9.61
CA PRO A 295 46.62 20.65 -8.52
C PRO A 295 47.73 19.65 -8.22
N HIS A 296 47.40 18.36 -8.19
CA HIS A 296 48.37 17.32 -7.91
C HIS A 296 49.36 17.12 -9.06
N ALA A 297 48.88 17.26 -10.29
CA ALA A 297 49.73 17.13 -11.47
C ALA A 297 50.71 18.28 -11.61
N LYS A 298 50.33 19.45 -11.10
CA LYS A 298 51.17 20.65 -11.16
C LYS A 298 52.45 20.49 -10.33
N GLU A 299 52.39 19.65 -9.31
CA GLU A 299 53.53 19.45 -8.42
C GLU A 299 54.31 18.17 -8.73
N HIS A 300 53.80 17.37 -9.66
CA HIS A 300 54.51 16.18 -10.11
C HIS A 300 55.76 16.58 -10.87
N PRO A 301 56.87 15.85 -10.68
CA PRO A 301 58.15 16.20 -11.30
C PRO A 301 58.16 16.10 -12.82
N ASP A 302 57.21 15.37 -13.40
CA ASP A 302 57.15 15.17 -14.84
C ASP A 302 56.32 16.24 -15.56
N PHE A 303 55.74 17.16 -14.78
CA PHE A 303 54.81 18.16 -15.30
C PHE A 303 55.34 18.95 -16.49
N GLU A 304 56.43 19.69 -16.29
CA GLU A 304 57.01 20.52 -17.34
C GLU A 304 57.45 19.69 -18.55
N ASN A 305 57.87 18.46 -18.30
CA ASN A 305 58.31 17.56 -19.36
C ASN A 305 57.16 17.04 -20.21
N ILE A 306 55.97 16.99 -19.62
CA ILE A 306 54.76 16.64 -20.35
C ILE A 306 54.34 17.80 -21.26
N LEU A 307 54.42 19.01 -20.72
CA LEU A 307 54.12 20.23 -21.49
C LEU A 307 55.04 20.34 -22.70
N THR A 308 56.34 20.12 -22.45
CA THR A 308 57.35 20.16 -23.51
C THR A 308 57.08 19.09 -24.56
N LYS A 309 56.73 17.88 -24.10
CA LYS A 309 56.56 16.73 -24.98
C LYS A 309 55.40 16.90 -25.96
N TYR A 310 54.31 17.49 -25.49
CA TYR A 310 53.13 17.70 -26.32
C TYR A 310 53.04 19.14 -26.83
N HIS A 311 54.07 19.93 -26.51
CA HIS A 311 54.15 21.32 -26.95
C HIS A 311 52.93 22.14 -26.53
N ILE A 312 52.65 22.13 -25.23
CA ILE A 312 51.56 22.91 -24.66
C ILE A 312 52.10 23.77 -23.52
N GLN A 313 51.31 24.76 -23.12
CA GLN A 313 51.70 25.63 -22.02
C GLN A 313 50.56 25.77 -21.01
N ALA A 314 50.92 26.06 -19.77
CA ALA A 314 49.94 26.19 -18.70
C ALA A 314 49.97 27.59 -18.10
N ARG A 315 48.78 28.17 -17.90
CA ARG A 315 48.67 29.48 -17.28
C ARG A 315 47.69 29.46 -16.11
N GLY A 316 47.94 30.30 -15.12
CA GLY A 316 47.01 30.45 -14.01
C GLY A 316 45.73 31.11 -14.48
N ILE A 317 44.61 30.68 -13.93
CA ILE A 317 43.31 31.21 -14.33
C ILE A 317 43.06 32.57 -13.68
N ASP A 328 39.04 28.81 -9.99
CA ASP A 328 39.55 28.69 -8.63
C ASP A 328 40.84 27.89 -8.56
N ALA A 329 41.12 27.31 -7.38
CA ALA A 329 42.39 26.66 -7.08
C ALA A 329 42.69 25.41 -7.90
N GLY A 330 43.95 25.27 -8.32
CA GLY A 330 44.39 24.11 -9.08
C GLY A 330 43.91 24.10 -10.52
N VAL A 331 43.15 25.13 -10.90
CA VAL A 331 42.61 25.22 -12.26
C VAL A 331 43.55 26.00 -13.18
N TYR A 332 43.96 25.35 -14.28
CA TYR A 332 44.90 25.96 -15.21
C TYR A 332 44.34 26.06 -16.63
N ASP A 333 44.84 27.03 -17.38
CA ASP A 333 44.54 27.16 -18.80
C ASP A 333 45.62 26.38 -19.56
N ILE A 334 45.21 25.34 -20.28
CA ILE A 334 46.15 24.57 -21.08
C ILE A 334 45.92 24.86 -22.56
N SER A 335 46.96 25.35 -23.23
CA SER A 335 46.85 25.73 -24.64
C SER A 335 48.08 25.32 -25.43
N ASN A 336 47.92 25.26 -26.74
CA ASN A 336 49.03 24.95 -27.65
C ASN A 336 50.04 26.08 -27.69
N ARG A 337 51.31 25.73 -27.82
CA ARG A 337 52.36 26.73 -27.96
C ARG A 337 52.63 27.03 -29.43
N ARG A 338 52.28 26.10 -30.31
CA ARG A 338 52.66 26.19 -31.72
C ARG A 338 51.56 26.73 -32.63
N ARG A 339 51.99 27.45 -33.68
CA ARG A 339 51.10 28.02 -34.67
C ARG A 339 51.57 27.66 -36.08
N LEU A 340 52.89 27.72 -36.28
CA LEU A 340 53.50 27.51 -37.59
C LEU A 340 54.26 26.17 -37.67
N GLY A 341 54.16 25.50 -38.81
CA GLY A 341 54.87 24.25 -39.00
C GLY A 341 54.05 23.01 -38.69
N LEU A 342 52.83 23.23 -38.18
CA LEU A 342 51.92 22.13 -37.88
C LEU A 342 50.51 22.52 -38.30
N SER A 343 49.67 21.52 -38.58
CA SER A 343 48.30 21.78 -39.01
C SER A 343 47.39 22.07 -37.82
N GLU A 344 46.22 22.62 -38.09
CA GLU A 344 45.23 22.88 -37.05
C GLU A 344 44.81 21.56 -36.40
N VAL A 345 44.70 20.52 -37.22
CA VAL A 345 44.40 19.17 -36.74
C VAL A 345 45.45 18.67 -35.75
N GLN A 346 46.72 18.80 -36.13
CA GLN A 346 47.83 18.39 -35.29
C GLN A 346 47.86 19.18 -33.98
N CYS A 347 47.52 20.47 -34.08
CA CYS A 347 47.46 21.35 -32.93
C CYS A 347 46.42 20.88 -31.90
N VAL A 348 45.22 20.60 -32.39
CA VAL A 348 44.15 20.09 -31.54
C VAL A 348 44.52 18.72 -30.95
N GLN A 349 45.10 17.85 -31.76
CA GLN A 349 45.47 16.52 -31.32
C GLN A 349 46.55 16.58 -30.22
N ASP A 350 47.52 17.47 -30.39
CA ASP A 350 48.55 17.66 -29.38
C ASP A 350 47.95 18.18 -28.08
N MET A 351 46.98 19.09 -28.20
CA MET A 351 46.24 19.58 -27.05
C MET A 351 45.53 18.45 -26.32
N TYR A 352 44.83 17.64 -27.08
CA TYR A 352 44.08 16.50 -26.54
C TYR A 352 45.01 15.52 -25.82
N ASP A 353 46.14 15.20 -26.46
CA ASP A 353 47.07 14.21 -25.90
C ASP A 353 47.78 14.73 -24.65
N GLY A 354 48.11 16.02 -24.65
CA GLY A 354 48.76 16.63 -23.50
C GLY A 354 47.86 16.73 -22.29
N VAL A 355 46.61 17.14 -22.53
CA VAL A 355 45.61 17.24 -21.47
C VAL A 355 45.28 15.86 -20.90
N LYS A 356 45.15 14.88 -21.78
CA LYS A 356 44.89 13.49 -21.38
C LYS A 356 46.04 12.98 -20.50
N ALA A 357 47.27 13.32 -20.87
CA ALA A 357 48.44 12.89 -20.12
C ALA A 357 48.48 13.52 -18.72
N LEU A 358 48.11 14.80 -18.63
CA LEU A 358 48.07 15.51 -17.36
C LEU A 358 46.91 15.02 -16.49
N MET A 359 45.81 14.65 -17.13
CA MET A 359 44.65 14.13 -16.43
C MET A 359 44.94 12.78 -15.79
N GLU A 360 45.68 11.93 -16.51
CA GLU A 360 46.07 10.63 -15.99
C GLU A 360 47.01 10.76 -14.78
N LEU A 361 47.86 11.78 -14.81
CA LEU A 361 48.70 12.10 -13.66
C LEU A 361 47.83 12.46 -12.46
N GLU A 362 46.89 13.37 -12.67
CA GLU A 362 45.98 13.81 -11.62
C GLU A 362 45.17 12.64 -11.06
N LYS A 363 44.77 11.73 -11.94
CA LYS A 363 44.01 10.55 -11.55
C LYS A 363 44.84 9.57 -10.73
N GLU A 364 46.13 9.48 -11.05
CA GLU A 364 47.06 8.66 -10.28
C GLU A 364 47.08 9.10 -8.82
N ALA A 365 47.42 10.37 -8.61
CA ALA A 365 47.52 10.94 -7.27
C ALA A 365 46.24 10.78 -6.45
N ILE A 366 45.10 11.00 -7.09
CA ILE A 366 43.81 10.89 -6.43
C ILE A 366 43.46 9.44 -6.10
N ALA A 367 43.75 8.53 -7.03
CA ALA A 367 43.53 7.10 -6.80
C ALA A 367 44.38 6.59 -5.64
N LYS A 368 45.65 7.00 -5.61
CA LYS A 368 46.55 6.62 -4.53
C LYS A 368 46.04 7.14 -3.17
N LYS A 369 45.54 8.36 -3.17
CA LYS A 369 45.04 8.98 -1.94
C LYS A 369 43.73 8.33 -1.48
N ARG A 370 42.97 7.79 -2.42
CA ARG A 370 41.69 7.17 -2.12
C ARG A 370 41.80 5.67 -1.87
N SER A 371 43.02 5.15 -1.99
CA SER A 371 43.26 3.72 -1.85
C SER A 371 43.20 3.25 -0.41
N VAL A 372 43.44 4.16 0.53
CA VAL A 372 43.42 3.81 1.95
C VAL A 372 42.22 4.41 2.68
N PHE A 373 41.91 3.83 3.83
CA PHE A 373 40.85 4.33 4.71
C PHE A 373 41.15 5.77 5.11
N PRO A 374 40.13 6.64 5.04
CA PRO A 374 40.28 8.05 5.40
C PRO A 374 40.65 8.20 6.87
N GLU A 375 41.91 8.49 7.15
CA GLU A 375 42.43 8.54 8.52
C GLU A 375 41.73 9.58 9.39
N VAL A 376 41.18 10.61 8.75
CA VAL A 376 40.52 11.69 9.48
C VAL A 376 39.21 11.24 10.16
N LEU A 377 38.68 10.12 9.71
CA LEU A 377 37.45 9.57 10.28
C LEU A 377 37.73 8.82 11.58
N LYS A 378 39.00 8.68 11.92
CA LYS A 378 39.38 7.96 13.13
C LYS A 378 39.27 8.87 14.36
N ASN A 379 39.06 10.15 14.12
CA ASN A 379 38.92 11.13 15.19
C ASN A 379 37.55 11.04 15.87
N PRO A 380 37.55 10.81 17.18
CA PRO A 380 36.33 10.66 17.99
C PRO A 380 35.47 11.92 18.05
N GLU A 381 35.98 13.06 17.60
CA GLU A 381 35.19 14.29 17.57
C GLU A 381 34.29 14.36 16.33
N VAL A 382 34.57 13.49 15.37
CA VAL A 382 33.71 13.35 14.18
C VAL A 382 32.50 12.49 14.52
N LYS A 383 31.31 13.06 14.33
CA LYS A 383 30.08 12.37 14.70
C LYS A 383 29.07 12.33 13.57
N SER A 384 29.56 12.16 12.34
CA SER A 384 28.72 11.94 11.19
C SER A 384 28.30 10.47 11.12
N LEU A 385 27.19 10.20 10.44
CA LEU A 385 26.75 8.83 10.20
C LEU A 385 27.80 8.08 9.40
N LEU A 386 28.49 8.80 8.52
CA LEU A 386 29.60 8.25 7.75
C LEU A 386 30.64 7.61 8.66
N ARG A 387 31.01 8.32 9.71
CA ARG A 387 32.01 7.84 10.65
C ARG A 387 31.45 6.67 11.46
N LYS A 388 30.17 6.76 11.78
CA LYS A 388 29.51 5.77 12.65
C LYS A 388 29.47 4.38 12.01
N TYR A 389 29.27 4.31 10.70
CA TYR A 389 29.03 3.05 10.03
C TYR A 389 30.16 2.57 9.10
N LEU A 390 30.98 3.50 8.61
CA LEU A 390 32.06 3.12 7.70
C LEU A 390 33.33 2.68 8.44
N THR A 391 33.50 1.37 8.58
CA THR A 391 34.69 0.78 9.20
C THR A 391 35.77 0.53 8.15
N PRO A 392 37.03 0.37 8.58
CA PRO A 392 38.09 0.03 7.64
C PRO A 392 37.83 -1.27 6.89
N GLU A 393 37.26 -2.26 7.56
CA GLU A 393 36.92 -3.54 6.91
C GLU A 393 35.85 -3.34 5.84
N LEU A 394 34.83 -2.56 6.18
CA LEU A 394 33.79 -2.23 5.22
C LEU A 394 34.34 -1.41 4.06
N PHE A 395 35.21 -0.47 4.37
CA PHE A 395 35.86 0.34 3.34
C PHE A 395 36.66 -0.54 2.39
N ASP A 396 37.50 -1.41 2.94
CA ASP A 396 38.35 -2.29 2.14
C ASP A 396 37.54 -3.29 1.31
N SER A 397 36.32 -3.59 1.72
CA SER A 397 35.47 -4.52 0.99
C SER A 397 34.80 -3.86 -0.21
N LEU A 398 34.63 -2.55 -0.14
CA LEU A 398 33.84 -1.82 -1.14
C LEU A 398 34.67 -0.91 -2.06
N LYS A 399 35.91 -0.62 -1.67
CA LYS A 399 36.69 0.46 -2.29
C LYS A 399 37.08 0.26 -3.76
N ASP A 400 37.15 -0.99 -4.21
CA ASP A 400 37.57 -1.27 -5.58
C ASP A 400 36.38 -1.40 -6.53
N LYS A 401 35.18 -1.34 -5.97
CA LYS A 401 33.95 -1.48 -6.74
C LYS A 401 33.49 -0.14 -7.31
N LYS A 402 32.93 -0.20 -8.53
CA LYS A 402 32.37 0.98 -9.17
C LYS A 402 31.07 0.61 -9.88
N THR A 403 30.12 1.54 -9.88
CA THR A 403 28.84 1.32 -10.56
C THR A 403 29.06 1.39 -12.07
N ALA A 404 28.01 1.08 -12.83
CA ALA A 404 28.10 1.10 -14.29
C ALA A 404 28.42 2.50 -14.84
N LYS A 405 28.17 3.53 -14.04
CA LYS A 405 28.45 4.91 -14.41
C LYS A 405 29.83 5.35 -13.93
N GLY A 406 30.51 4.48 -13.21
CA GLY A 406 31.83 4.78 -12.68
C GLY A 406 31.81 5.52 -11.36
N ILE A 407 30.71 5.37 -10.62
CA ILE A 407 30.63 5.96 -9.29
C ILE A 407 31.25 5.02 -8.27
N SER A 408 32.20 5.54 -7.49
CA SER A 408 32.86 4.73 -6.48
C SER A 408 32.29 5.02 -5.10
N LEU A 409 32.69 4.20 -4.13
CA LEU A 409 32.32 4.45 -2.74
C LEU A 409 32.89 5.79 -2.29
N TYR A 410 34.12 6.07 -2.70
CA TYR A 410 34.78 7.31 -2.29
C TYR A 410 34.09 8.53 -2.88
N ASP A 411 33.56 8.39 -4.09
CA ASP A 411 32.73 9.43 -4.68
C ASP A 411 31.55 9.75 -3.76
N CYS A 412 30.96 8.69 -3.21
CA CYS A 412 29.77 8.81 -2.38
C CYS A 412 30.03 9.43 -1.01
N ILE A 413 31.20 9.14 -0.43
CA ILE A 413 31.51 9.62 0.92
C ILE A 413 32.40 10.86 0.92
N ASN A 414 32.73 11.36 -0.27
CA ASN A 414 33.68 12.46 -0.41
C ASN A 414 33.31 13.72 0.38
N SER A 415 32.03 14.09 0.36
CA SER A 415 31.57 15.27 1.08
C SER A 415 31.73 15.12 2.60
N GLY A 416 31.56 13.89 3.08
CA GLY A 416 31.72 13.62 4.50
C GLY A 416 33.16 13.58 4.94
N VAL A 417 34.06 13.26 4.00
CA VAL A 417 35.49 13.22 4.29
C VAL A 417 36.11 14.62 4.15
N GLU A 418 35.62 15.39 3.17
CA GLU A 418 36.07 16.76 2.98
C GLU A 418 35.46 17.70 4.01
N ASN A 419 34.21 17.44 4.38
CA ASN A 419 33.55 18.20 5.45
C ASN A 419 33.31 17.32 6.67
N LEU A 420 34.25 17.35 7.62
CA LEU A 420 34.19 16.48 8.79
C LEU A 420 32.99 16.75 9.69
N ASP A 421 32.39 17.93 9.53
CA ASP A 421 31.26 18.32 10.35
C ASP A 421 29.92 17.99 9.71
N SER A 422 29.95 17.04 8.79
CA SER A 422 28.73 16.57 8.14
C SER A 422 27.83 15.85 9.15
N SER A 423 26.52 15.92 8.94
CA SER A 423 25.57 15.17 9.76
C SER A 423 25.47 13.76 9.21
N CYS A 424 25.35 13.67 7.90
CA CYS A 424 25.35 12.39 7.20
C CYS A 424 26.69 12.18 6.51
N GLY A 425 26.95 12.95 5.46
CA GLY A 425 28.24 12.90 4.78
C GLY A 425 28.30 11.97 3.58
N VAL A 426 27.17 11.34 3.27
CA VAL A 426 27.13 10.37 2.17
C VAL A 426 26.04 10.72 1.15
N TYR A 427 26.43 10.75 -0.13
CA TYR A 427 25.52 11.04 -1.23
C TYR A 427 25.54 9.89 -2.23
N ALA A 428 24.44 9.70 -2.96
CA ALA A 428 24.40 8.69 -4.01
C ALA A 428 24.54 9.35 -5.38
N GLY A 429 25.50 8.88 -6.17
CA GLY A 429 25.72 9.42 -7.50
C GLY A 429 24.71 8.88 -8.50
N ASP A 430 24.29 7.64 -8.28
CA ASP A 430 23.22 7.05 -9.08
C ASP A 430 22.42 6.02 -8.27
N GLU A 431 21.39 5.46 -8.90
CA GLU A 431 20.53 4.46 -8.26
C GLU A 431 21.32 3.23 -7.82
N GLU A 432 22.27 2.81 -8.64
CA GLU A 432 23.03 1.60 -8.36
C GLU A 432 23.83 1.69 -7.07
N CYS A 433 24.18 2.91 -6.67
CA CYS A 433 24.91 3.14 -5.42
C CYS A 433 24.17 2.55 -4.21
N TYR A 434 22.86 2.73 -4.18
CA TYR A 434 22.04 2.23 -3.08
C TYR A 434 22.09 0.70 -2.97
N THR A 435 22.46 0.04 -4.06
CA THR A 435 22.57 -1.42 -4.09
C THR A 435 24.02 -1.88 -3.95
N LEU A 436 24.89 -1.39 -4.82
CA LEU A 436 26.30 -1.77 -4.80
C LEU A 436 26.98 -1.43 -3.48
N PHE A 437 26.60 -0.30 -2.89
CA PHE A 437 27.17 0.12 -1.61
C PHE A 437 26.15 -0.01 -0.49
N ALA A 438 25.22 -0.95 -0.64
CA ALA A 438 24.20 -1.23 0.38
C ALA A 438 24.71 -1.41 1.82
N PRO A 439 25.83 -2.12 2.02
CA PRO A 439 26.31 -2.26 3.41
C PRO A 439 26.59 -0.93 4.12
N LEU A 440 26.74 0.16 3.37
CA LEU A 440 26.84 1.48 3.99
C LEU A 440 25.50 2.21 3.94
N PHE A 441 24.92 2.27 2.75
CA PHE A 441 23.68 3.02 2.54
C PHE A 441 22.49 2.49 3.36
N ASP A 442 22.35 1.18 3.47
CA ASP A 442 21.27 0.59 4.28
C ASP A 442 21.29 1.07 5.73
N LYS A 443 22.48 1.07 6.32
CA LYS A 443 22.65 1.51 7.71
C LYS A 443 22.34 2.98 7.88
N ILE A 444 22.77 3.80 6.93
CA ILE A 444 22.53 5.23 6.95
C ILE A 444 21.03 5.54 6.77
N VAL A 445 20.41 4.88 5.81
CA VAL A 445 18.98 5.05 5.57
C VAL A 445 18.16 4.64 6.81
N GLU A 446 18.43 3.44 7.32
CA GLU A 446 17.68 2.92 8.47
C GLU A 446 17.98 3.66 9.77
N ASP A 447 19.13 4.34 9.84
CA ASP A 447 19.45 5.16 11.01
C ASP A 447 18.70 6.48 10.95
N TYR A 448 18.83 7.20 9.84
CA TYR A 448 18.19 8.50 9.69
C TYR A 448 16.67 8.39 9.61
N HIS A 449 16.19 7.29 9.02
CA HIS A 449 14.75 7.09 8.86
C HIS A 449 14.19 6.08 9.86
N SER A 450 14.93 5.85 10.93
CA SER A 450 14.49 4.96 12.01
C SER A 450 13.10 5.38 12.50
N PRO A 451 12.22 4.41 12.76
CA PRO A 451 12.47 2.96 12.75
C PRO A 451 12.04 2.26 11.46
N TYR A 452 12.07 2.94 10.31
CA TYR A 452 11.72 2.29 9.05
C TYR A 452 12.73 1.20 8.71
N LYS A 453 12.22 0.05 8.27
CA LYS A 453 13.08 -1.02 7.77
C LYS A 453 12.90 -1.16 6.26
N LEU A 454 14.01 -1.34 5.55
CA LEU A 454 13.98 -1.45 4.10
C LEU A 454 13.16 -2.65 3.63
N ALA A 455 13.08 -3.66 4.48
CA ALA A 455 12.31 -4.86 4.18
C ALA A 455 10.81 -4.55 4.11
N ASN A 456 10.38 -3.55 4.88
CA ASN A 456 8.97 -3.16 4.91
C ASN A 456 8.46 -2.68 3.56
N LYS A 457 9.36 -2.11 2.77
CA LYS A 457 9.04 -1.51 1.47
C LYS A 457 8.22 -0.23 1.62
N HIS A 458 8.08 0.51 0.53
CA HIS A 458 7.45 1.83 0.56
C HIS A 458 6.34 1.96 -0.49
N THR A 459 5.23 2.60 -0.11
CA THR A 459 4.11 2.81 -1.01
C THR A 459 3.96 4.29 -1.38
N SER A 460 4.13 4.59 -2.67
CA SER A 460 3.89 5.95 -3.16
C SER A 460 2.42 6.11 -3.53
N ASP A 461 1.87 7.31 -3.33
CA ASP A 461 0.47 7.57 -3.67
C ASP A 461 0.23 9.07 -3.82
N MET A 462 0.03 9.50 -5.06
CA MET A 462 -0.17 10.91 -5.38
C MET A 462 -1.60 11.19 -5.84
N ASN A 463 -2.58 10.55 -5.20
CA ASN A 463 -3.98 10.82 -5.49
C ASN A 463 -4.58 11.76 -4.45
N PRO A 464 -4.77 13.04 -4.84
CA PRO A 464 -5.26 14.07 -3.91
C PRO A 464 -6.72 13.85 -3.49
N GLU A 465 -7.44 13.02 -4.23
CA GLU A 465 -8.85 12.75 -3.93
C GLU A 465 -9.00 11.80 -2.75
N LYS A 466 -7.90 11.22 -2.30
CA LYS A 466 -7.92 10.30 -1.16
C LYS A 466 -7.63 11.05 0.14
N VAL A 467 -7.44 12.36 0.03
CA VAL A 467 -7.28 13.22 1.20
C VAL A 467 -8.61 13.88 1.52
N ASP A 468 -9.06 13.71 2.76
CA ASP A 468 -10.27 14.37 3.24
C ASP A 468 -9.86 15.46 4.23
N ALA A 469 -9.72 16.68 3.73
CA ALA A 469 -9.16 17.77 4.53
C ALA A 469 -9.94 19.08 4.41
N PRO A 470 -11.15 19.14 5.00
CA PRO A 470 -11.92 20.39 5.01
C PRO A 470 -11.12 21.52 5.64
N ASN A 471 -11.25 22.75 5.13
CA ASN A 471 -10.39 23.86 5.56
C ASN A 471 -10.48 24.16 7.06
N LEU A 472 -9.31 24.21 7.69
CA LEU A 472 -9.18 24.33 9.14
C LEU A 472 -9.41 25.75 9.65
N ASP A 473 -8.70 26.71 9.06
CA ASP A 473 -8.70 28.07 9.57
C ASP A 473 -8.91 29.12 8.47
N PRO A 474 -10.12 29.17 7.90
CA PRO A 474 -10.42 30.13 6.82
C PRO A 474 -10.36 31.60 7.25
N GLU A 475 -10.44 31.87 8.54
CA GLU A 475 -10.21 33.23 9.02
C GLU A 475 -8.72 33.52 9.01
N GLY A 476 -7.91 32.47 9.10
CA GLY A 476 -6.48 32.61 9.23
C GLY A 476 -6.11 33.08 10.63
N THR A 477 -6.86 32.60 11.63
CA THR A 477 -6.63 32.98 13.02
C THR A 477 -5.29 32.50 13.55
N TYR A 478 -4.92 31.27 13.19
CA TYR A 478 -3.69 30.66 13.68
C TYR A 478 -2.75 30.28 12.53
N ILE A 479 -3.21 29.42 11.64
CA ILE A 479 -2.42 29.00 10.49
C ILE A 479 -2.21 30.18 9.54
N ARG A 480 -0.94 30.53 9.28
CA ARG A 480 -0.64 31.67 8.43
C ARG A 480 -0.25 31.32 6.99
N SER A 481 0.35 30.14 6.78
CA SER A 481 0.66 29.68 5.43
C SER A 481 0.89 28.17 5.34
N THR A 482 0.72 27.61 4.13
CA THR A 482 0.83 26.18 3.91
C THR A 482 1.71 25.84 2.71
N ARG A 483 2.80 25.12 2.97
CA ARG A 483 3.78 24.81 1.93
C ARG A 483 4.04 23.31 1.82
N ILE A 484 3.93 22.77 0.60
CA ILE A 484 4.28 21.37 0.37
C ILE A 484 5.28 21.22 -0.78
N ARG A 485 6.43 20.61 -0.47
CA ARG A 485 7.51 20.41 -1.43
C ARG A 485 7.72 18.93 -1.68
N VAL A 486 8.00 18.56 -2.93
CA VAL A 486 8.45 17.21 -3.27
C VAL A 486 9.75 17.27 -4.05
N ALA A 487 10.67 16.38 -3.72
CA ALA A 487 11.91 16.22 -4.49
C ALA A 487 11.78 15.00 -5.39
N ARG A 488 12.08 15.17 -6.67
CA ARG A 488 12.02 14.07 -7.62
C ARG A 488 13.24 14.08 -8.53
N ASN A 489 13.65 12.91 -9.01
CA ASN A 489 14.69 12.82 -10.01
C ASN A 489 14.20 12.04 -11.24
N VAL A 490 14.65 12.47 -12.42
CA VAL A 490 14.15 11.91 -13.67
C VAL A 490 14.73 10.54 -13.98
N LYS A 491 13.83 9.59 -14.27
CA LYS A 491 14.20 8.22 -14.60
C LYS A 491 15.11 8.15 -15.83
N GLY A 492 16.11 7.26 -15.77
CA GLY A 492 16.98 7.03 -16.90
C GLY A 492 18.34 7.68 -16.76
N TYR A 493 18.44 8.61 -15.81
CA TYR A 493 19.69 9.33 -15.59
C TYR A 493 20.35 8.92 -14.29
N ALA A 494 21.56 9.43 -14.08
CA ALA A 494 22.21 9.31 -12.78
C ALA A 494 21.45 10.23 -11.82
N LEU A 495 21.88 10.24 -10.57
CA LEU A 495 21.37 11.23 -9.63
C LEU A 495 22.25 12.47 -9.76
N THR A 496 21.84 13.57 -9.12
CA THR A 496 22.52 14.85 -9.25
C THR A 496 24.06 14.84 -9.09
N PRO A 497 24.58 14.15 -8.05
CA PRO A 497 26.04 14.15 -7.92
C PRO A 497 26.76 13.43 -9.06
N GLY A 498 26.08 12.53 -9.76
CA GLY A 498 26.72 11.73 -10.79
C GLY A 498 26.46 12.17 -12.22
N LEU A 499 25.75 13.28 -12.38
CA LEU A 499 25.34 13.75 -13.70
C LEU A 499 26.52 14.18 -14.58
N THR A 500 26.47 13.80 -15.85
CA THR A 500 27.39 14.33 -16.85
C THR A 500 26.80 15.62 -17.40
N ARG A 501 27.62 16.40 -18.11
CA ARG A 501 27.15 17.65 -18.70
C ARG A 501 25.93 17.47 -19.58
N ASN A 502 25.99 16.49 -20.47
CA ASN A 502 24.92 16.27 -21.44
C ASN A 502 23.63 15.76 -20.80
N GLU A 503 23.76 14.95 -19.76
CA GLU A 503 22.61 14.51 -18.98
C GLU A 503 21.88 15.70 -18.38
N ARG A 504 22.64 16.59 -17.74
CA ARG A 504 22.06 17.75 -17.05
C ARG A 504 21.30 18.65 -18.03
N LEU A 505 21.90 18.92 -19.19
CA LEU A 505 21.25 19.72 -20.22
C LEU A 505 20.02 19.01 -20.79
N ASP A 506 20.13 17.69 -20.97
CA ASP A 506 19.02 16.91 -21.49
C ASP A 506 17.83 16.92 -20.54
N ILE A 507 18.11 16.83 -19.24
CA ILE A 507 17.08 16.90 -18.21
C ILE A 507 16.40 18.28 -18.22
N GLU A 508 17.18 19.33 -18.30
CA GLU A 508 16.64 20.68 -18.38
C GLU A 508 15.70 20.83 -19.58
N ARG A 509 16.15 20.35 -20.74
CA ARG A 509 15.38 20.49 -21.98
C ARG A 509 14.05 19.74 -21.90
N LYS A 510 14.07 18.52 -21.37
CA LYS A 510 12.87 17.71 -21.26
C LYS A 510 11.86 18.31 -20.27
N VAL A 511 12.34 18.68 -19.09
CA VAL A 511 11.49 19.23 -18.04
C VAL A 511 10.86 20.57 -18.45
N VAL A 512 11.68 21.45 -19.02
CA VAL A 512 11.18 22.73 -19.53
C VAL A 512 10.15 22.49 -20.64
N GLY A 513 10.38 21.45 -21.43
CA GLY A 513 9.44 21.05 -22.46
C GLY A 513 8.10 20.63 -21.89
N VAL A 514 8.13 19.99 -20.72
CA VAL A 514 6.91 19.56 -20.05
C VAL A 514 6.21 20.74 -19.37
N LEU A 515 6.98 21.50 -18.59
CA LEU A 515 6.45 22.64 -17.84
C LEU A 515 5.81 23.71 -18.72
N SER A 516 6.28 23.82 -19.96
CA SER A 516 5.73 24.80 -20.90
C SER A 516 4.42 24.31 -21.51
N SER A 517 4.07 23.05 -21.23
CA SER A 517 2.82 22.48 -21.74
C SER A 517 1.75 22.54 -20.66
N LEU A 518 2.14 22.98 -19.47
CA LEU A 518 1.23 23.09 -18.34
C LEU A 518 0.19 24.20 -18.57
N THR A 519 -1.08 23.84 -18.37
CA THR A 519 -2.19 24.76 -18.60
C THR A 519 -2.85 25.17 -17.29
N GLY A 520 -3.96 25.91 -17.39
CA GLY A 520 -4.65 26.39 -16.21
C GLY A 520 -3.77 27.28 -15.35
N ASP A 521 -3.85 27.07 -14.04
CA ASP A 521 -3.02 27.82 -13.09
C ASP A 521 -1.62 27.21 -12.94
N LEU A 522 -1.32 26.21 -13.75
CA LEU A 522 0.02 25.63 -13.78
C LEU A 522 0.88 26.34 -14.82
N ALA A 523 0.22 27.12 -15.68
CA ALA A 523 0.90 27.91 -16.68
C ALA A 523 1.86 28.90 -16.03
N GLY A 524 3.02 29.08 -16.66
CA GLY A 524 4.02 30.02 -16.19
C GLY A 524 5.13 30.06 -17.22
N GLN A 525 6.29 30.56 -16.82
CA GLN A 525 7.45 30.49 -17.72
C GLN A 525 8.71 30.12 -16.97
N TYR A 526 9.77 29.87 -17.72
CA TYR A 526 11.02 29.37 -17.17
C TYR A 526 12.10 30.44 -17.15
N TYR A 527 12.78 30.56 -16.01
CA TYR A 527 13.89 31.50 -15.87
C TYR A 527 15.20 30.76 -15.65
N PRO A 528 15.94 30.50 -16.74
CA PRO A 528 17.24 29.82 -16.63
C PRO A 528 18.24 30.70 -15.90
N LEU A 529 19.08 30.11 -15.06
CA LEU A 529 20.08 30.86 -14.32
C LEU A 529 21.17 31.37 -15.26
N THR A 530 21.36 30.66 -16.38
CA THR A 530 22.31 31.05 -17.40
C THR A 530 21.67 32.05 -18.36
N GLY A 531 22.18 33.27 -18.37
CA GLY A 531 21.62 34.33 -19.18
C GLY A 531 20.60 35.12 -18.36
N MET A 532 20.74 35.06 -17.04
CA MET A 532 19.87 35.81 -16.15
C MET A 532 20.41 37.22 -15.94
N ASP A 533 19.70 38.20 -16.48
CA ASP A 533 20.10 39.60 -16.33
C ASP A 533 19.90 40.08 -14.90
N GLU A 534 19.94 41.40 -14.72
CA GLU A 534 19.81 41.99 -13.39
C GLU A 534 18.36 42.17 -12.98
N ALA A 535 17.55 42.70 -13.89
CA ALA A 535 16.14 42.97 -13.61
C ALA A 535 15.35 41.70 -13.27
N THR A 536 15.68 40.60 -13.94
CA THR A 536 15.01 39.32 -13.71
C THR A 536 15.42 38.70 -12.38
N ARG A 537 16.70 38.81 -12.03
CA ARG A 537 17.21 38.23 -10.80
C ARG A 537 16.58 38.83 -9.54
N GLN A 538 16.92 40.09 -9.25
CA GLN A 538 16.47 40.77 -8.03
C GLN A 538 14.95 40.68 -7.81
N LYS A 539 14.19 40.65 -8.90
CA LYS A 539 12.75 40.45 -8.81
C LYS A 539 12.42 39.11 -8.15
N LEU A 540 12.78 38.03 -8.85
CA LEU A 540 12.59 36.67 -8.37
C LEU A 540 13.06 36.46 -6.92
N VAL A 541 14.10 37.19 -6.54
CA VAL A 541 14.63 37.14 -5.17
C VAL A 541 13.64 37.70 -4.16
N ASN A 542 12.99 38.82 -4.51
CA ASN A 542 11.96 39.42 -3.67
C ASN A 542 10.86 38.42 -3.34
N ASP A 543 10.52 37.58 -4.32
CA ASP A 543 9.53 36.53 -4.14
C ASP A 543 10.12 35.36 -3.35
N HIS A 544 11.42 35.42 -3.10
CA HIS A 544 12.18 34.32 -2.50
C HIS A 544 12.05 33.04 -3.33
N PHE A 545 12.20 33.19 -4.65
CA PHE A 545 12.11 32.08 -5.58
C PHE A 545 13.51 31.65 -6.03
N LEU A 546 14.46 32.59 -5.95
CA LEU A 546 15.81 32.34 -6.41
C LEU A 546 16.57 31.40 -5.48
N PHE A 547 17.22 30.41 -6.08
CA PHE A 547 18.18 29.59 -5.35
C PHE A 547 19.58 29.92 -5.86
N LYS A 548 20.56 29.86 -4.97
CA LYS A 548 21.94 30.16 -5.34
C LYS A 548 22.78 28.90 -5.48
N LYS A 549 24.07 29.07 -5.72
CA LYS A 549 25.00 27.96 -5.82
C LYS A 549 25.02 27.17 -4.51
N GLY A 550 25.34 25.88 -4.60
CA GLY A 550 25.38 25.03 -3.43
C GLY A 550 26.49 25.42 -2.45
N ASP A 551 26.42 24.86 -1.25
CA ASP A 551 27.45 25.12 -0.25
C ASP A 551 28.61 24.15 -0.36
N ARG A 552 29.52 24.17 0.62
CA ARG A 552 30.70 23.32 0.62
C ARG A 552 30.36 21.83 0.65
N PHE A 553 29.22 21.50 1.25
CA PHE A 553 28.80 20.11 1.32
C PHE A 553 28.38 19.57 -0.04
N LEU A 554 27.63 20.38 -0.77
CA LEU A 554 27.17 20.02 -2.11
C LEU A 554 28.31 20.06 -3.13
N GLU A 555 29.18 21.05 -2.98
CA GLU A 555 30.35 21.19 -3.84
C GLU A 555 31.20 19.91 -3.78
N ALA A 556 31.48 19.46 -2.57
CA ALA A 556 32.27 18.25 -2.37
C ALA A 556 31.54 16.99 -2.85
N ALA A 557 30.23 17.10 -3.00
CA ALA A 557 29.41 15.98 -3.46
C ALA A 557 29.37 15.90 -4.98
N GLY A 558 29.68 17.01 -5.65
CA GLY A 558 29.66 17.05 -7.09
C GLY A 558 28.39 17.65 -7.66
N VAL A 559 27.64 18.33 -6.81
CA VAL A 559 26.34 18.89 -7.19
C VAL A 559 26.46 20.22 -7.96
N ASN A 560 27.55 20.94 -7.70
CA ASN A 560 27.75 22.26 -8.32
C ASN A 560 28.52 22.25 -9.65
N LYS A 561 28.72 21.07 -10.24
CA LYS A 561 29.43 20.96 -11.51
C LYS A 561 28.84 21.83 -12.62
N LEU A 562 29.72 22.57 -13.30
CA LEU A 562 29.34 23.38 -14.44
C LEU A 562 28.31 24.47 -14.10
N TRP A 563 28.26 24.84 -12.82
CA TRP A 563 27.36 25.90 -12.38
C TRP A 563 27.56 27.16 -13.23
N PRO A 564 26.47 27.78 -13.69
CA PRO A 564 25.07 27.44 -13.41
C PRO A 564 24.37 26.76 -14.59
N GLU A 565 25.14 26.08 -15.45
CA GLU A 565 24.58 25.48 -16.67
C GLU A 565 23.48 24.45 -16.39
N GLY A 566 22.34 24.61 -17.05
CA GLY A 566 21.26 23.63 -16.95
C GLY A 566 20.37 23.83 -15.74
N ARG A 567 20.67 24.83 -14.92
CA ARG A 567 19.84 25.16 -13.76
C ARG A 567 18.83 26.24 -14.13
N GLY A 568 17.71 26.28 -13.41
CA GLY A 568 16.72 27.31 -13.65
C GLY A 568 15.50 27.22 -12.75
N ILE A 569 14.61 28.19 -12.92
CA ILE A 569 13.44 28.32 -12.07
C ILE A 569 12.19 28.49 -12.91
N PHE A 570 11.15 27.74 -12.57
CA PHE A 570 9.84 27.88 -13.19
C PHE A 570 8.84 28.26 -12.11
N HIS A 571 8.03 29.28 -12.36
CA HIS A 571 6.89 29.57 -11.48
C HIS A 571 5.66 29.98 -12.27
N ASN A 572 4.49 29.76 -11.69
CA ASN A 572 3.24 30.17 -12.31
C ASN A 572 2.95 31.66 -12.04
N ASN A 573 1.93 32.17 -12.72
CA ASN A 573 1.56 33.59 -12.59
C ASN A 573 1.11 33.94 -11.17
N ASP A 574 0.26 33.09 -10.61
CA ASP A 574 -0.26 33.27 -9.25
C ASP A 574 0.84 33.07 -8.20
N LYS A 575 2.01 32.63 -8.64
CA LYS A 575 3.15 32.33 -7.74
C LYS A 575 2.81 31.26 -6.70
N THR A 576 1.85 30.40 -7.04
CA THR A 576 1.46 29.28 -6.19
C THR A 576 2.27 28.02 -6.50
N PHE A 577 2.69 27.89 -7.75
CA PHE A 577 3.37 26.68 -8.23
C PHE A 577 4.80 26.98 -8.72
N LEU A 578 5.77 26.41 -8.03
CA LEU A 578 7.18 26.72 -8.28
C LEU A 578 8.00 25.45 -8.52
N VAL A 579 8.95 25.52 -9.45
CA VAL A 579 9.83 24.40 -9.76
C VAL A 579 11.29 24.82 -9.87
N TRP A 580 12.15 24.15 -9.10
CA TRP A 580 13.59 24.32 -9.24
C TRP A 580 14.15 23.15 -10.04
N ILE A 581 14.87 23.45 -11.12
CA ILE A 581 15.42 22.42 -11.98
C ILE A 581 16.91 22.26 -11.75
N ASN A 582 17.33 21.02 -11.48
CA ASN A 582 18.74 20.70 -11.29
C ASN A 582 19.44 21.44 -10.15
N GLU A 583 18.72 21.65 -9.05
CA GLU A 583 19.34 22.15 -7.83
C GLU A 583 19.99 20.97 -7.12
N GLU A 584 19.50 20.67 -5.91
CA GLU A 584 20.02 19.56 -5.13
C GLU A 584 19.52 18.23 -5.69
N ASP A 585 18.24 18.21 -6.04
CA ASP A 585 17.69 17.12 -6.84
C ASP A 585 17.33 17.70 -8.20
N GLN A 586 17.06 16.83 -9.18
CA GLN A 586 16.77 17.29 -10.53
C GLN A 586 15.49 18.10 -10.60
N LEU A 587 14.53 17.76 -9.74
CA LEU A 587 13.27 18.48 -9.65
C LEU A 587 12.90 18.76 -8.21
N ARG A 588 12.84 20.04 -7.84
CA ARG A 588 12.25 20.40 -6.57
C ARG A 588 10.96 21.16 -6.85
N ILE A 589 9.84 20.51 -6.58
CA ILE A 589 8.54 21.04 -6.94
C ILE A 589 7.78 21.54 -5.72
N ILE A 590 7.36 22.78 -5.77
CA ILE A 590 6.71 23.42 -4.63
C ILE A 590 5.33 23.97 -4.99
N SER A 591 4.35 23.67 -4.15
CA SER A 591 3.04 24.30 -4.22
C SER A 591 2.80 24.94 -2.87
N MET A 592 2.38 26.21 -2.86
CA MET A 592 2.19 26.94 -1.61
C MET A 592 1.16 28.04 -1.80
N GLU A 593 0.49 28.44 -0.72
CA GLU A 593 -0.48 29.53 -0.75
C GLU A 593 -0.98 30.00 0.61
N LYS A 594 -1.75 31.10 0.56
CA LYS A 594 -2.63 31.59 1.60
C LYS A 594 -2.31 31.23 3.04
N GLY A 595 -3.22 30.50 3.68
CA GLY A 595 -3.06 30.14 5.08
C GLY A 595 -3.19 28.66 5.35
N SER A 596 -4.42 28.14 5.30
CA SER A 596 -4.73 26.82 5.83
C SER A 596 -4.97 25.68 4.84
N ASP A 597 -5.57 25.97 3.69
CA ASP A 597 -6.08 24.92 2.79
C ASP A 597 -5.02 23.91 2.31
N ILE A 598 -4.62 23.04 3.23
CA ILE A 598 -3.68 21.95 2.94
C ILE A 598 -4.18 21.11 1.76
N GLY A 599 -5.50 20.92 1.70
CA GLY A 599 -6.10 20.12 0.64
C GLY A 599 -5.99 20.72 -0.75
N SER A 600 -5.84 22.05 -0.81
CA SER A 600 -5.72 22.75 -2.10
C SER A 600 -4.29 22.67 -2.64
N VAL A 601 -3.33 22.94 -1.75
CA VAL A 601 -1.91 22.87 -2.09
C VAL A 601 -1.56 21.52 -2.70
N PHE A 602 -1.99 20.46 -2.01
CA PHE A 602 -1.68 19.09 -2.41
C PHE A 602 -2.34 18.73 -3.74
N GLY A 603 -3.57 19.20 -3.95
CA GLY A 603 -4.25 18.99 -5.22
C GLY A 603 -3.49 19.60 -6.37
N ARG A 604 -3.05 20.84 -6.20
CA ARG A 604 -2.22 21.51 -7.19
C ARG A 604 -0.92 20.75 -7.42
N LEU A 605 -0.27 20.33 -6.33
CA LEU A 605 0.99 19.60 -6.42
C LEU A 605 0.85 18.33 -7.24
N CYS A 606 -0.21 17.57 -6.95
CA CYS A 606 -0.44 16.29 -7.63
C CYS A 606 -0.73 16.46 -9.12
N ARG A 607 -1.47 17.50 -9.46
CA ARG A 607 -1.79 17.79 -10.86
C ARG A 607 -0.52 17.98 -11.70
N ALA A 608 0.43 18.72 -11.14
CA ALA A 608 1.68 19.00 -11.85
C ALA A 608 2.64 17.80 -11.83
N VAL A 609 2.83 17.21 -10.66
CA VAL A 609 3.76 16.10 -10.48
C VAL A 609 3.37 14.85 -11.29
N ASN A 610 2.11 14.47 -11.22
CA ASN A 610 1.62 13.31 -11.98
C ASN A 610 1.78 13.50 -13.49
N GLU A 611 1.64 14.73 -13.96
CA GLU A 611 1.80 15.04 -15.39
C GLU A 611 3.27 14.91 -15.81
N ILE A 612 4.17 15.38 -14.94
CA ILE A 612 5.60 15.24 -15.17
C ILE A 612 5.98 13.76 -15.16
N ASP A 613 5.41 13.04 -14.20
CA ASP A 613 5.63 11.61 -14.06
C ASP A 613 5.20 10.88 -15.34
N LYS A 614 4.04 11.26 -15.87
CA LYS A 614 3.50 10.64 -17.06
C LYS A 614 4.38 10.85 -18.30
N GLN A 615 5.00 12.03 -18.40
CA GLN A 615 5.80 12.37 -19.59
C GLN A 615 7.24 11.87 -19.52
N LEU A 616 7.83 11.87 -18.32
CA LEU A 616 9.25 11.59 -18.17
C LEU A 616 9.53 10.34 -17.33
N GLY A 617 8.83 10.21 -16.20
CA GLY A 617 9.11 9.14 -15.26
C GLY A 617 10.07 9.60 -14.17
N PHE A 618 9.98 8.95 -13.01
CA PHE A 618 10.84 9.28 -11.87
C PHE A 618 11.65 8.06 -11.42
N GLN A 619 12.83 8.30 -10.86
CA GLN A 619 13.61 7.21 -10.27
C GLN A 619 12.97 6.77 -8.95
N HIS A 620 12.77 5.47 -8.80
CA HIS A 620 11.91 4.95 -7.75
C HIS A 620 12.17 3.47 -7.52
N THR A 621 12.23 3.05 -6.26
CA THR A 621 12.29 1.62 -5.92
C THR A 621 11.23 1.28 -4.88
N ASP A 622 10.96 -0.01 -4.70
CA ASP A 622 10.04 -0.45 -3.66
C ASP A 622 10.60 -0.15 -2.27
N ALA A 623 11.90 -0.34 -2.12
CA ALA A 623 12.56 -0.22 -0.83
C ALA A 623 12.84 1.21 -0.40
N HIS A 624 13.17 2.07 -1.36
CA HIS A 624 13.60 3.43 -1.02
C HIS A 624 12.57 4.51 -1.39
N GLY A 625 11.50 4.11 -2.09
CA GLY A 625 10.56 5.07 -2.62
C GLY A 625 11.22 5.89 -3.71
N TYR A 626 10.92 7.19 -3.75
CA TYR A 626 11.58 8.06 -4.74
C TYR A 626 13.05 8.33 -4.38
N LEU A 627 13.92 8.09 -5.36
CA LEU A 627 15.36 8.19 -5.14
C LEU A 627 15.85 9.62 -5.21
N SER A 628 16.89 9.90 -4.44
CA SER A 628 17.53 11.21 -4.42
C SER A 628 19.02 11.03 -4.14
N GLY A 629 19.82 12.02 -4.53
CA GLY A 629 21.24 12.00 -4.23
C GLY A 629 21.49 11.96 -2.74
N CYS A 630 20.62 12.61 -1.98
N CYS A 630 20.62 12.62 -1.97
CA CYS A 630 20.73 12.64 -0.52
CA CYS A 630 20.73 12.64 -0.52
C CYS A 630 19.67 11.77 0.15
C CYS A 630 19.66 11.76 0.14
N PRO A 631 20.11 10.76 0.90
CA PRO A 631 19.26 9.76 1.57
C PRO A 631 18.17 10.32 2.49
N THR A 632 18.31 11.57 2.93
CA THR A 632 17.29 12.19 3.77
C THR A 632 15.99 12.45 2.99
N ASN A 633 16.11 12.52 1.67
CA ASN A 633 15.00 12.86 0.80
C ASN A 633 14.34 11.68 0.10
N LEU A 634 14.54 10.47 0.63
CA LEU A 634 13.96 9.27 0.04
C LEU A 634 12.46 9.17 0.33
N GLY A 635 11.85 8.08 -0.14
CA GLY A 635 10.43 7.82 0.11
C GLY A 635 9.48 8.78 -0.60
N THR A 636 8.77 9.58 0.18
CA THR A 636 7.86 10.58 -0.37
C THR A 636 8.65 11.74 -0.96
N GLY A 637 9.88 11.92 -0.48
CA GLY A 637 10.69 13.06 -0.87
C GLY A 637 9.99 14.37 -0.56
N MET A 638 9.07 14.32 0.40
CA MET A 638 8.13 15.40 0.63
C MET A 638 8.33 16.11 1.97
N ARG A 639 8.19 17.43 1.95
CA ARG A 639 8.11 18.22 3.16
C ARG A 639 6.80 19.00 3.16
N ALA A 640 5.91 18.66 4.09
CA ALA A 640 4.69 19.41 4.31
C ALA A 640 4.86 20.28 5.54
N SER A 641 4.72 21.60 5.37
CA SER A 641 5.01 22.54 6.46
C SER A 641 3.87 23.51 6.74
N VAL A 642 3.60 23.74 8.02
CA VAL A 642 2.55 24.67 8.43
C VAL A 642 3.07 25.77 9.36
N HIS A 643 2.83 27.02 8.96
CA HIS A 643 3.11 28.19 9.81
C HIS A 643 1.85 28.51 10.60
N VAL A 644 1.90 28.37 11.91
CA VAL A 644 0.68 28.50 12.72
C VAL A 644 0.88 28.99 14.17
N LYS A 645 0.14 30.05 14.53
CA LYS A 645 0.21 30.62 15.87
C LYS A 645 -0.52 29.77 16.90
N ILE A 646 0.23 29.08 17.74
CA ILE A 646 -0.33 28.19 18.75
C ILE A 646 0.34 28.43 20.11
N PRO A 647 0.02 29.54 20.79
CA PRO A 647 0.66 29.87 22.06
C PRO A 647 0.19 28.96 23.19
N LYS A 648 -1.12 28.73 23.27
CA LYS A 648 -1.72 27.98 24.37
C LYS A 648 -1.40 26.48 24.38
N ALA A 649 -1.57 25.82 23.24
CA ALA A 649 -1.37 24.38 23.18
C ALA A 649 0.09 23.97 23.31
N SER A 650 1.00 24.88 22.96
CA SER A 650 2.44 24.59 22.99
C SER A 650 2.99 24.34 24.39
N ALA A 651 2.26 24.80 25.41
CA ALA A 651 2.67 24.62 26.80
C ALA A 651 1.83 23.53 27.50
N HIS A 652 0.78 23.07 26.82
CA HIS A 652 -0.12 22.05 27.37
C HIS A 652 0.60 20.70 27.45
N PRO A 653 0.31 19.91 28.49
CA PRO A 653 0.98 18.61 28.65
C PRO A 653 0.62 17.56 27.61
N ASP A 654 -0.25 17.90 26.66
CA ASP A 654 -0.60 16.97 25.58
C ASP A 654 0.17 17.29 24.30
N PHE A 655 0.71 18.49 24.21
CA PHE A 655 1.44 18.95 23.02
C PHE A 655 2.52 17.96 22.58
N GLN A 656 3.35 17.55 23.54
CA GLN A 656 4.41 16.59 23.26
C GLN A 656 3.83 15.20 22.94
N LYS A 657 2.72 14.86 23.60
CA LYS A 657 2.02 13.62 23.32
C LYS A 657 1.49 13.64 21.89
N ILE A 658 1.01 14.81 21.46
CA ILE A 658 0.45 15.00 20.13
C ILE A 658 1.52 14.86 19.03
N CYS A 659 2.60 15.62 19.15
CA CYS A 659 3.68 15.60 18.17
C CYS A 659 4.23 14.19 17.97
N ASP A 660 4.41 13.47 19.07
CA ASP A 660 4.91 12.10 19.02
C ASP A 660 3.89 11.12 18.43
N GLU A 661 2.61 11.38 18.68
CA GLU A 661 1.53 10.52 18.22
C GLU A 661 1.29 10.64 16.72
N PHE A 662 1.54 11.84 16.19
CA PHE A 662 1.31 12.09 14.77
C PHE A 662 2.64 12.24 14.03
N HIS A 663 3.72 12.07 14.78
CA HIS A 663 5.08 12.07 14.23
C HIS A 663 5.37 13.31 13.40
N ILE A 664 4.95 14.46 13.91
CA ILE A 664 5.29 15.74 13.31
C ILE A 664 6.18 16.54 14.27
N GLN A 665 6.96 17.47 13.73
CA GLN A 665 7.84 18.27 14.56
C GLN A 665 7.43 19.73 14.55
N ALA A 666 7.70 20.43 15.65
CA ALA A 666 7.38 21.85 15.77
C ALA A 666 8.64 22.65 16.04
N ARG A 667 8.82 23.74 15.29
CA ARG A 667 10.05 24.53 15.38
C ARG A 667 9.76 26.03 15.38
N GLY A 668 10.30 26.74 16.38
CA GLY A 668 10.14 28.17 16.47
C GLY A 668 10.85 28.90 15.34
N PHE A 684 7.22 28.90 14.78
CA PHE A 684 6.17 27.88 14.82
C PHE A 684 5.97 27.19 13.47
N ASP A 685 7.00 26.50 13.01
CA ASP A 685 6.91 25.71 11.79
C ASP A 685 6.45 24.29 12.13
N ILE A 686 5.32 23.88 11.56
CA ILE A 686 4.79 22.54 11.78
C ILE A 686 5.02 21.68 10.55
N SER A 687 5.88 20.67 10.67
CA SER A 687 6.24 19.85 9.52
C SER A 687 6.27 18.35 9.83
N ASN A 688 6.18 17.55 8.77
CA ASN A 688 6.21 16.10 8.89
C ASN A 688 7.61 15.62 9.21
N ARG A 689 7.71 14.56 10.00
CA ARG A 689 9.01 13.99 10.35
C ARG A 689 9.29 12.75 9.51
N ARG A 690 8.23 12.15 8.98
CA ARG A 690 8.34 10.90 8.25
C ARG A 690 8.38 11.11 6.74
N ARG A 691 9.12 10.24 6.05
CA ARG A 691 9.22 10.27 4.59
C ARG A 691 9.20 8.86 4.02
N LEU A 692 9.62 7.89 4.84
CA LEU A 692 9.68 6.51 4.41
C LEU A 692 8.72 5.62 5.20
N GLY A 693 7.97 4.77 4.48
CA GLY A 693 7.03 3.86 5.11
C GLY A 693 5.63 4.43 5.21
N LEU A 694 5.38 5.53 4.50
CA LEU A 694 4.05 6.13 4.41
C LEU A 694 3.88 6.82 3.07
N SER A 695 2.66 6.82 2.55
CA SER A 695 2.40 7.46 1.25
C SER A 695 2.29 8.97 1.41
N GLU A 696 2.33 9.68 0.30
CA GLU A 696 2.16 11.13 0.32
C GLU A 696 0.75 11.50 0.79
N VAL A 697 -0.24 10.70 0.39
CA VAL A 697 -1.61 10.86 0.86
C VAL A 697 -1.67 10.76 2.39
N GLN A 698 -1.03 9.73 2.93
CA GLN A 698 -1.02 9.47 4.36
C GLN A 698 -0.28 10.57 5.13
N CYS A 699 0.83 11.03 4.57
CA CYS A 699 1.63 12.09 5.19
C CYS A 699 0.87 13.41 5.27
N VAL A 700 0.16 13.74 4.20
CA VAL A 700 -0.61 14.98 4.14
C VAL A 700 -1.81 14.91 5.08
N GLN A 701 -2.46 13.75 5.09
CA GLN A 701 -3.62 13.53 5.95
C GLN A 701 -3.23 13.62 7.43
N ASP A 702 -2.05 13.12 7.78
CA ASP A 702 -1.56 13.18 9.15
C ASP A 702 -1.14 14.59 9.54
N MET A 703 -0.61 15.33 8.57
CA MET A 703 -0.27 16.73 8.77
C MET A 703 -1.53 17.50 9.12
N TYR A 704 -2.57 17.25 8.36
CA TYR A 704 -3.88 17.85 8.59
C TYR A 704 -4.42 17.50 9.97
N ASN A 705 -4.54 16.21 10.25
CA ASN A 705 -5.08 15.72 11.52
C ASN A 705 -4.32 16.22 12.75
N GLY A 706 -2.99 16.25 12.65
CA GLY A 706 -2.16 16.75 13.72
C GLY A 706 -2.42 18.23 14.01
N VAL A 707 -2.48 19.03 12.95
CA VAL A 707 -2.82 20.45 13.06
C VAL A 707 -4.23 20.63 13.60
N LYS A 708 -5.13 19.75 13.17
CA LYS A 708 -6.53 19.79 13.60
C LYS A 708 -6.66 19.68 15.12
N LYS A 709 -5.90 18.77 15.73
CA LYS A 709 -5.94 18.59 17.17
C LYS A 709 -5.09 19.62 17.91
N LEU A 710 -4.11 20.20 17.23
CA LEU A 710 -3.32 21.27 17.82
C LEU A 710 -4.11 22.56 17.94
N LEU A 711 -4.79 22.95 16.86
CA LEU A 711 -5.66 24.13 16.87
C LEU A 711 -6.92 23.85 17.70
N GLU A 712 -7.23 22.57 17.90
CA GLU A 712 -8.37 22.17 18.71
C GLU A 712 -8.20 22.69 20.13
N ILE A 713 -6.97 22.62 20.63
CA ILE A 713 -6.65 23.12 21.97
C ILE A 713 -6.67 24.66 21.99
N GLU A 714 -6.57 25.28 20.81
CA GLU A 714 -6.80 26.72 20.69
C GLU A 714 -8.30 27.01 20.72
N LYS A 715 -8.92 26.48 21.78
CA LYS A 715 -10.31 26.66 22.15
C LYS A 715 -10.42 25.84 23.43
N SER A 716 -9.34 25.88 24.22
CA SER A 716 -9.22 25.10 25.45
C SER A 716 -10.27 25.46 26.49
N ALA B 5 -51.78 -45.61 41.06
CA ALA B 5 -50.94 -46.75 40.74
C ALA B 5 -51.17 -47.91 41.72
N ASP B 6 -52.08 -48.81 41.36
CA ASP B 6 -52.41 -49.94 42.23
C ASP B 6 -52.55 -51.27 41.47
N PRO B 7 -51.41 -51.93 41.23
CA PRO B 7 -51.34 -53.22 40.51
C PRO B 7 -52.10 -54.33 41.23
N GLU B 8 -52.08 -54.30 42.56
CA GLU B 8 -52.67 -55.36 43.38
C GLU B 8 -54.19 -55.51 43.26
N THR B 9 -54.92 -54.40 43.40
CA THR B 9 -56.38 -54.42 43.30
C THR B 9 -56.84 -54.93 41.93
N ALA B 10 -56.24 -54.40 40.88
CA ALA B 10 -56.61 -54.75 39.51
C ALA B 10 -56.43 -56.23 39.21
N ALA B 11 -55.33 -56.81 39.67
CA ALA B 11 -55.04 -58.22 39.45
C ALA B 11 -56.13 -59.12 40.05
N LYS B 12 -56.65 -58.74 41.21
CA LYS B 12 -57.73 -59.50 41.85
C LYS B 12 -58.96 -59.59 40.94
N PHE B 13 -59.27 -58.49 40.26
CA PHE B 13 -60.40 -58.45 39.35
C PHE B 13 -60.07 -59.13 38.03
N LYS B 14 -58.84 -58.97 37.57
CA LYS B 14 -58.39 -59.58 36.32
C LYS B 14 -58.29 -61.10 36.45
N SER B 15 -57.88 -61.57 37.62
CA SER B 15 -57.75 -62.99 37.89
C SER B 15 -59.09 -63.71 37.75
N LYS B 16 -60.17 -63.02 38.12
CA LYS B 16 -61.50 -63.60 38.08
C LYS B 16 -62.22 -63.29 36.76
N ASN B 17 -61.56 -62.54 35.90
CA ASN B 17 -62.19 -62.01 34.69
C ASN B 17 -63.48 -61.28 35.08
N ALA B 18 -63.40 -60.50 36.15
CA ALA B 18 -64.56 -59.80 36.69
C ALA B 18 -64.59 -58.35 36.22
N PHE B 19 -65.75 -57.71 36.31
CA PHE B 19 -65.86 -56.31 35.93
C PHE B 19 -64.99 -55.45 36.85
N PRO B 20 -64.18 -54.56 36.25
CA PRO B 20 -63.26 -53.69 36.99
C PRO B 20 -63.99 -52.60 37.77
N ASP B 21 -64.50 -52.96 38.95
CA ASP B 21 -65.11 -52.01 39.88
C ASP B 21 -64.25 -50.77 40.26
N PRO B 22 -62.90 -50.90 40.24
CA PRO B 22 -62.09 -49.68 40.46
C PRO B 22 -62.42 -48.52 39.53
N LEU B 23 -63.03 -48.77 38.38
CA LEU B 23 -63.44 -47.70 37.49
C LEU B 23 -64.58 -46.87 38.11
N ASN B 24 -65.37 -47.52 38.95
CA ASN B 24 -66.45 -46.87 39.66
C ASN B 24 -65.97 -46.04 40.86
N ASP B 25 -64.70 -46.18 41.20
CA ASP B 25 -64.10 -45.43 42.30
C ASP B 25 -64.19 -43.93 42.01
N PRO B 26 -64.52 -43.14 43.04
CA PRO B 26 -64.68 -41.68 42.87
C PRO B 26 -63.37 -40.99 42.53
N LYS B 27 -62.26 -41.69 42.74
CA LYS B 27 -60.94 -41.14 42.45
C LYS B 27 -60.51 -41.43 41.01
N CYS B 28 -61.28 -42.28 40.32
CA CYS B 28 -61.01 -42.55 38.92
C CYS B 28 -61.25 -41.29 38.11
N ASN B 29 -60.28 -40.94 37.27
CA ASN B 29 -60.39 -39.80 36.36
C ASN B 29 -61.72 -39.78 35.64
N PRO B 30 -62.54 -38.76 35.93
CA PRO B 30 -63.89 -38.64 35.34
C PRO B 30 -63.83 -38.42 33.84
N LYS B 31 -62.63 -38.20 33.30
CA LYS B 31 -62.44 -38.01 31.87
C LYS B 31 -61.86 -39.27 31.22
N SER B 32 -61.67 -40.31 32.01
CA SER B 32 -61.13 -41.58 31.53
C SER B 32 -62.06 -42.22 30.49
N LEU B 33 -61.53 -42.47 29.29
CA LEU B 33 -62.33 -43.01 28.20
C LEU B 33 -62.74 -44.46 28.45
N VAL B 34 -61.88 -45.24 29.08
CA VAL B 34 -62.23 -46.62 29.40
C VAL B 34 -63.36 -46.66 30.44
N LYS B 35 -63.30 -45.77 31.43
CA LYS B 35 -64.37 -45.67 32.41
C LYS B 35 -65.66 -45.27 31.72
N LYS B 36 -65.58 -44.31 30.80
CA LYS B 36 -66.74 -43.78 30.12
C LYS B 36 -67.47 -44.82 29.26
N TYR B 37 -66.71 -45.66 28.58
CA TYR B 37 -67.30 -46.57 27.59
C TYR B 37 -67.35 -48.05 27.96
N LEU B 38 -66.59 -48.46 28.98
CA LEU B 38 -66.68 -49.84 29.45
C LEU B 38 -67.86 -50.01 30.41
N THR B 39 -69.04 -50.19 29.85
CA THR B 39 -70.23 -50.50 30.64
C THR B 39 -70.24 -52.00 30.93
N PRO B 40 -70.88 -52.40 32.03
CA PRO B 40 -71.06 -53.83 32.35
C PRO B 40 -71.62 -54.60 31.16
N LYS B 41 -72.55 -54.01 30.41
CA LYS B 41 -73.10 -54.64 29.22
C LYS B 41 -72.03 -54.90 28.15
N VAL B 42 -71.17 -53.90 27.94
CA VAL B 42 -70.07 -54.03 27.00
C VAL B 42 -69.05 -55.05 27.50
N PHE B 43 -68.69 -54.97 28.78
CA PHE B 43 -67.75 -55.90 29.38
C PHE B 43 -68.22 -57.36 29.27
N GLU B 44 -69.45 -57.61 29.71
CA GLU B 44 -70.01 -58.96 29.68
C GLU B 44 -70.10 -59.51 28.26
N SER B 45 -70.27 -58.61 27.30
CA SER B 45 -70.37 -58.99 25.89
C SER B 45 -69.00 -59.42 25.32
N LEU B 46 -67.93 -58.90 25.90
CA LEU B 46 -66.59 -59.06 25.31
C LEU B 46 -65.61 -59.89 26.16
N LYS B 47 -65.96 -60.14 27.42
CA LYS B 47 -64.99 -60.66 28.38
C LYS B 47 -64.50 -62.10 28.13
N ASN B 48 -65.24 -62.86 27.31
CA ASN B 48 -64.87 -64.24 27.03
C ASN B 48 -64.18 -64.41 25.68
N LYS B 49 -64.05 -63.29 24.95
CA LYS B 49 -63.45 -63.34 23.62
C LYS B 49 -61.94 -63.18 23.67
N LYS B 50 -61.25 -63.92 22.81
CA LYS B 50 -59.80 -63.87 22.73
C LYS B 50 -59.36 -63.81 21.27
N THR B 51 -58.31 -63.04 21.00
CA THR B 51 -57.71 -63.00 19.67
C THR B 51 -56.84 -64.23 19.47
N LYS B 52 -56.28 -64.39 18.27
CA LYS B 52 -55.48 -65.56 17.96
C LYS B 52 -54.13 -65.53 18.70
N LEU B 53 -53.75 -64.35 19.17
CA LEU B 53 -52.52 -64.20 19.95
C LEU B 53 -52.83 -64.36 21.44
N GLY B 54 -54.11 -64.58 21.75
CA GLY B 54 -54.52 -64.80 23.13
C GLY B 54 -54.89 -63.54 23.89
N ILE B 55 -54.97 -62.42 23.18
CA ILE B 55 -55.28 -61.14 23.81
C ILE B 55 -56.75 -61.09 24.25
N THR B 56 -56.98 -60.73 25.51
CA THR B 56 -58.33 -60.60 26.05
C THR B 56 -58.69 -59.13 26.22
N LEU B 57 -59.95 -58.88 26.55
CA LEU B 57 -60.41 -57.54 26.85
C LEU B 57 -59.68 -56.99 28.07
N TRP B 58 -59.46 -57.85 29.06
CA TRP B 58 -58.81 -57.45 30.29
C TRP B 58 -57.36 -57.02 30.08
N ASP B 59 -56.67 -57.69 29.16
CA ASP B 59 -55.31 -57.32 28.80
C ASP B 59 -55.28 -55.91 28.21
N CYS B 60 -56.32 -55.57 27.46
CA CYS B 60 -56.40 -54.28 26.79
C CYS B 60 -56.73 -53.13 27.74
N ILE B 61 -57.54 -53.40 28.75
CA ILE B 61 -58.00 -52.35 29.67
C ILE B 61 -57.16 -52.25 30.93
N ASN B 62 -56.25 -53.20 31.13
CA ASN B 62 -55.52 -53.31 32.40
C ASN B 62 -54.80 -52.04 32.85
N SER B 63 -54.14 -51.36 31.93
CA SER B 63 -53.43 -50.12 32.27
C SER B 63 -54.39 -49.04 32.77
N GLY B 64 -55.59 -49.00 32.18
CA GLY B 64 -56.59 -48.04 32.59
C GLY B 64 -57.19 -48.37 33.95
N VAL B 65 -57.13 -49.64 34.33
CA VAL B 65 -57.63 -50.07 35.63
C VAL B 65 -56.57 -49.89 36.73
N VAL B 66 -55.34 -50.26 36.42
CA VAL B 66 -54.21 -50.08 37.32
C VAL B 66 -53.98 -48.60 37.57
N ASN B 67 -53.97 -47.82 36.49
CA ASN B 67 -53.75 -46.39 36.57
C ASN B 67 -55.05 -45.59 36.39
N LEU B 68 -55.72 -45.31 37.51
CA LEU B 68 -57.04 -44.69 37.49
C LEU B 68 -57.05 -43.26 36.95
N ASP B 69 -55.86 -42.65 36.86
CA ASP B 69 -55.75 -41.28 36.37
C ASP B 69 -55.52 -41.21 34.86
N SER B 70 -55.71 -42.35 34.19
CA SER B 70 -55.53 -42.43 32.74
C SER B 70 -56.57 -41.58 32.00
N GLY B 71 -56.15 -40.97 30.90
CA GLY B 71 -57.07 -40.26 30.03
C GLY B 71 -57.76 -41.22 29.08
N VAL B 72 -56.98 -42.11 28.47
CA VAL B 72 -57.49 -43.12 27.55
C VAL B 72 -57.69 -44.45 28.28
N GLY B 73 -56.59 -45.09 28.64
CA GLY B 73 -56.65 -46.26 29.50
C GLY B 73 -56.75 -47.61 28.82
N VAL B 74 -56.60 -47.64 27.50
CA VAL B 74 -56.59 -48.92 26.78
C VAL B 74 -55.42 -49.01 25.81
N TYR B 75 -54.97 -50.25 25.58
CA TYR B 75 -53.96 -50.52 24.56
C TYR B 75 -54.41 -51.74 23.78
N ALA B 76 -54.20 -51.74 22.47
CA ALA B 76 -54.54 -52.91 21.67
C ALA B 76 -53.38 -53.89 21.65
N GLY B 77 -53.68 -55.17 21.81
CA GLY B 77 -52.66 -56.20 21.81
C GLY B 77 -52.26 -56.60 20.40
N ASP B 78 -53.17 -56.36 19.46
CA ASP B 78 -52.93 -56.66 18.05
C ASP B 78 -53.99 -56.01 17.16
N GLU B 79 -53.89 -56.24 15.85
CA GLU B 79 -54.86 -55.71 14.90
C GLU B 79 -56.26 -56.23 15.18
N GLU B 80 -56.33 -57.50 15.55
CA GLU B 80 -57.62 -58.15 15.79
C GLU B 80 -58.35 -57.53 16.99
N SER B 81 -57.58 -57.03 17.96
CA SER B 81 -58.15 -56.40 19.14
C SER B 81 -59.07 -55.23 18.79
N TYR B 82 -58.65 -54.43 17.81
CA TYR B 82 -59.42 -53.27 17.37
C TYR B 82 -60.78 -53.65 16.80
N THR B 83 -60.88 -54.84 16.22
CA THR B 83 -62.13 -55.32 15.65
C THR B 83 -62.90 -56.18 16.65
N LEU B 84 -62.20 -57.10 17.29
CA LEU B 84 -62.83 -58.02 18.25
C LEU B 84 -63.43 -57.26 19.42
N PHE B 85 -62.71 -56.24 19.90
CA PHE B 85 -63.20 -55.42 21.01
C PHE B 85 -63.66 -54.06 20.49
N GLY B 86 -64.11 -54.04 19.24
CA GLY B 86 -64.64 -52.86 18.59
C GLY B 86 -65.64 -52.01 19.36
N PRO B 87 -66.65 -52.64 19.98
CA PRO B 87 -67.62 -51.85 20.77
C PRO B 87 -66.99 -51.02 21.89
N LEU B 88 -65.77 -51.36 22.32
CA LEU B 88 -65.04 -50.51 23.25
C LEU B 88 -64.15 -49.52 22.49
N PHE B 89 -63.30 -50.05 21.61
CA PHE B 89 -62.33 -49.23 20.90
C PHE B 89 -62.95 -48.18 19.98
N ASP B 90 -63.99 -48.54 19.23
CA ASP B 90 -64.63 -47.61 18.31
C ASP B 90 -65.07 -46.33 19.01
N ALA B 91 -65.75 -46.48 20.15
CA ALA B 91 -66.24 -45.34 20.91
C ALA B 91 -65.09 -44.49 21.47
N ILE B 92 -64.07 -45.17 22.00
CA ILE B 92 -62.89 -44.48 22.53
C ILE B 92 -62.15 -43.71 21.43
N ILE B 93 -62.00 -44.34 20.27
CA ILE B 93 -61.35 -43.71 19.13
C ILE B 93 -62.13 -42.46 18.67
N GLU B 94 -63.43 -42.60 18.51
CA GLU B 94 -64.25 -41.49 18.02
C GLU B 94 -64.45 -40.38 19.03
N ASP B 95 -64.30 -40.69 20.32
CA ASP B 95 -64.34 -39.66 21.35
C ASP B 95 -63.03 -38.87 21.34
N TYR B 96 -61.92 -39.58 21.47
CA TYR B 96 -60.59 -38.95 21.52
C TYR B 96 -60.26 -38.20 20.24
N HIS B 97 -60.64 -38.77 19.10
CA HIS B 97 -60.34 -38.18 17.80
C HIS B 97 -61.52 -37.46 17.17
N SER B 98 -62.47 -37.06 18.02
CA SER B 98 -63.64 -36.31 17.57
C SER B 98 -63.21 -35.08 16.77
N PRO B 99 -63.91 -34.81 15.66
CA PRO B 99 -65.09 -35.53 15.19
C PRO B 99 -64.81 -36.55 14.09
N TYR B 100 -63.65 -37.23 14.11
CA TYR B 100 -63.41 -38.28 13.12
C TYR B 100 -64.37 -39.45 13.30
N LYS B 101 -64.89 -39.96 12.19
CA LYS B 101 -65.77 -41.12 12.22
C LYS B 101 -65.14 -42.27 11.42
N LEU B 102 -65.07 -43.44 12.05
CA LEU B 102 -64.50 -44.63 11.41
C LEU B 102 -65.13 -44.96 10.06
N ALA B 103 -66.43 -44.69 9.95
CA ALA B 103 -67.17 -44.97 8.71
C ALA B 103 -66.70 -44.12 7.53
N THR B 104 -66.20 -42.93 7.82
CA THR B 104 -65.71 -42.02 6.78
C THR B 104 -64.41 -42.56 6.16
N GLY B 105 -63.57 -43.16 7.00
CA GLY B 105 -62.32 -43.72 6.54
C GLY B 105 -61.17 -42.74 6.66
N HIS B 106 -59.96 -43.27 6.58
CA HIS B 106 -58.76 -42.45 6.72
C HIS B 106 -57.86 -42.60 5.49
N ASN B 107 -57.32 -41.50 5.00
CA ASN B 107 -56.42 -41.58 3.86
C ASN B 107 -54.97 -41.20 4.19
N SER B 108 -54.04 -42.03 3.73
CA SER B 108 -52.63 -41.82 4.01
C SER B 108 -51.92 -41.27 2.77
N ASP B 109 -50.87 -40.49 2.99
CA ASP B 109 -50.11 -39.89 1.90
C ASP B 109 -48.71 -39.57 2.41
N MET B 110 -47.72 -40.32 1.92
CA MET B 110 -46.33 -40.11 2.31
C MET B 110 -45.50 -39.63 1.12
N ASN B 111 -46.06 -38.72 0.34
CA ASN B 111 -45.33 -38.10 -0.77
C ASN B 111 -44.99 -36.65 -0.45
N PRO B 112 -43.69 -36.36 -0.26
CA PRO B 112 -43.20 -35.04 0.13
C PRO B 112 -43.54 -33.98 -0.93
N ALA B 113 -43.67 -34.41 -2.17
CA ALA B 113 -43.96 -33.51 -3.28
C ALA B 113 -45.34 -32.86 -3.17
N HIS B 114 -46.24 -33.51 -2.43
CA HIS B 114 -47.60 -33.01 -2.24
C HIS B 114 -47.64 -31.86 -1.24
N VAL B 115 -46.54 -31.64 -0.53
CA VAL B 115 -46.45 -30.55 0.43
C VAL B 115 -45.90 -29.29 -0.23
N LYS B 116 -46.55 -28.16 0.02
CA LYS B 116 -46.06 -26.86 -0.43
C LYS B 116 -45.43 -26.14 0.75
N ALA B 117 -44.12 -26.30 0.93
CA ALA B 117 -43.44 -25.75 2.10
C ALA B 117 -42.08 -25.10 1.79
N PRO B 118 -42.10 -23.94 1.12
CA PRO B 118 -40.85 -23.19 1.02
C PRO B 118 -40.41 -22.73 2.42
N ASP B 119 -39.11 -22.72 2.68
CA ASP B 119 -38.58 -22.40 4.02
C ASP B 119 -39.15 -21.08 4.57
N LEU B 120 -39.83 -21.16 5.70
CA LEU B 120 -40.46 -20.00 6.34
C LEU B 120 -39.46 -19.00 6.89
N ASP B 121 -38.36 -19.50 7.43
CA ASP B 121 -37.45 -18.69 8.24
C ASP B 121 -35.99 -19.13 8.11
N PRO B 122 -35.41 -18.99 6.90
CA PRO B 122 -34.02 -19.40 6.71
C PRO B 122 -33.05 -18.62 7.58
N ALA B 123 -33.40 -17.38 7.90
CA ALA B 123 -32.54 -16.53 8.72
C ALA B 123 -32.68 -16.82 10.22
N ASN B 124 -33.63 -17.70 10.57
CA ASN B 124 -33.85 -18.11 11.95
C ASN B 124 -34.15 -16.94 12.89
N ARG B 125 -35.05 -16.05 12.46
CA ARG B 125 -35.45 -14.91 13.28
C ARG B 125 -36.50 -15.33 14.30
N TYR B 126 -37.23 -16.40 14.00
CA TYR B 126 -38.35 -16.82 14.82
C TYR B 126 -38.31 -18.31 15.18
N ILE B 127 -38.13 -19.16 14.17
CA ILE B 127 -38.16 -20.61 14.37
C ILE B 127 -36.78 -21.16 14.75
N ARG B 128 -36.73 -21.99 15.78
CA ARG B 128 -35.46 -22.49 16.31
C ARG B 128 -35.16 -23.93 15.88
N SER B 129 -36.20 -24.74 15.78
CA SER B 129 -36.03 -26.14 15.45
C SER B 129 -37.32 -26.76 14.91
N THR B 130 -37.16 -27.85 14.18
CA THR B 130 -38.26 -28.55 13.56
C THR B 130 -38.14 -30.04 13.83
N ARG B 131 -39.26 -30.72 14.02
CA ARG B 131 -39.25 -32.13 14.38
C ARG B 131 -40.52 -32.82 13.90
N ILE B 132 -40.37 -33.94 13.21
CA ILE B 132 -41.52 -34.74 12.77
C ILE B 132 -41.35 -36.19 13.20
N ARG B 133 -42.37 -36.73 13.86
CA ARG B 133 -42.34 -38.08 14.43
C ARG B 133 -43.49 -38.90 13.86
N VAL B 134 -43.24 -40.16 13.53
CA VAL B 134 -44.32 -41.09 13.21
C VAL B 134 -44.16 -42.41 13.95
N ALA B 135 -45.29 -43.01 14.31
CA ALA B 135 -45.30 -44.33 14.91
C ALA B 135 -45.78 -45.36 13.88
N ARG B 136 -45.11 -46.50 13.81
CA ARG B 136 -45.48 -47.55 12.87
C ARG B 136 -45.34 -48.94 13.49
N SER B 137 -46.12 -49.88 12.98
CA SER B 137 -46.02 -51.28 13.38
C SER B 137 -45.83 -52.14 12.14
N LEU B 138 -45.05 -53.23 12.26
CA LEU B 138 -44.76 -54.08 11.10
C LEU B 138 -45.85 -55.13 10.85
N LYS B 139 -46.04 -55.49 9.58
CA LYS B 139 -47.00 -56.54 9.21
C LYS B 139 -46.56 -57.89 9.73
N GLY B 140 -47.54 -58.73 10.10
CA GLY B 140 -47.27 -60.11 10.46
C GLY B 140 -47.12 -60.36 11.95
N TYR B 141 -47.10 -59.29 12.74
CA TYR B 141 -46.89 -59.41 14.17
C TYR B 141 -48.01 -58.77 14.96
N GLY B 142 -48.06 -59.05 16.26
CA GLY B 142 -49.00 -58.36 17.13
C GLY B 142 -48.49 -56.95 17.39
N LEU B 143 -49.30 -56.16 18.10
CA LEU B 143 -48.87 -54.85 18.53
C LEU B 143 -48.04 -55.01 19.81
N ALA B 144 -47.45 -53.92 20.29
CA ALA B 144 -46.49 -53.97 21.40
C ALA B 144 -46.92 -54.77 22.66
N PRO B 145 -48.20 -54.71 23.04
CA PRO B 145 -48.56 -55.57 24.19
C PRO B 145 -48.75 -57.04 23.81
N GLY B 146 -48.96 -57.33 22.53
CA GLY B 146 -49.22 -58.70 22.10
C GLY B 146 -48.05 -59.36 21.38
N VAL B 147 -46.92 -58.67 21.31
CA VAL B 147 -45.74 -59.22 20.67
C VAL B 147 -45.08 -60.30 21.53
N THR B 148 -44.79 -61.45 20.93
CA THR B 148 -44.08 -62.51 21.63
C THR B 148 -42.60 -62.23 21.66
N LYS B 149 -41.89 -62.98 22.50
CA LYS B 149 -40.45 -62.86 22.65
C LYS B 149 -39.74 -63.00 21.31
N ALA B 150 -40.09 -64.06 20.58
CA ALA B 150 -39.49 -64.35 19.28
C ALA B 150 -39.84 -63.29 18.23
N HIS B 151 -41.06 -62.78 18.31
CA HIS B 151 -41.51 -61.75 17.37
C HIS B 151 -40.78 -60.43 17.57
N ARG B 152 -40.55 -60.05 18.82
CA ARG B 152 -39.83 -58.81 19.13
C ARG B 152 -38.41 -58.88 18.58
N LEU B 153 -37.78 -60.04 18.74
CA LEU B 153 -36.44 -60.27 18.23
C LEU B 153 -36.41 -60.29 16.71
N GLU B 154 -37.42 -60.91 16.10
CA GLU B 154 -37.52 -60.97 14.65
C GLU B 154 -37.75 -59.57 14.05
N ILE B 155 -38.52 -58.76 14.76
CA ILE B 155 -38.79 -57.38 14.35
C ILE B 155 -37.51 -56.54 14.38
N GLU B 156 -36.76 -56.67 15.46
CA GLU B 156 -35.47 -56.00 15.57
C GLU B 156 -34.54 -56.40 14.43
N LYS B 157 -34.45 -57.70 14.19
CA LYS B 157 -33.56 -58.23 13.14
C LYS B 157 -33.88 -57.65 11.77
N LYS B 158 -35.17 -57.65 11.41
CA LYS B 158 -35.58 -57.19 10.09
C LYS B 158 -35.51 -55.67 9.92
N VAL B 159 -35.74 -54.93 11.01
CA VAL B 159 -35.60 -53.47 10.99
C VAL B 159 -34.13 -53.06 10.89
N VAL B 160 -33.29 -53.65 11.74
CA VAL B 160 -31.85 -53.38 11.75
C VAL B 160 -31.25 -53.67 10.37
N GLY B 161 -31.73 -54.73 9.73
CA GLY B 161 -31.30 -55.06 8.38
C GLY B 161 -31.54 -53.95 7.38
N VAL B 162 -32.69 -53.30 7.46
CA VAL B 162 -33.03 -52.21 6.56
C VAL B 162 -32.26 -50.93 6.88
N LEU B 163 -32.22 -50.57 8.15
CA LEU B 163 -31.58 -49.33 8.59
C LEU B 163 -30.07 -49.28 8.32
N THR B 164 -29.40 -50.42 8.47
CA THR B 164 -27.96 -50.49 8.25
C THR B 164 -27.61 -50.50 6.77
N SER B 165 -28.63 -50.56 5.92
CA SER B 165 -28.44 -50.55 4.47
C SER B 165 -28.75 -49.17 3.90
N LEU B 166 -29.35 -48.31 4.70
CA LEU B 166 -29.66 -46.94 4.31
C LEU B 166 -28.39 -46.19 3.93
N THR B 167 -28.48 -45.37 2.87
CA THR B 167 -27.32 -44.63 2.38
C THR B 167 -27.58 -43.14 2.35
N GLY B 168 -26.61 -42.37 1.83
CA GLY B 168 -26.73 -40.92 1.82
C GLY B 168 -26.73 -40.36 3.22
N ASP B 169 -27.60 -39.39 3.47
CA ASP B 169 -27.67 -38.73 4.78
C ASP B 169 -28.39 -39.58 5.83
N LEU B 170 -28.92 -40.73 5.42
CA LEU B 170 -29.63 -41.62 6.34
C LEU B 170 -28.72 -42.73 6.90
N ALA B 171 -27.51 -42.82 6.37
CA ALA B 171 -26.55 -43.81 6.85
C ALA B 171 -26.18 -43.54 8.30
N GLY B 172 -26.03 -44.59 9.09
CA GLY B 172 -25.73 -44.43 10.51
C GLY B 172 -25.43 -45.70 11.27
N LYS B 173 -25.65 -45.66 12.58
CA LYS B 173 -25.29 -46.77 13.47
C LYS B 173 -26.47 -47.21 14.31
N TYR B 174 -26.56 -48.52 14.56
CA TYR B 174 -27.55 -49.07 15.48
C TYR B 174 -26.92 -49.41 16.83
N TYR B 175 -27.64 -49.11 17.90
CA TYR B 175 -27.19 -49.46 19.25
C TYR B 175 -28.27 -50.25 19.96
N PRO B 176 -28.02 -51.54 20.22
CA PRO B 176 -28.96 -52.31 21.04
C PRO B 176 -28.90 -51.88 22.51
N LEU B 177 -30.03 -51.88 23.20
CA LEU B 177 -30.05 -51.54 24.62
C LEU B 177 -29.42 -52.66 25.44
N SER B 178 -29.66 -53.90 25.00
CA SER B 178 -29.06 -55.08 25.61
C SER B 178 -27.56 -55.14 25.38
N GLY B 179 -26.79 -54.96 26.44
CA GLY B 179 -25.34 -54.99 26.34
C GLY B 179 -24.72 -53.61 26.28
N MET B 180 -25.56 -52.58 26.24
CA MET B 180 -25.09 -51.20 26.16
C MET B 180 -24.29 -50.79 27.40
N ASP B 181 -23.09 -50.26 27.17
CA ASP B 181 -22.23 -49.79 28.25
C ASP B 181 -22.53 -48.34 28.63
N GLU B 182 -22.07 -47.94 29.81
CA GLU B 182 -22.41 -46.65 30.40
C GLU B 182 -21.86 -45.45 29.61
N LYS B 183 -20.77 -45.66 28.90
CA LYS B 183 -20.21 -44.61 28.04
C LYS B 183 -21.17 -44.27 26.91
N THR B 184 -21.61 -45.30 26.19
CA THR B 184 -22.55 -45.14 25.10
C THR B 184 -23.88 -44.58 25.59
N ARG B 185 -24.36 -45.11 26.71
CA ARG B 185 -25.62 -44.68 27.30
C ARG B 185 -25.61 -43.20 27.68
N GLN B 186 -24.52 -42.76 28.29
CA GLN B 186 -24.40 -41.37 28.74
C GLN B 186 -24.44 -40.38 27.58
N GLN B 187 -23.80 -40.72 26.47
CA GLN B 187 -23.75 -39.86 25.30
C GLN B 187 -25.10 -39.81 24.58
N LEU B 188 -25.81 -40.94 24.53
CA LEU B 188 -27.15 -40.98 23.98
C LEU B 188 -28.11 -40.17 24.86
N VAL B 189 -27.88 -40.23 26.17
CA VAL B 189 -28.61 -39.40 27.13
C VAL B 189 -28.32 -37.92 26.85
N ASP B 190 -27.06 -37.61 26.63
CA ASP B 190 -26.63 -36.26 26.28
C ASP B 190 -27.34 -35.75 25.02
N ASP B 191 -27.60 -36.65 24.08
CA ASP B 191 -28.24 -36.29 22.82
C ASP B 191 -29.76 -36.32 22.90
N HIS B 192 -30.29 -36.75 24.05
CA HIS B 192 -31.71 -37.00 24.21
C HIS B 192 -32.18 -38.04 23.20
N PHE B 193 -31.37 -39.08 23.00
CA PHE B 193 -31.67 -40.13 22.05
C PHE B 193 -32.10 -41.41 22.75
N LEU B 194 -31.82 -41.50 24.05
CA LEU B 194 -32.07 -42.72 24.80
C LEU B 194 -33.49 -42.76 25.37
N PHE B 195 -34.13 -43.92 25.23
CA PHE B 195 -35.38 -44.16 25.95
C PHE B 195 -35.13 -45.20 27.04
N LYS B 196 -35.79 -45.04 28.17
CA LYS B 196 -35.64 -45.99 29.27
C LYS B 196 -36.90 -46.82 29.46
N LYS B 197 -36.91 -47.66 30.49
CA LYS B 197 -38.03 -48.54 30.77
C LYS B 197 -39.34 -47.76 30.88
N GLY B 198 -40.40 -48.29 30.28
CA GLY B 198 -41.68 -47.60 30.26
C GLY B 198 -42.23 -47.33 31.65
N ASP B 199 -42.96 -46.23 31.80
CA ASP B 199 -43.56 -45.90 33.08
C ASP B 199 -44.70 -46.84 33.46
N ARG B 200 -45.42 -46.50 34.52
CA ARG B 200 -46.49 -47.34 35.05
C ARG B 200 -47.64 -47.58 34.06
N PHE B 201 -47.75 -46.72 33.06
CA PHE B 201 -48.80 -46.88 32.05
C PHE B 201 -48.41 -47.96 31.04
N LEU B 202 -47.14 -47.91 30.59
CA LEU B 202 -46.62 -48.91 29.67
C LEU B 202 -46.40 -50.27 30.36
N GLU B 203 -45.95 -50.23 31.62
CA GLU B 203 -45.73 -51.44 32.39
C GLU B 203 -47.02 -52.23 32.56
N ALA B 204 -48.08 -51.54 32.97
CA ALA B 204 -49.38 -52.17 33.18
C ALA B 204 -49.98 -52.68 31.87
N ALA B 205 -49.49 -52.13 30.76
CA ALA B 205 -49.98 -52.50 29.43
C ALA B 205 -49.28 -53.74 28.91
N GLY B 206 -48.22 -54.16 29.61
CA GLY B 206 -47.45 -55.31 29.19
C GLY B 206 -46.39 -54.96 28.15
N ILE B 207 -46.09 -53.67 28.05
CA ILE B 207 -45.18 -53.15 27.03
C ILE B 207 -43.69 -53.29 27.44
N ASN B 208 -43.45 -53.46 28.75
CA ASN B 208 -42.09 -53.63 29.25
C ASN B 208 -41.62 -55.09 29.28
N LYS B 209 -42.38 -55.97 28.65
CA LYS B 209 -42.06 -57.40 28.67
C LYS B 209 -40.71 -57.71 28.03
N GLU B 210 -39.96 -58.59 28.68
CA GLU B 210 -38.63 -59.01 28.25
C GLU B 210 -37.62 -57.87 28.12
N TRP B 211 -37.86 -56.76 28.83
CA TRP B 211 -36.94 -55.63 28.80
C TRP B 211 -35.53 -56.06 29.21
N PRO B 212 -34.50 -55.56 28.49
CA PRO B 212 -34.53 -54.64 27.36
C PRO B 212 -34.35 -55.35 26.03
N GLU B 213 -34.55 -56.66 26.02
CA GLU B 213 -34.35 -57.47 24.82
C GLU B 213 -35.13 -56.99 23.61
N GLY B 214 -34.45 -56.84 22.48
CA GLY B 214 -35.09 -56.41 21.25
C GLY B 214 -35.17 -54.91 21.07
N ARG B 215 -34.91 -54.17 22.15
CA ARG B 215 -34.98 -52.71 22.10
C ARG B 215 -33.68 -52.11 21.61
N GLY B 216 -33.78 -51.05 20.81
CA GLY B 216 -32.59 -50.42 20.27
C GLY B 216 -32.82 -49.03 19.70
N ILE B 217 -31.71 -48.35 19.43
CA ILE B 217 -31.74 -46.99 18.91
C ILE B 217 -30.88 -46.91 17.66
N TYR B 218 -31.43 -46.28 16.61
CA TYR B 218 -30.67 -46.00 15.41
C TYR B 218 -30.67 -44.49 15.17
N HIS B 219 -29.52 -43.96 14.76
CA HIS B 219 -29.46 -42.57 14.31
C HIS B 219 -28.48 -42.43 13.17
N ASN B 220 -28.74 -41.49 12.27
CA ASN B 220 -27.79 -41.19 11.21
C ASN B 220 -26.61 -40.38 11.75
N ASN B 221 -25.54 -40.28 10.97
CA ASN B 221 -24.35 -39.57 11.41
C ASN B 221 -24.60 -38.08 11.65
N ASP B 222 -25.49 -37.49 10.86
CA ASP B 222 -25.84 -36.08 11.02
C ASP B 222 -26.68 -35.83 12.27
N LYS B 223 -27.19 -36.90 12.86
CA LYS B 223 -28.09 -36.81 14.01
C LYS B 223 -29.31 -35.94 13.69
N THR B 224 -29.85 -36.15 12.49
CA THR B 224 -31.07 -35.48 12.06
C THR B 224 -32.14 -36.53 11.79
N PHE B 225 -31.78 -37.78 12.04
CA PHE B 225 -32.70 -38.90 11.87
C PHE B 225 -32.52 -39.89 13.00
N LEU B 226 -33.62 -40.24 13.67
CA LEU B 226 -33.58 -41.09 14.86
C LEU B 226 -34.69 -42.14 14.83
N VAL B 227 -34.36 -43.38 15.17
CA VAL B 227 -35.35 -44.44 15.27
C VAL B 227 -35.32 -45.13 16.63
N TRP B 228 -36.48 -45.22 17.27
CA TRP B 228 -36.63 -46.05 18.46
C TRP B 228 -37.27 -47.36 18.07
N LEU B 229 -36.64 -48.46 18.46
CA LEU B 229 -37.08 -49.78 18.06
C LEU B 229 -37.66 -50.54 19.25
N ASN B 230 -38.93 -50.93 19.12
CA ASN B 230 -39.62 -51.70 20.15
C ASN B 230 -39.78 -50.99 21.51
N GLU B 231 -40.09 -49.70 21.46
CA GLU B 231 -40.44 -48.97 22.68
C GLU B 231 -41.95 -49.12 22.92
N GLU B 232 -42.72 -48.06 22.68
CA GLU B 232 -44.17 -48.14 22.84
C GLU B 232 -44.83 -48.80 21.63
N ASP B 233 -44.23 -48.61 20.46
CA ASP B 233 -44.63 -49.35 19.27
C ASP B 233 -43.37 -49.96 18.65
N HIS B 234 -43.54 -50.75 17.60
CA HIS B 234 -42.41 -51.36 16.92
C HIS B 234 -41.40 -50.30 16.48
N LEU B 235 -41.92 -49.21 15.91
CA LEU B 235 -41.08 -48.14 15.39
C LEU B 235 -41.57 -46.76 15.82
N ARG B 236 -40.65 -45.98 16.40
CA ARG B 236 -40.84 -44.54 16.54
C ARG B 236 -39.79 -43.89 15.65
N ILE B 237 -40.24 -43.22 14.59
CA ILE B 237 -39.31 -42.71 13.59
C ILE B 237 -39.32 -41.18 13.58
N ILE B 238 -38.17 -40.58 13.87
CA ILE B 238 -38.06 -39.14 14.03
C ILE B 238 -37.07 -38.50 13.05
N SER B 239 -37.54 -37.46 12.35
CA SER B 239 -36.66 -36.61 11.54
C SER B 239 -36.68 -35.23 12.18
N MET B 240 -35.51 -34.66 12.44
CA MET B 240 -35.45 -33.36 13.10
C MET B 240 -34.19 -32.59 12.73
N GLU B 241 -34.26 -31.27 12.87
CA GLU B 241 -33.09 -30.42 12.70
C GLU B 241 -33.35 -29.04 13.30
N LYS B 242 -32.28 -28.30 13.57
CA LYS B 242 -32.42 -26.90 13.96
C LYS B 242 -32.94 -26.12 12.75
N GLY B 243 -33.54 -24.97 13.01
CA GLY B 243 -34.07 -24.17 11.91
C GLY B 243 -35.53 -24.46 11.59
N SER B 244 -35.95 -24.09 10.39
CA SER B 244 -37.36 -24.05 10.03
C SER B 244 -37.76 -24.91 8.83
N ASP B 245 -36.78 -25.53 8.18
CA ASP B 245 -37.04 -26.25 6.93
C ASP B 245 -37.86 -27.54 7.15
N ILE B 246 -39.15 -27.38 7.41
CA ILE B 246 -40.03 -28.52 7.66
C ILE B 246 -40.20 -29.39 6.40
N GLY B 247 -40.05 -28.78 5.23
CA GLY B 247 -40.14 -29.52 3.98
C GLY B 247 -39.02 -30.54 3.85
N SER B 248 -37.82 -30.12 4.24
CA SER B 248 -36.65 -31.00 4.23
C SER B 248 -36.74 -32.09 5.28
N VAL B 249 -37.23 -31.73 6.47
CA VAL B 249 -37.41 -32.68 7.55
C VAL B 249 -38.36 -33.79 7.14
N PHE B 250 -39.46 -33.40 6.49
CA PHE B 250 -40.50 -34.33 6.06
C PHE B 250 -40.01 -35.20 4.91
N SER B 251 -39.25 -34.60 4.00
CA SER B 251 -38.68 -35.34 2.87
C SER B 251 -37.77 -36.46 3.35
N ARG B 252 -36.89 -36.13 4.30
CA ARG B 252 -35.97 -37.11 4.86
C ARG B 252 -36.73 -38.21 5.59
N LEU B 253 -37.78 -37.83 6.30
CA LEU B 253 -38.62 -38.79 7.00
C LEU B 253 -39.27 -39.78 6.02
N CYS B 254 -39.86 -39.23 4.96
CA CYS B 254 -40.55 -40.05 3.96
C CYS B 254 -39.64 -41.04 3.27
N ARG B 255 -38.42 -40.62 2.94
CA ARG B 255 -37.46 -41.51 2.30
C ARG B 255 -37.15 -42.73 3.16
N ALA B 256 -36.92 -42.48 4.45
CA ALA B 256 -36.63 -43.54 5.39
C ALA B 256 -37.85 -44.43 5.59
N VAL B 257 -38.98 -43.81 5.91
CA VAL B 257 -40.22 -44.53 6.20
C VAL B 257 -40.73 -45.36 5.01
N ASN B 258 -40.73 -44.77 3.81
CA ASN B 258 -41.18 -45.49 2.62
C ASN B 258 -40.27 -46.67 2.26
N GLU B 259 -38.96 -46.52 2.52
CA GLU B 259 -38.02 -47.60 2.27
C GLU B 259 -38.29 -48.79 3.18
N ILE B 260 -38.55 -48.51 4.45
CA ILE B 260 -38.90 -49.54 5.42
C ILE B 260 -40.24 -50.18 5.04
N ASP B 261 -41.16 -49.35 4.57
CA ASP B 261 -42.46 -49.82 4.12
C ASP B 261 -42.29 -50.75 2.92
N LYS B 262 -41.35 -50.42 2.04
CA LYS B 262 -41.10 -51.21 0.85
C LYS B 262 -40.57 -52.61 1.19
N LYS B 263 -39.69 -52.68 2.18
CA LYS B 263 -39.04 -53.93 2.54
C LYS B 263 -39.88 -54.80 3.48
N LEU B 264 -40.60 -54.15 4.40
CA LEU B 264 -41.24 -54.87 5.50
C LEU B 264 -42.77 -54.76 5.53
N GLY B 265 -43.30 -53.58 5.20
CA GLY B 265 -44.74 -53.38 5.23
C GLY B 265 -45.28 -53.00 6.60
N PHE B 266 -46.29 -52.13 6.63
CA PHE B 266 -46.86 -51.65 7.88
C PHE B 266 -48.28 -52.16 8.12
N GLN B 267 -48.68 -52.24 9.38
CA GLN B 267 -50.07 -52.55 9.73
C GLN B 267 -50.93 -51.33 9.47
N HIS B 268 -52.03 -51.52 8.75
CA HIS B 268 -52.80 -50.40 8.22
C HIS B 268 -54.19 -50.85 7.80
N THR B 269 -55.22 -50.08 8.18
CA THR B 269 -56.58 -50.34 7.73
C THR B 269 -57.17 -49.08 7.13
N LYS B 270 -58.31 -49.23 6.45
CA LYS B 270 -58.98 -48.10 5.83
C LYS B 270 -59.58 -47.16 6.88
N LYS B 271 -59.99 -47.73 8.01
CA LYS B 271 -60.70 -46.97 9.03
C LYS B 271 -59.83 -46.45 10.17
N HIS B 272 -58.72 -47.13 10.43
CA HIS B 272 -57.84 -46.72 11.53
C HIS B 272 -56.57 -46.04 11.04
N GLY B 273 -56.26 -46.19 9.75
CA GLY B 273 -54.98 -45.75 9.24
C GLY B 273 -53.91 -46.70 9.76
N TYR B 274 -52.73 -46.15 10.08
CA TYR B 274 -51.67 -46.98 10.63
C TYR B 274 -51.95 -47.39 12.08
N LEU B 275 -51.82 -48.68 12.35
CA LEU B 275 -52.16 -49.24 13.66
C LEU B 275 -51.08 -49.01 14.70
N THR B 276 -51.50 -48.57 15.89
CA THR B 276 -50.59 -48.35 17.00
C THR B 276 -51.16 -48.99 18.26
N SER B 277 -50.31 -49.20 19.26
CA SER B 277 -50.72 -49.84 20.50
C SER B 277 -51.77 -48.99 21.22
N CYS B 278 -51.51 -47.70 21.31
CA CYS B 278 -52.45 -46.75 21.90
C CYS B 278 -53.31 -46.10 20.81
N PRO B 279 -54.63 -46.06 21.03
CA PRO B 279 -55.60 -45.48 20.07
C PRO B 279 -55.33 -44.01 19.78
N SER B 280 -54.61 -43.34 20.67
CA SER B 280 -54.31 -41.91 20.50
C SER B 280 -53.36 -41.65 19.34
N ASN B 281 -52.61 -42.68 18.94
CA ASN B 281 -51.60 -42.55 17.90
C ASN B 281 -52.00 -43.15 16.55
N LEU B 282 -53.30 -43.37 16.34
CA LEU B 282 -53.79 -43.96 15.10
C LEU B 282 -53.75 -42.96 13.93
N GLY B 283 -54.07 -43.45 12.73
CA GLY B 283 -54.14 -42.62 11.54
C GLY B 283 -52.78 -42.36 10.90
N THR B 284 -52.28 -41.13 11.09
CA THR B 284 -50.96 -40.77 10.61
C THR B 284 -49.92 -41.25 11.60
N GLY B 285 -50.31 -41.32 12.87
CA GLY B 285 -49.39 -41.63 13.94
C GLY B 285 -48.31 -40.57 14.03
N MET B 286 -48.64 -39.38 13.53
CA MET B 286 -47.67 -38.32 13.33
C MET B 286 -47.81 -37.14 14.30
N ARG B 287 -46.69 -36.77 14.90
CA ARG B 287 -46.59 -35.49 15.61
C ARG B 287 -45.53 -34.64 14.90
N ALA B 288 -45.98 -33.57 14.25
CA ALA B 288 -45.07 -32.65 13.57
C ALA B 288 -45.06 -31.33 14.31
N SER B 289 -43.87 -30.88 14.75
CA SER B 289 -43.79 -29.71 15.61
C SER B 289 -42.66 -28.73 15.28
N VAL B 290 -42.77 -27.54 15.85
CA VAL B 290 -41.79 -26.48 15.66
C VAL B 290 -41.66 -25.69 16.96
N HIS B 291 -40.42 -25.38 17.34
CA HIS B 291 -40.18 -24.44 18.44
C HIS B 291 -40.05 -23.06 17.81
N VAL B 292 -40.92 -22.13 18.23
CA VAL B 292 -40.95 -20.81 17.61
C VAL B 292 -41.18 -19.71 18.64
N LYS B 293 -40.48 -18.60 18.49
CA LYS B 293 -40.59 -17.47 19.43
C LYS B 293 -41.65 -16.49 18.96
N ILE B 294 -42.79 -16.50 19.64
CA ILE B 294 -43.94 -15.68 19.26
C ILE B 294 -44.59 -14.96 20.44
N PRO B 295 -43.79 -14.19 21.22
CA PRO B 295 -44.36 -13.61 22.45
C PRO B 295 -45.45 -12.58 22.19
N HIS B 296 -45.37 -11.89 21.06
CA HIS B 296 -46.37 -10.88 20.71
C HIS B 296 -47.68 -11.52 20.22
N ALA B 297 -47.56 -12.54 19.38
CA ALA B 297 -48.73 -13.20 18.81
C ALA B 297 -49.58 -13.89 19.88
N LYS B 298 -48.94 -14.37 20.93
CA LYS B 298 -49.62 -15.06 22.02
C LYS B 298 -50.48 -14.10 22.82
N GLU B 299 -50.21 -12.81 22.67
CA GLU B 299 -51.00 -11.78 23.34
C GLU B 299 -52.06 -11.17 22.42
N HIS B 300 -52.02 -11.54 21.15
CA HIS B 300 -53.04 -11.13 20.19
C HIS B 300 -54.37 -11.79 20.56
N PRO B 301 -55.48 -11.07 20.39
CA PRO B 301 -56.79 -11.63 20.73
C PRO B 301 -57.31 -12.61 19.67
N ASP B 302 -56.58 -12.75 18.57
CA ASP B 302 -56.92 -13.71 17.53
C ASP B 302 -56.06 -14.97 17.65
N PHE B 303 -55.30 -15.06 18.73
CA PHE B 303 -54.35 -16.16 18.91
C PHE B 303 -55.00 -17.54 18.89
N GLU B 304 -56.04 -17.73 19.70
CA GLU B 304 -56.73 -19.01 19.75
C GLU B 304 -57.51 -19.29 18.48
N ASN B 305 -57.96 -18.24 17.80
CA ASN B 305 -58.67 -18.39 16.54
C ASN B 305 -57.77 -18.96 15.44
N ILE B 306 -56.50 -18.60 15.47
CA ILE B 306 -55.52 -19.10 14.51
C ILE B 306 -55.22 -20.58 14.76
N LEU B 307 -54.98 -20.94 16.02
CA LEU B 307 -54.72 -22.33 16.40
C LEU B 307 -55.89 -23.22 15.99
N THR B 308 -57.11 -22.75 16.26
CA THR B 308 -58.32 -23.48 15.91
C THR B 308 -58.48 -23.65 14.40
N LYS B 309 -58.20 -22.58 13.66
CA LYS B 309 -58.40 -22.58 12.22
C LYS B 309 -57.50 -23.55 11.48
N TYR B 310 -56.24 -23.65 11.91
CA TYR B 310 -55.26 -24.52 11.25
C TYR B 310 -55.07 -25.84 11.99
N HIS B 311 -55.90 -26.06 13.01
CA HIS B 311 -55.89 -27.31 13.78
C HIS B 311 -54.52 -27.63 14.40
N ILE B 312 -53.97 -26.66 15.12
CA ILE B 312 -52.70 -26.82 15.80
C ILE B 312 -52.84 -26.42 17.25
N GLN B 313 -51.89 -26.87 18.09
CA GLN B 313 -51.89 -26.45 19.48
C GLN B 313 -50.54 -25.88 19.90
N ALA B 314 -50.57 -25.09 20.95
CA ALA B 314 -49.36 -24.45 21.45
C ALA B 314 -49.12 -24.85 22.90
N ARG B 315 -47.88 -25.20 23.23
CA ARG B 315 -47.52 -25.42 24.62
C ARG B 315 -46.19 -24.75 24.94
N GLY B 316 -46.12 -24.11 26.10
CA GLY B 316 -44.90 -23.48 26.55
C GLY B 316 -43.79 -24.48 26.75
N ILE B 317 -42.55 -24.01 26.73
CA ILE B 317 -41.38 -24.87 26.90
C ILE B 317 -40.69 -24.65 28.24
N ASP B 328 -35.67 -18.25 26.12
CA ASP B 328 -36.78 -19.17 25.93
C ASP B 328 -38.11 -18.51 26.30
N ALA B 329 -38.05 -17.22 26.59
CA ALA B 329 -39.25 -16.44 26.89
C ALA B 329 -40.06 -16.21 25.62
N GLY B 330 -41.32 -16.62 25.65
CA GLY B 330 -42.18 -16.48 24.49
C GLY B 330 -41.88 -17.51 23.41
N VAL B 331 -41.14 -18.56 23.77
CA VAL B 331 -40.91 -19.68 22.87
C VAL B 331 -41.96 -20.77 23.11
N TYR B 332 -42.58 -21.24 22.04
CA TYR B 332 -43.64 -22.23 22.15
C TYR B 332 -43.42 -23.43 21.25
N ASP B 333 -43.88 -24.59 21.70
CA ASP B 333 -43.94 -25.78 20.87
C ASP B 333 -45.27 -25.79 20.15
N ILE B 334 -45.23 -25.62 18.83
CA ILE B 334 -46.44 -25.67 18.01
C ILE B 334 -46.52 -27.01 17.30
N SER B 335 -47.66 -27.69 17.41
CA SER B 335 -47.81 -29.01 16.79
C SER B 335 -49.23 -29.23 16.29
N ASN B 336 -49.40 -30.20 15.41
CA ASN B 336 -50.71 -30.59 14.91
C ASN B 336 -51.54 -31.25 16.01
N ARG B 337 -52.84 -30.96 16.03
CA ARG B 337 -53.73 -31.63 16.98
C ARG B 337 -54.32 -32.91 16.39
N ARG B 338 -54.31 -33.00 15.07
CA ARG B 338 -55.03 -34.09 14.38
C ARG B 338 -54.15 -35.24 13.93
N ARG B 339 -54.74 -36.44 13.92
CA ARG B 339 -54.07 -37.69 13.58
C ARG B 339 -54.91 -38.51 12.60
N LEU B 340 -56.23 -38.50 12.83
CA LEU B 340 -57.19 -39.28 12.05
C LEU B 340 -58.07 -38.42 11.16
N GLY B 341 -58.29 -38.85 9.92
CA GLY B 341 -59.16 -38.13 9.00
C GLY B 341 -58.42 -37.14 8.12
N LEU B 342 -57.10 -37.18 8.16
CA LEU B 342 -56.26 -36.34 7.31
C LEU B 342 -54.97 -37.11 7.04
N SER B 343 -54.28 -36.78 5.95
CA SER B 343 -53.05 -37.49 5.61
C SER B 343 -51.84 -36.88 6.30
N GLU B 344 -50.70 -37.57 6.21
CA GLU B 344 -49.46 -37.07 6.77
C GLU B 344 -49.07 -35.77 6.07
N VAL B 345 -49.33 -35.71 4.76
CA VAL B 345 -49.10 -34.50 3.97
C VAL B 345 -49.94 -33.33 4.48
N GLN B 346 -51.22 -33.58 4.69
CA GLN B 346 -52.13 -32.55 5.16
C GLN B 346 -51.79 -32.09 6.57
N CYS B 347 -51.31 -33.03 7.38
CA CYS B 347 -50.85 -32.72 8.73
C CYS B 347 -49.67 -31.73 8.73
N VAL B 348 -48.69 -32.00 7.88
CA VAL B 348 -47.51 -31.13 7.76
C VAL B 348 -47.89 -29.77 7.18
N GLN B 349 -48.84 -29.77 6.25
CA GLN B 349 -49.29 -28.54 5.61
C GLN B 349 -50.05 -27.67 6.61
N ASP B 350 -50.88 -28.30 7.44
CA ASP B 350 -51.61 -27.60 8.51
C ASP B 350 -50.64 -26.89 9.43
N MET B 351 -49.61 -27.63 9.84
CA MET B 351 -48.56 -27.10 10.72
C MET B 351 -47.87 -25.91 10.10
N TYR B 352 -47.47 -26.06 8.84
CA TYR B 352 -46.78 -25.02 8.09
C TYR B 352 -47.62 -23.75 7.98
N ASP B 353 -48.87 -23.90 7.56
CA ASP B 353 -49.77 -22.75 7.40
C ASP B 353 -50.06 -22.07 8.75
N GLY B 354 -50.23 -22.89 9.78
CA GLY B 354 -50.48 -22.37 11.12
C GLY B 354 -49.32 -21.56 11.68
N VAL B 355 -48.12 -22.13 11.62
CA VAL B 355 -46.91 -21.45 12.07
C VAL B 355 -46.69 -20.18 11.24
N LYS B 356 -46.95 -20.27 9.94
CA LYS B 356 -46.85 -19.13 9.04
C LYS B 356 -47.77 -17.98 9.45
N ALA B 357 -49.02 -18.34 9.77
CA ALA B 357 -50.00 -17.35 10.20
C ALA B 357 -49.57 -16.70 11.52
N LEU B 358 -49.05 -17.52 12.43
CA LEU B 358 -48.54 -17.03 13.71
C LEU B 358 -47.33 -16.12 13.54
N MET B 359 -46.46 -16.44 12.59
CA MET B 359 -45.26 -15.67 12.37
C MET B 359 -45.56 -14.28 11.80
N GLU B 360 -46.56 -14.22 10.90
CA GLU B 360 -46.98 -12.96 10.32
C GLU B 360 -47.57 -12.03 11.37
N LEU B 361 -48.29 -12.61 12.34
CA LEU B 361 -48.75 -11.86 13.49
C LEU B 361 -47.56 -11.28 14.25
N GLU B 362 -46.58 -12.13 14.54
CA GLU B 362 -45.39 -11.70 15.25
C GLU B 362 -44.63 -10.63 14.46
N LYS B 363 -44.49 -10.86 13.16
CA LYS B 363 -43.80 -9.91 12.29
C LYS B 363 -44.54 -8.57 12.21
N GLU B 364 -45.86 -8.62 12.22
CA GLU B 364 -46.65 -7.39 12.22
C GLU B 364 -46.41 -6.56 13.48
N ALA B 365 -46.31 -7.24 14.62
CA ALA B 365 -46.02 -6.56 15.88
C ALA B 365 -44.60 -5.99 15.90
N ILE B 366 -43.64 -6.74 15.38
CA ILE B 366 -42.25 -6.29 15.30
C ILE B 366 -42.12 -5.05 14.39
N ALA B 367 -42.72 -5.14 13.21
CA ALA B 367 -42.67 -4.05 12.23
C ALA B 367 -43.25 -2.75 12.80
N LYS B 368 -44.33 -2.86 13.55
CA LYS B 368 -44.96 -1.71 14.20
C LYS B 368 -43.98 -1.03 15.14
N LYS B 369 -43.37 -1.83 16.01
CA LYS B 369 -42.37 -1.34 16.97
C LYS B 369 -41.19 -0.68 16.28
N ARG B 370 -40.82 -1.20 15.11
CA ARG B 370 -39.64 -0.72 14.41
C ARG B 370 -39.96 0.39 13.42
N SER B 371 -41.21 0.83 13.41
CA SER B 371 -41.66 1.86 12.47
C SER B 371 -41.25 3.26 12.93
N VAL B 372 -41.04 3.42 14.23
CA VAL B 372 -40.67 4.72 14.78
C VAL B 372 -39.27 4.73 15.39
N PHE B 373 -38.68 5.92 15.45
CA PHE B 373 -37.39 6.13 16.10
C PHE B 373 -37.43 5.58 17.52
N PRO B 374 -36.43 4.78 17.90
CA PRO B 374 -36.42 4.14 19.22
C PRO B 374 -36.41 5.15 20.35
N GLU B 375 -37.46 5.15 21.18
CA GLU B 375 -37.62 6.10 22.28
C GLU B 375 -36.44 6.13 23.24
N VAL B 376 -35.83 4.97 23.45
CA VAL B 376 -34.72 4.85 24.39
C VAL B 376 -33.49 5.66 23.96
N LEU B 377 -33.37 5.94 22.66
CA LEU B 377 -32.22 6.69 22.14
C LEU B 377 -32.38 8.20 22.33
N LYS B 378 -33.53 8.63 22.84
CA LYS B 378 -33.75 10.02 23.19
C LYS B 378 -33.03 10.35 24.49
N ASN B 379 -32.69 9.31 25.26
CA ASN B 379 -32.01 9.44 26.55
C ASN B 379 -30.59 10.00 26.41
N PRO B 380 -30.34 11.17 27.02
CA PRO B 380 -29.04 11.84 26.93
C PRO B 380 -27.93 11.13 27.70
N GLU B 381 -28.31 10.25 28.63
CA GLU B 381 -27.32 9.49 29.39
C GLU B 381 -26.72 8.35 28.56
N VAL B 382 -27.39 7.99 27.47
CA VAL B 382 -26.89 7.00 26.53
C VAL B 382 -25.72 7.59 25.74
N LYS B 383 -24.56 6.95 25.82
CA LYS B 383 -23.33 7.52 25.27
C LYS B 383 -22.76 6.77 24.07
N SER B 384 -23.53 5.83 23.53
CA SER B 384 -23.08 5.04 22.38
C SER B 384 -22.92 5.89 21.13
N LEU B 385 -22.10 5.41 20.20
CA LEU B 385 -21.94 6.06 18.90
C LEU B 385 -23.25 5.99 18.13
N LEU B 386 -24.04 4.97 18.41
CA LEU B 386 -25.35 4.81 17.81
C LEU B 386 -26.24 6.02 18.11
N ARG B 387 -26.36 6.39 19.38
CA ARG B 387 -27.16 7.56 19.74
C ARG B 387 -26.53 8.84 19.21
N LYS B 388 -25.21 8.87 19.17
CA LYS B 388 -24.48 10.06 18.74
C LYS B 388 -24.80 10.45 17.30
N TYR B 389 -24.88 9.44 16.42
CA TYR B 389 -25.01 9.69 14.99
C TYR B 389 -26.38 9.38 14.39
N LEU B 390 -27.16 8.53 15.06
CA LEU B 390 -28.49 8.20 14.54
C LEU B 390 -29.56 9.21 14.99
N THR B 391 -29.83 10.18 14.11
CA THR B 391 -30.89 11.15 14.33
C THR B 391 -32.23 10.58 13.86
N PRO B 392 -33.34 11.15 14.33
CA PRO B 392 -34.65 10.71 13.82
C PRO B 392 -34.78 10.95 12.32
N GLU B 393 -34.18 12.04 11.84
CA GLU B 393 -34.20 12.35 10.42
C GLU B 393 -33.44 11.29 9.62
N LEU B 394 -32.28 10.89 10.13
CA LEU B 394 -31.47 9.87 9.48
C LEU B 394 -32.15 8.50 9.56
N PHE B 395 -32.76 8.21 10.70
CA PHE B 395 -33.48 6.95 10.89
C PHE B 395 -34.61 6.83 9.86
N ASP B 396 -35.36 7.91 9.70
CA ASP B 396 -36.52 7.90 8.81
C ASP B 396 -36.14 7.80 7.33
N SER B 397 -34.96 8.30 6.97
CA SER B 397 -34.51 8.24 5.58
C SER B 397 -34.02 6.84 5.20
N LEU B 398 -33.80 5.99 6.20
CA LEU B 398 -33.19 4.67 5.98
C LEU B 398 -34.03 3.49 6.48
N LYS B 399 -35.08 3.76 7.25
CA LYS B 399 -35.79 2.69 7.98
C LYS B 399 -36.60 1.73 7.09
N ASP B 400 -36.82 2.09 5.84
CA ASP B 400 -37.61 1.25 4.95
C ASP B 400 -36.74 0.51 3.95
N LYS B 401 -35.43 0.71 4.05
CA LYS B 401 -34.49 0.10 3.13
C LYS B 401 -33.96 -1.25 3.64
N LYS B 402 -33.68 -2.15 2.71
CA LYS B 402 -33.18 -3.48 3.03
C LYS B 402 -32.11 -3.90 2.03
N THR B 403 -31.10 -4.61 2.52
CA THR B 403 -30.07 -5.16 1.65
C THR B 403 -30.66 -6.30 0.83
N ALA B 404 -29.88 -6.84 -0.10
CA ALA B 404 -30.34 -7.94 -0.93
C ALA B 404 -30.61 -9.21 -0.13
N LYS B 405 -30.02 -9.30 1.05
CA LYS B 405 -30.20 -10.44 1.93
C LYS B 405 -31.27 -10.20 2.99
N GLY B 406 -31.97 -9.08 2.88
CA GLY B 406 -33.08 -8.79 3.77
C GLY B 406 -32.71 -8.11 5.09
N ILE B 407 -31.53 -7.51 5.13
CA ILE B 407 -31.07 -6.83 6.34
C ILE B 407 -31.54 -5.37 6.35
N SER B 408 -32.22 -4.97 7.42
CA SER B 408 -32.67 -3.59 7.57
C SER B 408 -31.74 -2.80 8.47
N LEU B 409 -31.98 -1.50 8.58
CA LEU B 409 -31.20 -0.65 9.47
C LEU B 409 -31.43 -1.05 10.92
N TYR B 410 -32.67 -1.42 11.24
CA TYR B 410 -33.02 -1.77 12.61
C TYR B 410 -32.33 -3.05 13.04
N ASP B 411 -32.13 -3.97 12.09
CA ASP B 411 -31.34 -5.17 12.34
C ASP B 411 -29.94 -4.76 12.80
N CYS B 412 -29.38 -3.78 12.11
CA CYS B 412 -28.01 -3.33 12.38
C CYS B 412 -27.85 -2.63 13.72
N ILE B 413 -28.86 -1.90 14.14
CA ILE B 413 -28.78 -1.11 15.37
C ILE B 413 -29.39 -1.80 16.59
N ASN B 414 -29.94 -2.99 16.38
CA ASN B 414 -30.72 -3.69 17.41
C ASN B 414 -29.98 -3.91 18.74
N SER B 415 -28.71 -4.26 18.67
CA SER B 415 -27.92 -4.49 19.88
C SER B 415 -27.74 -3.20 20.67
N GLY B 416 -27.53 -2.09 19.96
CA GLY B 416 -27.38 -0.81 20.60
C GLY B 416 -28.68 -0.33 21.23
N VAL B 417 -29.80 -0.75 20.66
CA VAL B 417 -31.11 -0.41 21.18
C VAL B 417 -31.46 -1.25 22.42
N GLU B 418 -31.16 -2.54 22.37
CA GLU B 418 -31.46 -3.43 23.48
C GLU B 418 -30.42 -3.32 24.59
N ASN B 419 -29.19 -2.98 24.22
CA ASN B 419 -28.13 -2.74 25.20
C ASN B 419 -27.67 -1.29 25.16
N LEU B 420 -28.36 -0.44 25.92
CA LEU B 420 -28.12 1.01 25.89
C LEU B 420 -26.73 1.41 26.38
N ASP B 421 -26.09 0.53 27.14
CA ASP B 421 -24.75 0.79 27.65
C ASP B 421 -23.66 0.38 26.66
N SER B 422 -24.06 0.18 25.41
CA SER B 422 -23.09 -0.12 24.35
C SER B 422 -22.18 1.07 24.09
N SER B 423 -20.98 0.81 23.61
CA SER B 423 -20.06 1.86 23.23
C SER B 423 -20.28 2.21 21.76
N CYS B 424 -20.52 1.18 20.96
CA CYS B 424 -20.82 1.35 19.54
C CYS B 424 -22.29 1.06 19.26
N GLY B 425 -22.68 -0.18 19.49
CA GLY B 425 -24.06 -0.59 19.35
C GLY B 425 -24.57 -0.78 17.94
N VAL B 426 -23.67 -1.01 17.00
CA VAL B 426 -24.05 -1.20 15.61
C VAL B 426 -23.28 -2.36 14.97
N TYR B 427 -24.01 -3.27 14.33
CA TYR B 427 -23.41 -4.41 13.65
C TYR B 427 -23.85 -4.44 12.19
N ALA B 428 -23.02 -5.00 11.32
CA ALA B 428 -23.39 -5.17 9.92
C ALA B 428 -23.76 -6.61 9.64
N GLY B 429 -24.95 -6.82 9.08
CA GLY B 429 -25.42 -8.16 8.75
C GLY B 429 -24.76 -8.69 7.50
N ASP B 430 -24.45 -7.80 6.56
CA ASP B 430 -23.72 -8.18 5.36
C ASP B 430 -22.86 -7.03 4.83
N GLU B 431 -22.09 -7.32 3.78
CA GLU B 431 -21.21 -6.34 3.16
C GLU B 431 -21.97 -5.11 2.68
N GLU B 432 -23.17 -5.34 2.15
CA GLU B 432 -23.98 -4.27 1.56
C GLU B 432 -24.42 -3.24 2.61
N CYS B 433 -24.46 -3.64 3.87
CA CYS B 433 -24.85 -2.75 4.95
C CYS B 433 -23.93 -1.53 5.04
N TYR B 434 -22.64 -1.75 4.83
CA TYR B 434 -21.66 -0.69 4.92
C TYR B 434 -21.85 0.37 3.81
N THR B 435 -22.51 -0.03 2.73
CA THR B 435 -22.81 0.88 1.63
C THR B 435 -24.22 1.44 1.73
N LEU B 436 -25.20 0.55 1.86
CA LEU B 436 -26.61 0.96 1.92
C LEU B 436 -26.90 1.84 3.14
N PHE B 437 -26.23 1.55 4.25
CA PHE B 437 -26.43 2.34 5.46
C PHE B 437 -25.18 3.15 5.79
N ALA B 438 -24.42 3.49 4.76
CA ALA B 438 -23.22 4.32 4.89
C ALA B 438 -23.38 5.64 5.68
N PRO B 439 -24.50 6.37 5.51
CA PRO B 439 -24.63 7.59 6.30
C PRO B 439 -24.52 7.36 7.81
N LEU B 440 -24.84 6.15 8.27
CA LEU B 440 -24.63 5.79 9.66
C LEU B 440 -23.26 5.14 9.87
N PHE B 441 -22.97 4.11 9.08
CA PHE B 441 -21.74 3.33 9.24
C PHE B 441 -20.47 4.15 9.02
N ASP B 442 -20.46 5.04 8.02
CA ASP B 442 -19.29 5.87 7.75
C ASP B 442 -18.88 6.68 8.98
N LYS B 443 -19.86 7.33 9.61
CA LYS B 443 -19.63 8.15 10.78
C LYS B 443 -19.08 7.34 11.96
N ILE B 444 -19.71 6.19 12.21
CA ILE B 444 -19.29 5.29 13.29
C ILE B 444 -17.87 4.78 13.09
N VAL B 445 -17.57 4.34 11.86
CA VAL B 445 -16.22 3.90 11.51
C VAL B 445 -15.18 5.01 11.70
N GLU B 446 -15.47 6.18 11.16
CA GLU B 446 -14.53 7.31 11.22
C GLU B 446 -14.44 7.92 12.62
N ASP B 447 -15.42 7.65 13.46
CA ASP B 447 -15.37 8.09 14.85
C ASP B 447 -14.52 7.10 15.64
N TYR B 448 -14.87 5.81 15.54
CA TYR B 448 -14.17 4.79 16.30
C TYR B 448 -12.73 4.61 15.87
N HIS B 449 -12.49 4.66 14.56
CA HIS B 449 -11.14 4.48 14.03
C HIS B 449 -10.48 5.82 13.71
N SER B 450 -10.92 6.87 14.39
CA SER B 450 -10.33 8.20 14.24
C SER B 450 -8.83 8.16 14.53
N PRO B 451 -8.03 8.92 13.76
CA PRO B 451 -8.43 9.87 12.72
C PRO B 451 -8.40 9.30 11.29
N TYR B 452 -8.63 8.01 11.11
CA TYR B 452 -8.70 7.45 9.76
C TYR B 452 -9.92 7.98 9.02
N LYS B 453 -9.74 8.29 7.73
CA LYS B 453 -10.84 8.69 6.88
C LYS B 453 -11.02 7.65 5.78
N LEU B 454 -12.27 7.34 5.45
CA LEU B 454 -12.57 6.33 4.43
C LEU B 454 -12.00 6.71 3.06
N ALA B 455 -11.86 8.00 2.82
CA ALA B 455 -11.26 8.50 1.58
C ALA B 455 -9.82 8.02 1.42
N ASN B 456 -9.10 7.96 2.54
CA ASN B 456 -7.71 7.50 2.55
C ASN B 456 -7.55 6.10 1.97
N LYS B 457 -8.58 5.27 2.17
CA LYS B 457 -8.53 3.85 1.82
C LYS B 457 -7.47 3.05 2.58
N HIS B 458 -7.53 1.74 2.43
CA HIS B 458 -6.73 0.83 3.26
C HIS B 458 -5.95 -0.16 2.41
N THR B 459 -4.71 -0.44 2.81
CA THR B 459 -3.86 -1.39 2.10
C THR B 459 -3.59 -2.63 2.96
N SER B 460 -3.94 -3.80 2.44
CA SER B 460 -3.65 -5.05 3.11
C SER B 460 -2.34 -5.62 2.59
N ASP B 461 -1.60 -6.31 3.46
CA ASP B 461 -0.33 -6.94 3.09
C ASP B 461 0.04 -8.04 4.08
N MET B 462 -0.07 -9.29 3.62
CA MET B 462 0.24 -10.43 4.46
C MET B 462 1.51 -11.12 3.98
N ASN B 463 2.60 -10.34 3.87
CA ASN B 463 3.89 -10.87 3.46
C ASN B 463 4.89 -10.80 4.61
N PRO B 464 5.13 -11.94 5.28
CA PRO B 464 5.96 -11.99 6.49
C PRO B 464 7.43 -11.66 6.21
N GLU B 465 7.84 -11.73 4.95
CA GLU B 465 9.23 -11.44 4.58
C GLU B 465 9.51 -9.94 4.58
N LYS B 466 8.46 -9.13 4.63
CA LYS B 466 8.58 -7.68 4.69
C LYS B 466 8.78 -7.20 6.12
N VAL B 467 8.67 -8.13 7.07
CA VAL B 467 8.89 -7.82 8.47
C VAL B 467 10.33 -8.14 8.87
N ASP B 468 11.02 -7.15 9.43
CA ASP B 468 12.39 -7.33 9.91
C ASP B 468 12.35 -7.44 11.43
N ALA B 469 12.30 -8.67 11.94
CA ALA B 469 12.14 -8.89 13.37
C ALA B 469 13.07 -9.95 13.93
N PRO B 470 14.34 -9.58 14.18
CA PRO B 470 15.26 -10.50 14.84
C PRO B 470 14.75 -10.82 16.25
N ASN B 471 14.75 -12.10 16.64
CA ASN B 471 14.22 -12.53 17.93
C ASN B 471 14.74 -11.71 19.11
N LEU B 472 13.83 -10.98 19.75
CA LEU B 472 14.18 -10.03 20.81
C LEU B 472 14.69 -10.69 22.09
N ASP B 473 13.96 -11.71 22.54
CA ASP B 473 14.20 -12.30 23.86
C ASP B 473 14.16 -13.82 23.77
N PRO B 474 15.22 -14.44 23.20
CA PRO B 474 15.26 -15.88 22.94
C PRO B 474 15.21 -16.71 24.22
N GLU B 475 15.64 -16.13 25.34
CA GLU B 475 15.67 -16.84 26.61
C GLU B 475 14.32 -16.72 27.33
N GLY B 476 13.47 -15.83 26.83
CA GLY B 476 12.18 -15.59 27.45
C GLY B 476 12.31 -14.93 28.82
N THR B 477 13.25 -14.00 28.94
CA THR B 477 13.52 -13.32 30.21
C THR B 477 12.43 -12.29 30.56
N TYR B 478 11.95 -11.58 29.54
CA TYR B 478 10.95 -10.55 29.73
C TYR B 478 9.65 -10.92 29.01
N ILE B 479 9.77 -11.33 27.76
CA ILE B 479 8.62 -11.72 26.95
C ILE B 479 8.25 -13.17 27.22
N ARG B 480 7.03 -13.39 27.71
CA ARG B 480 6.56 -14.72 28.05
C ARG B 480 5.91 -15.41 26.85
N SER B 481 5.07 -14.67 26.13
CA SER B 481 4.37 -15.23 24.99
C SER B 481 4.00 -14.19 23.94
N THR B 482 3.78 -14.66 22.72
CA THR B 482 3.48 -13.81 21.58
C THR B 482 2.27 -14.38 20.85
N ARG B 483 1.29 -13.52 20.58
CA ARG B 483 0.04 -13.96 19.97
C ARG B 483 -0.40 -12.97 18.89
N ILE B 484 -0.72 -13.48 17.70
CA ILE B 484 -1.29 -12.65 16.65
C ILE B 484 -2.62 -13.23 16.15
N ARG B 485 -3.65 -12.40 16.17
CA ARG B 485 -5.00 -12.81 15.80
CA ARG B 485 -4.98 -12.83 15.77
C ARG B 485 -5.51 -11.98 14.63
N VAL B 486 -6.16 -12.62 13.66
CA VAL B 486 -6.86 -11.89 12.61
C VAL B 486 -8.30 -12.41 12.49
N ALA B 487 -9.24 -11.52 12.27
CA ALA B 487 -10.62 -11.90 12.01
C ALA B 487 -10.87 -11.78 10.51
N ARG B 488 -11.52 -12.79 9.94
CA ARG B 488 -11.82 -12.80 8.52
C ARG B 488 -13.21 -13.35 8.29
N ASN B 489 -13.83 -12.95 7.19
CA ASN B 489 -15.11 -13.51 6.79
C ASN B 489 -15.07 -14.00 5.35
N VAL B 490 -15.88 -15.02 5.05
CA VAL B 490 -15.76 -15.73 3.78
C VAL B 490 -16.49 -15.05 2.62
N LYS B 491 -15.80 -14.97 1.49
CA LYS B 491 -16.35 -14.41 0.25
C LYS B 491 -17.60 -15.16 -0.18
N GLY B 492 -18.64 -14.41 -0.56
CA GLY B 492 -19.85 -15.00 -1.07
C GLY B 492 -20.96 -15.20 -0.06
N TYR B 493 -20.74 -14.72 1.17
CA TYR B 493 -21.70 -14.91 2.24
C TYR B 493 -22.08 -13.61 2.93
N ALA B 494 -23.09 -13.67 3.78
CA ALA B 494 -23.40 -12.57 4.68
C ALA B 494 -22.31 -12.49 5.74
N LEU B 495 -22.41 -11.52 6.63
CA LEU B 495 -21.55 -11.49 7.80
C LEU B 495 -22.24 -12.24 8.92
N THR B 496 -21.50 -12.57 9.98
CA THR B 496 -22.02 -13.37 11.09
C THR B 496 -23.44 -13.01 11.57
N PRO B 497 -23.72 -11.71 11.81
CA PRO B 497 -25.08 -11.39 12.29
C PRO B 497 -26.20 -11.72 11.30
N GLY B 498 -25.89 -11.78 10.01
CA GLY B 498 -26.93 -11.99 9.00
C GLY B 498 -26.98 -13.36 8.35
N LEU B 499 -26.19 -14.30 8.87
CA LEU B 499 -26.11 -15.63 8.31
C LEU B 499 -27.42 -16.40 8.44
N THR B 500 -27.75 -17.18 7.42
CA THR B 500 -28.84 -18.15 7.51
C THR B 500 -28.26 -19.45 8.04
N ARG B 501 -29.11 -20.42 8.36
CA ARG B 501 -28.66 -21.70 8.89
C ARG B 501 -27.73 -22.42 7.92
N ASN B 502 -28.12 -22.45 6.65
CA ASN B 502 -27.36 -23.18 5.63
C ASN B 502 -26.05 -22.49 5.24
N GLU B 503 -26.02 -21.17 5.29
CA GLU B 503 -24.80 -20.41 5.06
C GLU B 503 -23.75 -20.77 6.11
N ARG B 504 -24.17 -20.79 7.37
CA ARG B 504 -23.29 -21.07 8.49
C ARG B 504 -22.69 -22.47 8.40
N LEU B 505 -23.53 -23.44 8.03
CA LEU B 505 -23.10 -24.82 7.85
C LEU B 505 -22.18 -24.98 6.65
N ASP B 506 -22.52 -24.28 5.57
CA ASP B 506 -21.71 -24.30 4.35
C ASP B 506 -20.32 -23.74 4.63
N ILE B 507 -20.27 -22.66 5.40
CA ILE B 507 -19.01 -22.03 5.79
C ILE B 507 -18.14 -22.97 6.62
N GLU B 508 -18.76 -23.62 7.61
CA GLU B 508 -18.04 -24.59 8.44
C GLU B 508 -17.47 -25.72 7.59
N ARG B 509 -18.30 -26.25 6.71
CA ARG B 509 -17.92 -27.37 5.84
C ARG B 509 -16.74 -27.03 4.94
N LYS B 510 -16.80 -25.85 4.32
CA LYS B 510 -15.74 -25.40 3.40
C LYS B 510 -14.43 -25.11 4.13
N VAL B 511 -14.52 -24.39 5.24
CA VAL B 511 -13.35 -24.01 6.02
C VAL B 511 -12.64 -25.24 6.62
N VAL B 512 -13.42 -26.14 7.21
CA VAL B 512 -12.88 -27.40 7.74
C VAL B 512 -12.25 -28.23 6.61
N GLY B 513 -12.85 -28.15 5.42
CA GLY B 513 -12.28 -28.78 4.25
C GLY B 513 -10.90 -28.21 3.90
N VAL B 514 -10.72 -26.92 4.09
CA VAL B 514 -9.45 -26.27 3.87
C VAL B 514 -8.46 -26.62 4.98
N LEU B 515 -8.91 -26.50 6.22
CA LEU B 515 -8.07 -26.73 7.40
C LEU B 515 -7.52 -28.15 7.47
N SER B 516 -8.32 -29.14 7.08
CA SER B 516 -7.89 -30.53 7.12
C SER B 516 -6.90 -30.83 6.00
N SER B 517 -6.77 -29.91 5.05
CA SER B 517 -5.86 -30.07 3.93
C SER B 517 -4.49 -29.46 4.21
N LEU B 518 -4.38 -28.78 5.35
CA LEU B 518 -3.13 -28.12 5.74
C LEU B 518 -2.03 -29.14 6.09
N THR B 519 -0.79 -28.76 5.80
CA THR B 519 0.36 -29.64 6.03
C THR B 519 1.39 -28.99 6.93
N GLY B 520 2.52 -29.65 7.12
CA GLY B 520 3.58 -29.13 7.97
C GLY B 520 3.14 -28.91 9.40
N ASP B 521 3.58 -27.80 9.99
CA ASP B 521 3.24 -27.47 11.37
C ASP B 521 1.80 -27.00 11.54
N LEU B 522 1.08 -26.88 10.42
CA LEU B 522 -0.31 -26.43 10.45
C LEU B 522 -1.30 -27.57 10.61
N ALA B 523 -0.82 -28.80 10.38
CA ALA B 523 -1.65 -29.99 10.51
C ALA B 523 -2.24 -30.09 11.92
N GLY B 524 -3.54 -30.38 11.99
CA GLY B 524 -4.22 -30.41 13.27
C GLY B 524 -5.57 -31.11 13.24
N GLN B 525 -6.40 -30.82 14.23
CA GLN B 525 -7.66 -31.54 14.41
C GLN B 525 -8.83 -30.57 14.58
N TYR B 526 -9.99 -30.95 14.05
CA TYR B 526 -11.19 -30.12 14.21
C TYR B 526 -12.10 -30.65 15.31
N TYR B 527 -12.55 -29.74 16.18
CA TYR B 527 -13.47 -30.08 17.25
C TYR B 527 -14.74 -29.25 17.14
N PRO B 528 -15.80 -29.83 16.57
CA PRO B 528 -17.08 -29.09 16.55
C PRO B 528 -17.62 -28.93 17.95
N LEU B 529 -18.27 -27.80 18.22
CA LEU B 529 -18.91 -27.59 19.52
C LEU B 529 -20.14 -28.49 19.65
N THR B 530 -20.73 -28.84 18.51
CA THR B 530 -21.89 -29.73 18.48
C THR B 530 -21.46 -31.18 18.65
N GLY B 531 -21.88 -31.80 19.76
CA GLY B 531 -21.54 -33.18 20.05
C GLY B 531 -20.26 -33.31 20.85
N MET B 532 -19.89 -32.24 21.55
CA MET B 532 -18.66 -32.26 22.34
C MET B 532 -18.93 -32.76 23.75
N ASP B 533 -18.34 -33.90 24.08
CA ASP B 533 -18.43 -34.47 25.42
C ASP B 533 -17.56 -33.67 26.40
N GLU B 534 -17.86 -33.80 27.68
CA GLU B 534 -17.16 -33.04 28.73
C GLU B 534 -15.65 -33.29 28.81
N ALA B 535 -15.23 -34.49 28.41
CA ALA B 535 -13.80 -34.83 28.43
C ALA B 535 -13.01 -33.99 27.43
N THR B 536 -13.54 -33.88 26.22
CA THR B 536 -12.92 -33.05 25.18
C THR B 536 -12.97 -31.58 25.58
N ARG B 537 -14.11 -31.16 26.12
CA ARG B 537 -14.32 -29.79 26.58
C ARG B 537 -13.27 -29.35 27.60
N GLN B 538 -13.16 -30.13 28.68
CA GLN B 538 -12.28 -29.79 29.80
C GLN B 538 -10.83 -29.54 29.39
N LYS B 539 -10.28 -30.43 28.56
CA LYS B 539 -8.89 -30.29 28.11
C LYS B 539 -8.73 -29.13 27.12
N LEU B 540 -9.82 -28.76 26.45
CA LEU B 540 -9.83 -27.57 25.62
C LEU B 540 -9.89 -26.33 26.53
N VAL B 541 -10.68 -26.42 27.58
CA VAL B 541 -10.73 -25.38 28.62
C VAL B 541 -9.38 -25.30 29.33
N ASN B 542 -8.69 -26.42 29.44
CA ASN B 542 -7.34 -26.45 30.01
C ASN B 542 -6.33 -25.65 29.17
N ASP B 543 -6.50 -25.72 27.85
CA ASP B 543 -5.59 -25.05 26.93
C ASP B 543 -6.02 -23.63 26.59
N HIS B 544 -7.15 -23.19 27.16
CA HIS B 544 -7.78 -21.93 26.76
C HIS B 544 -8.07 -21.93 25.27
N PHE B 545 -8.61 -23.04 24.77
CA PHE B 545 -8.92 -23.19 23.35
C PHE B 545 -10.42 -23.07 23.09
N LEU B 546 -11.21 -23.13 24.15
CA LEU B 546 -12.66 -23.16 24.03
C LEU B 546 -13.30 -21.77 24.04
N PHE B 547 -14.29 -21.56 23.17
CA PHE B 547 -15.06 -20.32 23.21
C PHE B 547 -16.52 -20.54 23.62
N LYS B 548 -17.11 -19.51 24.23
CA LYS B 548 -18.46 -19.61 24.77
C LYS B 548 -19.50 -18.90 23.92
N LYS B 549 -20.76 -19.11 24.27
CA LYS B 549 -21.88 -18.41 23.65
C LYS B 549 -21.73 -16.91 23.91
N GLY B 550 -22.05 -16.10 22.91
CA GLY B 550 -21.86 -14.66 23.02
C GLY B 550 -22.67 -14.01 24.12
N ASP B 551 -22.20 -12.86 24.60
CA ASP B 551 -22.91 -12.13 25.64
C ASP B 551 -24.17 -11.45 25.08
N ARG B 552 -24.84 -10.66 25.92
CA ARG B 552 -26.09 -10.00 25.53
C ARG B 552 -25.93 -9.03 24.35
N PHE B 553 -24.71 -8.56 24.13
CA PHE B 553 -24.44 -7.65 23.02
C PHE B 553 -24.48 -8.40 21.70
N LEU B 554 -23.83 -9.57 21.67
CA LEU B 554 -23.82 -10.42 20.48
C LEU B 554 -25.17 -11.10 20.28
N GLU B 555 -25.83 -11.44 21.38
CA GLU B 555 -27.16 -12.04 21.33
C GLU B 555 -28.15 -11.13 20.62
N ALA B 556 -28.13 -9.86 20.98
CA ALA B 556 -29.05 -8.89 20.40
C ALA B 556 -28.70 -8.56 18.95
N ALA B 557 -27.49 -8.92 18.52
CA ALA B 557 -27.04 -8.65 17.16
C ALA B 557 -27.35 -9.80 16.21
N GLY B 558 -27.80 -10.92 16.77
CA GLY B 558 -28.13 -12.09 15.96
C GLY B 558 -26.97 -13.05 15.79
N VAL B 559 -25.95 -12.90 16.64
CA VAL B 559 -24.72 -13.67 16.52
C VAL B 559 -24.83 -15.09 17.10
N ASN B 560 -25.70 -15.27 18.08
CA ASN B 560 -25.84 -16.55 18.77
C ASN B 560 -26.87 -17.52 18.17
N LYS B 561 -27.35 -17.22 16.97
CA LYS B 561 -28.39 -18.02 16.33
C LYS B 561 -28.05 -19.50 16.20
N LEU B 562 -28.97 -20.35 16.63
CA LEU B 562 -28.84 -21.79 16.51
C LEU B 562 -27.60 -22.33 17.22
N TRP B 563 -27.19 -21.67 18.29
CA TRP B 563 -26.04 -22.11 19.07
C TRP B 563 -26.22 -23.56 19.53
N PRO B 564 -25.16 -24.38 19.39
CA PRO B 564 -23.83 -24.06 18.87
C PRO B 564 -23.58 -24.67 17.48
N GLU B 565 -24.64 -24.81 16.70
CA GLU B 565 -24.53 -25.43 15.38
C GLU B 565 -23.57 -24.66 14.46
N GLY B 566 -22.70 -25.38 13.76
CA GLY B 566 -21.80 -24.78 12.80
C GLY B 566 -20.59 -24.12 13.42
N ARG B 567 -20.46 -24.20 14.74
CA ARG B 567 -19.31 -23.66 15.44
C ARG B 567 -18.33 -24.77 15.80
N GLY B 568 -17.05 -24.45 15.81
CA GLY B 568 -16.03 -25.43 16.14
C GLY B 568 -14.67 -24.79 16.34
N ILE B 569 -13.70 -25.62 16.73
CA ILE B 569 -12.36 -25.17 17.01
C ILE B 569 -11.35 -26.08 16.33
N PHE B 570 -10.35 -25.49 15.69
CA PHE B 570 -9.27 -26.23 15.07
C PHE B 570 -7.95 -25.79 15.69
N HIS B 571 -7.09 -26.75 16.04
CA HIS B 571 -5.74 -26.41 16.47
C HIS B 571 -4.72 -27.42 15.96
N ASN B 572 -3.49 -26.96 15.72
CA ASN B 572 -2.43 -27.85 15.29
C ASN B 572 -1.87 -28.66 16.46
N ASN B 573 -0.99 -29.61 16.15
CA ASN B 573 -0.45 -30.49 17.17
C ASN B 573 0.45 -29.78 18.18
N ASP B 574 1.14 -28.73 17.74
CA ASP B 574 2.04 -27.98 18.59
C ASP B 574 1.29 -26.96 19.45
N LYS B 575 0.01 -26.78 19.17
CA LYS B 575 -0.83 -25.77 19.83
C LYS B 575 -0.24 -24.37 19.66
N THR B 576 0.24 -24.10 18.44
CA THR B 576 0.77 -22.79 18.07
C THR B 576 -0.15 -22.13 17.06
N PHE B 577 -1.12 -22.90 16.57
CA PHE B 577 -2.06 -22.43 15.56
C PHE B 577 -3.48 -22.82 15.94
N LEU B 578 -4.38 -21.84 15.96
CA LEU B 578 -5.75 -22.07 16.42
C LEU B 578 -6.76 -21.33 15.54
N VAL B 579 -7.87 -21.99 15.22
CA VAL B 579 -8.94 -21.36 14.44
C VAL B 579 -10.29 -21.48 15.14
N TRP B 580 -10.95 -20.36 15.37
CA TRP B 580 -12.34 -20.37 15.84
C TRP B 580 -13.26 -20.18 14.64
N ILE B 581 -14.22 -21.08 14.49
CA ILE B 581 -15.12 -21.04 13.33
C ILE B 581 -16.52 -20.58 13.74
N ASN B 582 -17.01 -19.54 13.06
CA ASN B 582 -18.35 -19.02 13.28
C ASN B 582 -18.64 -18.52 14.70
N GLU B 583 -17.65 -17.90 15.32
CA GLU B 583 -17.92 -17.17 16.55
C GLU B 583 -18.37 -15.74 16.20
N GLU B 584 -17.66 -14.72 16.68
CA GLU B 584 -18.00 -13.34 16.36
C GLU B 584 -17.77 -13.03 14.89
N ASP B 585 -16.72 -13.63 14.33
CA ASP B 585 -16.52 -13.62 12.89
C ASP B 585 -16.49 -15.06 12.41
N GLN B 586 -16.67 -15.27 11.12
CA GLN B 586 -16.70 -16.62 10.56
C GLN B 586 -15.36 -17.30 10.74
N LEU B 587 -14.29 -16.51 10.71
CA LEU B 587 -12.95 -17.05 10.92
C LEU B 587 -12.14 -16.22 11.92
N ARG B 588 -11.69 -16.89 12.98
CA ARG B 588 -10.74 -16.29 13.90
CA ARG B 588 -10.74 -16.30 13.92
C ARG B 588 -9.45 -17.10 13.87
N ILE B 589 -8.42 -16.52 13.25
CA ILE B 589 -7.17 -17.22 13.06
C ILE B 589 -6.09 -16.69 14.00
N ILE B 590 -5.54 -17.59 14.82
CA ILE B 590 -4.61 -17.21 15.86
C ILE B 590 -3.29 -17.99 15.74
N SER B 591 -2.18 -17.27 15.66
CA SER B 591 -0.86 -17.88 15.77
C SER B 591 -0.28 -17.47 17.09
N MET B 592 0.43 -18.38 17.75
CA MET B 592 0.92 -18.10 19.10
C MET B 592 2.15 -18.92 19.43
N GLU B 593 3.02 -18.34 20.26
CA GLU B 593 4.22 -19.03 20.71
C GLU B 593 4.56 -18.60 22.12
N LYS B 594 5.12 -19.53 22.89
CA LYS B 594 5.80 -19.15 24.12
C LYS B 594 7.06 -18.44 23.65
N GLY B 595 7.43 -17.36 24.32
CA GLY B 595 8.59 -16.60 23.91
C GLY B 595 8.26 -15.36 23.10
N SER B 596 9.22 -14.92 22.30
CA SER B 596 9.21 -13.59 21.72
C SER B 596 9.21 -13.51 20.20
N ASP B 597 9.33 -14.65 19.52
CA ASP B 597 9.53 -14.65 18.08
C ASP B 597 8.27 -14.24 17.29
N ILE B 598 7.96 -12.95 17.32
CA ILE B 598 6.78 -12.42 16.63
C ILE B 598 6.90 -12.57 15.11
N GLY B 599 8.13 -12.60 14.61
CA GLY B 599 8.36 -12.83 13.19
C GLY B 599 7.93 -14.23 12.79
N SER B 600 8.27 -15.20 13.63
CA SER B 600 7.88 -16.58 13.41
C SER B 600 6.37 -16.76 13.56
N VAL B 601 5.82 -16.11 14.58
CA VAL B 601 4.38 -16.13 14.81
C VAL B 601 3.62 -15.58 13.61
N PHE B 602 4.10 -14.46 13.09
CA PHE B 602 3.48 -13.82 11.93
C PHE B 602 3.65 -14.66 10.67
N GLY B 603 4.81 -15.30 10.55
CA GLY B 603 5.09 -16.14 9.41
C GLY B 603 4.13 -17.32 9.30
N ARG B 604 3.87 -17.97 10.42
CA ARG B 604 2.95 -19.11 10.45
C ARG B 604 1.52 -18.65 10.17
N LEU B 605 1.14 -17.53 10.75
CA LEU B 605 -0.18 -16.95 10.52
C LEU B 605 -0.41 -16.67 9.04
N CYS B 606 0.58 -16.04 8.40
CA CYS B 606 0.49 -15.70 6.98
C CYS B 606 0.37 -16.94 6.09
N ARG B 607 1.15 -17.97 6.42
CA ARG B 607 1.10 -19.23 5.66
C ARG B 607 -0.29 -19.83 5.68
N ALA B 608 -0.97 -19.71 6.82
CA ALA B 608 -2.30 -20.27 6.98
C ALA B 608 -3.39 -19.38 6.37
N VAL B 609 -3.33 -18.08 6.68
CA VAL B 609 -4.32 -17.13 6.18
C VAL B 609 -4.31 -17.00 4.65
N ASN B 610 -3.11 -16.96 4.07
CA ASN B 610 -2.98 -16.86 2.61
C ASN B 610 -3.49 -18.08 1.87
N GLU B 611 -3.33 -19.26 2.48
CA GLU B 611 -3.83 -20.49 1.90
C GLU B 611 -5.35 -20.55 1.92
N ILE B 612 -5.94 -20.09 3.03
CA ILE B 612 -7.39 -20.03 3.18
C ILE B 612 -7.94 -19.00 2.19
N ASP B 613 -7.23 -17.89 2.08
CA ASP B 613 -7.58 -16.82 1.14
C ASP B 613 -7.58 -17.36 -0.29
N LYS B 614 -6.53 -18.11 -0.62
CA LYS B 614 -6.37 -18.71 -1.94
C LYS B 614 -7.54 -19.63 -2.29
N GLN B 615 -7.99 -20.42 -1.32
CA GLN B 615 -9.03 -21.42 -1.57
C GLN B 615 -10.45 -20.89 -1.44
N LEU B 616 -10.66 -19.95 -0.52
CA LEU B 616 -12.02 -19.48 -0.23
C LEU B 616 -12.26 -18.00 -0.55
N GLY B 617 -11.25 -17.17 -0.32
CA GLY B 617 -11.40 -15.73 -0.53
C GLY B 617 -12.08 -15.06 0.65
N PHE B 618 -11.74 -13.80 0.88
CA PHE B 618 -12.28 -13.06 2.02
C PHE B 618 -13.12 -11.86 1.58
N GLN B 619 -14.02 -11.41 2.46
CA GLN B 619 -14.77 -10.18 2.21
C GLN B 619 -13.86 -9.00 2.49
N HIS B 620 -13.85 -8.03 1.57
CA HIS B 620 -12.84 -6.98 1.59
C HIS B 620 -13.25 -5.83 0.68
N THR B 621 -12.99 -4.60 1.12
CA THR B 621 -13.12 -3.42 0.26
C THR B 621 -11.90 -2.53 0.42
N ASP B 622 -11.73 -1.58 -0.51
CA ASP B 622 -10.61 -0.65 -0.44
C ASP B 622 -10.72 0.30 0.74
N ALA B 623 -11.94 0.67 1.09
CA ALA B 623 -12.18 1.65 2.14
C ALA B 623 -12.20 1.05 3.55
N HIS B 624 -12.68 -0.18 3.67
CA HIS B 624 -12.86 -0.81 4.98
C HIS B 624 -11.80 -1.87 5.30
N GLY B 625 -11.01 -2.24 4.30
CA GLY B 625 -10.12 -3.38 4.46
C GLY B 625 -10.95 -4.63 4.60
N TYR B 626 -10.57 -5.54 5.49
CA TYR B 626 -11.33 -6.77 5.68
C TYR B 626 -12.64 -6.54 6.43
N LEU B 627 -13.73 -7.04 5.86
CA LEU B 627 -15.06 -6.80 6.41
C LEU B 627 -15.39 -7.70 7.59
N SER B 628 -16.13 -7.14 8.55
CA SER B 628 -16.51 -7.85 9.76
C SER B 628 -17.89 -7.38 10.22
N GLY B 629 -18.60 -8.25 10.94
CA GLY B 629 -19.88 -7.88 11.51
C GLY B 629 -19.73 -6.72 12.47
N CYS B 630 -18.56 -6.65 13.10
CA CYS B 630 -18.24 -5.57 14.04
CA CYS B 630 -18.27 -5.54 14.02
C CYS B 630 -17.32 -4.55 13.38
N PRO B 631 -17.75 -3.27 13.34
CA PRO B 631 -16.96 -2.19 12.72
C PRO B 631 -15.63 -1.95 13.43
N THR B 632 -15.51 -2.41 14.67
CA THR B 632 -14.25 -2.30 15.40
C THR B 632 -13.20 -3.23 14.82
N ASN B 633 -13.64 -4.20 14.03
CA ASN B 633 -12.78 -5.26 13.51
C ASN B 633 -12.40 -5.10 12.04
N LEU B 634 -12.55 -3.90 11.49
CA LEU B 634 -12.26 -3.65 10.08
C LEU B 634 -10.75 -3.52 9.82
N GLY B 635 -10.38 -3.26 8.57
CA GLY B 635 -8.98 -3.06 8.20
C GLY B 635 -8.15 -4.34 8.20
N THR B 636 -7.18 -4.41 9.11
CA THR B 636 -6.34 -5.59 9.26
C THR B 636 -7.11 -6.69 9.98
N GLY B 637 -8.09 -6.27 10.79
CA GLY B 637 -8.81 -7.21 11.65
C GLY B 637 -7.88 -7.91 12.60
N MET B 638 -6.78 -7.23 12.93
CA MET B 638 -5.67 -7.85 13.63
C MET B 638 -5.45 -7.33 15.04
N ARG B 639 -5.29 -8.25 15.98
CA ARG B 639 -4.78 -7.91 17.30
C ARG B 639 -3.50 -8.71 17.55
N ALA B 640 -2.37 -8.01 17.55
CA ALA B 640 -1.10 -8.63 17.93
C ALA B 640 -0.86 -8.32 19.40
N SER B 641 -0.38 -9.32 20.13
CA SER B 641 -0.17 -9.14 21.56
C SER B 641 1.03 -9.93 22.06
N VAL B 642 1.86 -9.26 22.86
CA VAL B 642 2.88 -9.95 23.62
C VAL B 642 2.61 -9.73 25.10
N HIS B 643 2.77 -10.79 25.89
CA HIS B 643 2.74 -10.65 27.33
C HIS B 643 4.18 -10.50 27.78
N VAL B 644 4.50 -9.35 28.38
CA VAL B 644 5.88 -9.04 28.70
C VAL B 644 6.05 -8.55 30.14
N LYS B 645 7.11 -9.02 30.79
CA LYS B 645 7.45 -8.59 32.13
C LYS B 645 8.20 -7.27 32.07
N ILE B 646 7.48 -6.17 32.34
CA ILE B 646 8.06 -4.84 32.33
C ILE B 646 7.69 -4.04 33.59
N PRO B 647 8.14 -4.49 34.77
CA PRO B 647 7.78 -3.75 35.98
C PRO B 647 8.41 -2.35 36.02
N LYS B 648 9.64 -2.21 35.52
CA LYS B 648 10.34 -0.92 35.54
C LYS B 648 9.89 0.05 34.46
N ALA B 649 9.83 -0.41 33.21
CA ALA B 649 9.46 0.46 32.09
C ALA B 649 8.09 1.12 32.26
N SER B 650 7.14 0.38 32.84
CA SER B 650 5.77 0.88 33.00
C SER B 650 5.64 1.94 34.10
N ALA B 651 6.73 2.20 34.80
CA ALA B 651 6.76 3.23 35.84
C ALA B 651 7.46 4.49 35.34
N HIS B 652 8.30 4.32 34.31
CA HIS B 652 9.03 5.42 33.68
C HIS B 652 8.10 6.53 33.21
N PRO B 653 8.57 7.79 33.28
CA PRO B 653 7.78 8.96 32.87
C PRO B 653 7.33 8.93 31.41
N ASP B 654 8.11 8.29 30.53
CA ASP B 654 7.85 8.30 29.10
C ASP B 654 7.12 7.05 28.60
N PHE B 655 6.59 6.25 29.52
CA PHE B 655 5.89 5.02 29.14
C PHE B 655 4.71 5.33 28.24
N GLN B 656 3.86 6.25 28.69
CA GLN B 656 2.70 6.68 27.91
C GLN B 656 3.13 7.34 26.61
N LYS B 657 4.28 8.03 26.65
CA LYS B 657 4.84 8.67 25.46
C LYS B 657 5.20 7.62 24.40
N ILE B 658 6.02 6.66 24.81
CA ILE B 658 6.50 5.60 23.91
C ILE B 658 5.35 4.75 23.37
N CYS B 659 4.44 4.35 24.25
CA CYS B 659 3.26 3.57 23.84
C CYS B 659 2.46 4.31 22.77
N ASP B 660 2.38 5.63 22.89
CA ASP B 660 1.61 6.44 21.94
C ASP B 660 2.36 6.69 20.63
N GLU B 661 3.69 6.72 20.67
CA GLU B 661 4.47 6.88 19.45
C GLU B 661 4.27 5.70 18.51
N PHE B 662 4.18 4.50 19.08
CA PHE B 662 4.03 3.28 18.30
C PHE B 662 2.60 2.81 18.24
N HIS B 663 1.69 3.56 18.86
CA HIS B 663 0.26 3.26 18.86
C HIS B 663 -0.02 1.88 19.45
N ILE B 664 0.61 1.61 20.59
CA ILE B 664 0.39 0.38 21.32
C ILE B 664 -0.25 0.70 22.67
N GLN B 665 -0.94 -0.28 23.26
CA GLN B 665 -1.56 -0.09 24.55
C GLN B 665 -1.14 -1.20 25.51
N ALA B 666 -0.96 -0.84 26.78
CA ALA B 666 -0.52 -1.79 27.78
C ALA B 666 -1.62 -2.05 28.82
N ARG B 667 -2.11 -3.29 28.86
CA ARG B 667 -3.10 -3.68 29.86
C ARG B 667 -2.51 -4.76 30.75
N GLY B 668 -3.24 -5.15 31.80
CA GLY B 668 -2.66 -6.04 32.80
C GLY B 668 -3.48 -7.23 33.25
N ILE B 669 -4.32 -7.75 32.36
CA ILE B 669 -5.12 -8.94 32.65
C ILE B 669 -6.00 -8.77 33.90
N GLU B 679 -3.06 -13.23 37.44
CA GLU B 679 -1.98 -12.39 36.95
C GLU B 679 -0.62 -12.84 37.46
N ASP B 680 0.43 -12.22 36.91
CA ASP B 680 1.76 -12.27 37.48
C ASP B 680 2.27 -10.84 37.52
N ALA B 681 3.01 -10.49 38.56
CA ALA B 681 3.43 -9.11 38.80
C ALA B 681 4.20 -8.48 37.65
N GLY B 682 3.88 -7.23 37.35
CA GLY B 682 4.58 -6.47 36.31
C GLY B 682 4.48 -7.06 34.91
N VAL B 683 3.52 -7.96 34.70
CA VAL B 683 3.36 -8.58 33.39
C VAL B 683 2.21 -7.92 32.61
N PHE B 684 2.55 -7.27 31.51
CA PHE B 684 1.56 -6.52 30.73
C PHE B 684 1.24 -7.16 29.38
N ASP B 685 -0.02 -7.03 28.96
CA ASP B 685 -0.39 -7.36 27.60
C ASP B 685 -0.18 -6.11 26.76
N ILE B 686 0.81 -6.15 25.87
CA ILE B 686 1.06 -5.05 24.96
C ILE B 686 0.37 -5.36 23.63
N SER B 687 -0.60 -4.52 23.26
CA SER B 687 -1.34 -4.74 22.02
C SER B 687 -1.41 -3.49 21.15
N ASN B 688 -1.69 -3.70 19.87
CA ASN B 688 -1.80 -2.61 18.91
C ASN B 688 -3.13 -1.88 19.03
N ARG B 689 -3.12 -0.57 18.83
CA ARG B 689 -4.35 0.21 18.82
C ARG B 689 -4.97 0.24 17.43
N ARG B 690 -4.12 0.23 16.41
CA ARG B 690 -4.53 0.54 15.04
C ARG B 690 -5.02 -0.66 14.24
N ARG B 691 -5.98 -0.41 13.34
CA ARG B 691 -6.50 -1.43 12.44
C ARG B 691 -6.72 -0.92 11.02
N LEU B 692 -7.10 0.34 10.89
CA LEU B 692 -7.38 0.93 9.59
C LEU B 692 -6.32 1.96 9.16
N GLY B 693 -5.90 1.88 7.90
CA GLY B 693 -4.95 2.85 7.36
C GLY B 693 -3.51 2.40 7.45
N LEU B 694 -3.29 1.16 7.86
CA LEU B 694 -1.95 0.57 7.90
C LEU B 694 -2.07 -0.91 7.53
N SER B 695 -0.99 -1.49 7.04
CA SER B 695 -1.03 -2.91 6.67
C SER B 695 -0.70 -3.82 7.85
N GLU B 696 -0.97 -5.10 7.70
CA GLU B 696 -0.63 -6.09 8.72
C GLU B 696 0.88 -6.08 8.97
N VAL B 697 1.65 -5.97 7.90
CA VAL B 697 3.11 -5.86 7.98
C VAL B 697 3.50 -4.67 8.84
N GLN B 698 2.92 -3.52 8.52
CA GLN B 698 3.21 -2.28 9.24
C GLN B 698 2.84 -2.35 10.71
N CYS B 699 1.76 -3.09 11.01
CA CYS B 699 1.29 -3.23 12.38
C CYS B 699 2.20 -4.15 13.21
N VAL B 700 2.65 -5.23 12.59
CA VAL B 700 3.54 -6.18 13.26
C VAL B 700 4.92 -5.57 13.48
N GLN B 701 5.41 -4.85 12.47
CA GLN B 701 6.70 -4.18 12.58
C GLN B 701 6.69 -3.12 13.69
N ASP B 702 5.61 -2.35 13.74
CA ASP B 702 5.43 -1.34 14.78
C ASP B 702 5.35 -1.96 16.17
N MET B 703 4.67 -3.10 16.27
CA MET B 703 4.56 -3.83 17.52
C MET B 703 5.95 -4.29 17.97
N TYR B 704 6.74 -4.74 17.00
CA TYR B 704 8.10 -5.21 17.28
C TYR B 704 8.98 -4.06 17.72
N ASN B 705 8.95 -2.97 16.96
CA ASN B 705 9.76 -1.79 17.28
C ASN B 705 9.40 -1.19 18.65
N GLY B 706 8.11 -1.22 18.98
CA GLY B 706 7.63 -0.69 20.25
C GLY B 706 8.09 -1.49 21.46
N VAL B 707 7.82 -2.80 21.43
CA VAL B 707 8.23 -3.70 22.49
C VAL B 707 9.75 -3.64 22.68
N LYS B 708 10.46 -3.57 21.57
CA LYS B 708 11.92 -3.45 21.59
C LYS B 708 12.38 -2.26 22.43
N LYS B 709 11.81 -1.10 22.18
CA LYS B 709 12.20 0.11 22.90
C LYS B 709 11.67 0.15 24.34
N LEU B 710 10.58 -0.57 24.58
CA LEU B 710 10.14 -0.82 25.95
C LEU B 710 11.19 -1.67 26.65
N LEU B 711 11.70 -2.69 25.96
CA LEU B 711 12.73 -3.58 26.49
C LEU B 711 14.06 -2.84 26.72
N GLU B 712 14.40 -1.93 25.82
CA GLU B 712 15.60 -1.11 25.96
C GLU B 712 15.55 -0.33 27.28
N ILE B 713 14.39 0.25 27.57
CA ILE B 713 14.18 0.99 28.81
C ILE B 713 14.32 0.12 30.06
N GLU B 714 13.65 -1.02 30.05
CA GLU B 714 13.65 -1.94 31.19
C GLU B 714 15.06 -2.42 31.55
N LYS B 715 15.94 -2.49 30.55
CA LYS B 715 17.28 -3.04 30.74
C LYS B 715 18.34 -1.97 31.00
N SER B 716 17.89 -0.77 31.39
CA SER B 716 18.82 0.34 31.65
C SER B 716 18.34 1.25 32.76
#